data_7F9Z
#
_entry.id   7F9Z
#
_cell.length_a   1.00
_cell.length_b   1.00
_cell.length_c   1.00
_cell.angle_alpha   90.00
_cell.angle_beta   90.00
_cell.angle_gamma   90.00
#
_symmetry.space_group_name_H-M   'P 1'
#
loop_
_entity.id
_entity.type
_entity.pdbx_description
1 polymer 'Engineered G-alpha-q'
2 polymer 'Guanine nucleotide-binding protein G(I)/G(S)/G(T) subunit beta-1'
3 polymer 3-PYRIDIN-4-YL-2,4-DIHYDRO-INDENO[1,2-.C.]PYRAZOLE
4 polymer scFv16
5 polymer 'Guanine nucleotide-binding protein G(I)/G(S)/G(O) subunit gamma-2'
6 polymer Nb35
7 polymer 'human ghrelin receptor'
#
loop_
_entity_poly.entity_id
_entity_poly.type
_entity_poly.pdbx_seq_one_letter_code
_entity_poly.pdbx_strand_id
1 'polypeptide(L)'
;MMGCTLSAEDKAAVERSKMIEKQLQKDKQVYRRTLRLLLLGADNSGKSTIVKQMRIYHVNGYSEEECKQYKAVVYSNTIQ
SIIAIIRAMGRLKIDFGDSARADDARQLFVLAGAAEEGFMTAELAGVIKRLWKDSGVQACFNRSREYQLNDSAAYYLNDL
DRIAQPNYIPTQQDVLRTRVKTSGIFETKFQVDKVNFHMFDVGAQRDERRKWIQCFNDVTAIIFVVDSSDYNRLQEALND
FKSIWNNRWLRTISVILFLNKQDLLAEKVLAGKSKIEDYFPEFARYTTPEDATPEPGEDPRVTRAKYFIRKEFVDISTAS
GDGRHICYPHFTCSVDTENARRIFNDCKDIILQMNLREYNLV
;
A
2 'polypeptide(L)'
;MGSLLQSELDQLRQEAEQLKNQIRDARKACADATLSQITNNIDPVGRIQMRTRRTLRGHLAKIYAMHWGTDSRLLVSASQ
DGKLIIWDSYTTNKVHAIPLRSSWVMTCAYAPSGNYVACGGLDNICSIYNLKTREGNVRVSRELAGHTGYLSCCRFLDDN
QIVTSSGDTTCALWDIETGQQTTTFTGHTGDVMSLSLAPDTRLFVSGACDASAKLWDVREGMCRQTFTGHESDINAICFF
PNGNAFATGSDDATCRLFDLRADQELMTYSHDNIICGITSVSFSKSGRLLLAGYDDFNCNVWDALKADRAGVLAGHDNRV
SCLGVTDDGMAVATGSWDSFLKIWNGSSGGGGSGGGGSSGVSGWRLFKKIS
;
B
3 'polypeptide(D)' (DHI)(DTR)(DAL)(DTR)(DPN)(DLY)(NH2) C
4 'polypeptide(L)'
;MLLVNQSHQGFNKEHTSKMVSAIVLYVLLAAAAHSAFAVQLVESGGGLVQPGGSRKLSCSASGFAFSSFGMHWVRQAPEK
GLEWVAYISSGSGTIYYADTVKGRFTISRDDPKNTLFLQMTSLRSEDTAMYYCVRSIYYYGSSPFDFWGQGTTLTVSAGG
GGSGGGGSGGGGSSDIVMTQATSSVPVTPGESVSISCRSSKSLLHSNGNTYLYWFLQRPGQSPQLLIYRMSNLASGVPDR
FSGSGSGTAFTLTISRLEAEDVGVYYCMQHLEYPLTFGAGTKLELLEENLYFQGASHHHHHHHH
;
E
5 'polypeptide(L)' MASNNTASIAQARKLVEQLKMEANIDRIKVSKAAADLMAYCEAHAKEDPLLTPVPASENPFREKKFFCAIL G
6 'polypeptide(L)'
;MAQVQLQESGGGLVQPGGSLRLSCAASGFTFSNYKMNWVRQAPGKGLEWVSDISQSGASISYTGSVKGRFTISRDNAKNT
LYLQMNSLKPEDTAVYYCARCPAPFTRDCFDVTSTTYAYRGQGTQVTVSSHHHHHHEPEA
;
N
7 'polypeptide(L)'
;MKTIIALSYIFCLVFAHHHHHHHHHHADLEDNWETLNDNLKVIEKADNAAQVKDALTKMRAAALDAQKATPPKLEDKSPD
SPEMKDFRHGFDILVGQIDDALKLANEGKVKEAQAAAEQLKTTRNAYIQKYLMWNATPSEEPGFNLTLADLDWDASPGND
SLGDELLQLFPAPLLAGVTATCVALFVVGIAGNLLTMLVVSRFRELRTTTNLYLSSMAFSDLLIFLCMPLDLVRLWQYRP
WNFGDLLCKLFQFVSESCTYATVLTITALSVERYFAICFPLRAKVVVTKGRVKLVIFVIWAVAFCSAGPIFVLVGVEHEN
GTDPWDTNECRPTEFAVRSGLLTVMVWVSSIFFFLPVFCLTVLYSLIGRKLWRRRRGDAVVGASLRDQNHKQTVKMLAVV
VFAFILCWLPFHVGRYLFSKSFEPGSLEIAQISQYCNLVSFVLFYLSAAINPILYNIMSKKYRVAVFRLLGFEPFSQRKL
STLKDESSRAWTESSINTGSAGSVFTLEDFVGDWEQTAAYNLDQVLEQGGVSSLLQNLAVSVTPIQRIVRSGENALKIDI
HVIIPYEGLSADQMAQIEEVFKVVYPVDDHHFKVILPYGTLVIDGVTPNMLNYFGRPYEGIAVFDGKKITVTGTLWNGNK
IIDERLITPDGSMLFRVTINS
;
R
#
# COMPACT_ATOMS: atom_id res chain seq x y z
N GLU A 9 -11.11 -18.86 -20.95
CA GLU A 9 -10.97 -17.64 -21.72
C GLU A 9 -10.54 -16.48 -20.83
N ASP A 10 -9.73 -15.57 -21.41
CA ASP A 10 -9.25 -14.42 -20.65
C ASP A 10 -10.38 -13.48 -20.26
N LYS A 11 -11.49 -13.50 -21.01
CA LYS A 11 -12.62 -12.64 -20.67
C LYS A 11 -13.22 -13.02 -19.33
N ALA A 12 -13.31 -14.31 -19.03
CA ALA A 12 -13.79 -14.74 -17.73
C ALA A 12 -12.83 -14.32 -16.62
N ALA A 13 -11.52 -14.36 -16.91
CA ALA A 13 -10.55 -13.87 -15.94
C ALA A 13 -10.72 -12.38 -15.67
N VAL A 14 -11.01 -11.60 -16.73
CA VAL A 14 -11.26 -10.18 -16.55
C VAL A 14 -12.53 -9.95 -15.75
N GLU A 15 -13.56 -10.77 -15.98
CA GLU A 15 -14.79 -10.65 -15.20
C GLU A 15 -14.53 -10.97 -13.73
N ARG A 16 -13.73 -11.99 -13.44
CA ARG A 16 -13.35 -12.30 -12.06
C ARG A 16 -12.57 -11.16 -11.44
N SER A 17 -11.67 -10.55 -12.21
CA SER A 17 -10.92 -9.40 -11.71
C SER A 17 -11.85 -8.23 -11.41
N LYS A 18 -12.87 -8.03 -12.24
CA LYS A 18 -13.84 -6.97 -11.99
C LYS A 18 -14.66 -7.25 -10.73
N MET A 19 -15.02 -8.52 -10.50
CA MET A 19 -15.71 -8.88 -9.27
C MET A 19 -14.83 -8.61 -8.06
N ILE A 20 -13.53 -8.92 -8.19
CA ILE A 20 -12.59 -8.62 -7.11
C ILE A 20 -12.47 -7.11 -6.90
N GLU A 21 -12.50 -6.35 -7.99
CA GLU A 21 -12.55 -4.89 -7.88
C GLU A 21 -13.76 -4.43 -7.08
N LYS A 22 -14.92 -5.01 -7.37
CA LYS A 22 -16.14 -4.64 -6.67
C LYS A 22 -16.04 -4.96 -5.19
N GLN A 23 -15.54 -6.15 -4.86
CA GLN A 23 -15.38 -6.52 -3.45
C GLN A 23 -14.37 -5.60 -2.75
N LEU A 24 -13.27 -5.28 -3.43
CA LEU A 24 -12.26 -4.41 -2.84
C LEU A 24 -12.80 -3.01 -2.60
N GLN A 25 -13.60 -2.48 -3.52
CA GLN A 25 -14.24 -1.20 -3.27
C GLN A 25 -15.23 -1.28 -2.12
N LYS A 26 -16.00 -2.38 -2.06
CA LYS A 26 -17.03 -2.52 -1.03
C LYS A 26 -16.41 -2.54 0.36
N ASP A 27 -15.32 -3.27 0.54
CA ASP A 27 -14.70 -3.29 1.86
C ASP A 27 -13.67 -2.15 2.04
N LYS A 28 -13.28 -1.48 0.96
CA LYS A 28 -12.47 -0.28 1.08
C LYS A 28 -13.29 0.88 1.62
N GLN A 29 -14.58 0.91 1.31
CA GLN A 29 -15.46 1.88 1.96
C GLN A 29 -15.41 1.71 3.47
N VAL A 30 -15.48 0.47 3.95
CA VAL A 30 -15.40 0.20 5.39
C VAL A 30 -14.02 0.57 5.92
N TYR A 31 -12.97 0.21 5.18
CA TYR A 31 -11.60 0.49 5.64
C TYR A 31 -11.36 1.99 5.76
N ARG A 32 -11.91 2.78 4.84
CA ARG A 32 -11.74 4.23 4.90
C ARG A 32 -12.60 4.83 6.01
N ARG A 33 -13.83 4.34 6.17
CA ARG A 33 -14.71 4.94 7.18
C ARG A 33 -14.27 4.59 8.59
N THR A 34 -13.62 3.43 8.77
CA THR A 34 -13.14 3.07 10.09
C THR A 34 -11.86 3.82 10.41
N LEU A 35 -11.52 3.88 11.70
CA LEU A 35 -10.33 4.57 12.18
C LEU A 35 -9.46 3.61 12.98
N ARG A 36 -8.15 3.70 12.76
CA ARG A 36 -7.19 2.83 13.41
C ARG A 36 -6.42 3.60 14.48
N LEU A 37 -6.23 2.96 15.64
CA LEU A 37 -5.53 3.57 16.75
C LEU A 37 -4.44 2.61 17.24
N LEU A 38 -3.32 3.19 17.64
CA LEU A 38 -2.20 2.42 18.17
C LEU A 38 -2.03 2.74 19.65
N LEU A 39 -2.00 1.70 20.49
CA LEU A 39 -1.85 1.84 21.93
C LEU A 39 -0.41 1.55 22.31
N LEU A 40 0.23 2.49 22.99
CA LEU A 40 1.62 2.36 23.40
C LEU A 40 1.78 2.86 24.83
N GLY A 41 2.81 2.35 25.50
CA GLY A 41 3.07 2.74 26.87
C GLY A 41 4.22 1.97 27.50
N ALA A 42 4.08 1.58 28.75
CA ALA A 42 5.09 0.83 29.47
C ALA A 42 4.41 -0.23 30.33
N ASP A 43 5.22 -1.02 31.03
CA ASP A 43 4.69 -2.06 31.90
C ASP A 43 3.86 -1.46 33.04
N ASN A 44 4.36 -0.38 33.63
CA ASN A 44 3.63 0.28 34.71
C ASN A 44 2.45 1.11 34.22
N SER A 45 2.40 1.41 32.92
CA SER A 45 1.29 2.18 32.38
C SER A 45 0.00 1.37 32.45
N GLY A 46 -1.12 2.09 32.56
CA GLY A 46 -2.42 1.45 32.69
C GLY A 46 -3.09 1.17 31.37
N LYS A 47 -2.33 0.68 30.38
CA LYS A 47 -2.93 0.35 29.08
C LYS A 47 -3.88 -0.83 29.19
N SER A 48 -3.60 -1.77 30.12
CA SER A 48 -4.50 -2.91 30.30
C SER A 48 -5.85 -2.51 30.85
N THR A 49 -5.90 -1.46 31.67
CA THR A 49 -7.16 -0.97 32.22
C THR A 49 -7.92 -0.12 31.20
N ILE A 50 -7.19 0.62 30.36
CA ILE A 50 -7.84 1.46 29.34
C ILE A 50 -8.61 0.60 28.36
N VAL A 51 -8.04 -0.54 27.96
CA VAL A 51 -8.74 -1.45 27.05
C VAL A 51 -10.03 -1.94 27.69
N LYS A 52 -9.98 -2.30 28.97
CA LYS A 52 -11.17 -2.76 29.67
C LYS A 52 -12.21 -1.65 29.84
N GLN A 53 -11.82 -0.39 29.66
CA GLN A 53 -12.74 0.74 29.78
C GLN A 53 -13.54 0.97 28.50
N MET A 54 -13.26 0.25 27.43
CA MET A 54 -13.93 0.43 26.16
C MET A 54 -14.93 -0.69 25.94
N ARG A 55 -16.18 -0.32 25.64
CA ARG A 55 -17.26 -1.28 25.47
C ARG A 55 -18.13 -0.85 24.30
N ILE A 56 -18.61 -1.84 23.54
CA ILE A 56 -19.46 -1.56 22.39
C ILE A 56 -20.87 -1.23 22.85
N THR A 182 0.09 -15.48 23.28
CA THR A 182 1.01 -15.83 22.21
C THR A 182 0.94 -14.81 21.07
N SER A 183 -0.28 -14.36 20.78
CA SER A 183 -0.47 -13.36 19.73
C SER A 183 0.24 -12.06 20.09
N GLY A 184 1.01 -11.52 19.15
CA GLY A 184 1.80 -10.33 19.41
C GLY A 184 1.02 -9.04 19.41
N ILE A 185 -0.14 -9.01 18.77
CA ILE A 185 -0.94 -7.80 18.66
C ILE A 185 -2.37 -8.11 19.08
N PHE A 186 -2.96 -7.24 19.89
CA PHE A 186 -4.33 -7.38 20.37
C PHE A 186 -5.20 -6.32 19.73
N GLU A 187 -6.33 -6.74 19.16
CA GLU A 187 -7.24 -5.85 18.46
C GLU A 187 -8.50 -5.67 19.28
N THR A 188 -8.90 -4.43 19.50
CA THR A 188 -10.07 -4.09 20.31
C THR A 188 -11.07 -3.32 19.48
N LYS A 189 -12.33 -3.71 19.57
CA LYS A 189 -13.42 -3.09 18.81
C LYS A 189 -14.28 -2.25 19.75
N PHE A 190 -14.50 -0.99 19.37
CA PHE A 190 -15.47 -0.15 20.08
C PHE A 190 -15.91 0.99 19.17
N GLN A 191 -17.20 1.31 19.20
CA GLN A 191 -17.76 2.37 18.37
C GLN A 191 -18.50 3.37 19.23
N VAL A 192 -18.31 4.65 18.93
CA VAL A 192 -19.03 5.74 19.58
C VAL A 192 -19.55 6.70 18.51
N ASP A 193 -20.83 7.05 18.61
CA ASP A 193 -21.48 7.99 17.67
C ASP A 193 -21.33 7.52 16.22
N LYS A 194 -21.71 6.27 15.98
CA LYS A 194 -21.87 5.64 14.67
C LYS A 194 -20.54 5.34 13.97
N VAL A 195 -19.40 5.75 14.53
CA VAL A 195 -18.10 5.49 13.93
C VAL A 195 -17.36 4.49 14.81
N ASN A 196 -16.74 3.50 14.19
CA ASN A 196 -16.02 2.44 14.89
C ASN A 196 -14.51 2.71 14.89
N PHE A 197 -13.85 2.21 15.93
CA PHE A 197 -12.43 2.44 16.16
C PHE A 197 -11.70 1.11 16.33
N HIS A 198 -10.47 1.05 15.84
CA HIS A 198 -9.61 -0.13 16.00
C HIS A 198 -8.40 0.28 16.82
N MET A 199 -8.27 -0.29 18.03
CA MET A 199 -7.07 -0.11 18.85
C MET A 199 -6.22 -1.36 18.75
N PHE A 200 -4.93 -1.18 18.53
CA PHE A 200 -3.98 -2.27 18.45
C PHE A 200 -2.99 -2.19 19.60
N ASP A 201 -2.92 -3.24 20.40
CA ASP A 201 -2.01 -3.33 21.54
C ASP A 201 -0.95 -4.37 21.23
N VAL A 202 0.32 -3.96 21.34
CA VAL A 202 1.43 -4.80 20.89
C VAL A 202 2.23 -5.13 22.14
N GLY A 203 1.53 -5.29 23.27
CA GLY A 203 2.20 -5.58 24.52
C GLY A 203 2.95 -6.90 24.50
N ALA A 204 2.38 -7.92 23.87
CA ALA A 204 3.01 -9.24 23.79
C ALA A 204 4.03 -9.30 22.66
N GLN A 205 5.00 -8.39 22.70
CA GLN A 205 6.03 -8.29 21.67
C GLN A 205 7.36 -7.94 22.32
N ARG A 206 8.43 -8.19 21.59
CA ARG A 206 9.76 -7.83 22.07
C ARG A 206 9.87 -6.33 22.23
N ASP A 207 10.56 -5.90 23.28
CA ASP A 207 10.70 -4.47 23.58
C ASP A 207 11.52 -3.73 22.53
N GLU A 208 12.26 -4.45 21.69
CA GLU A 208 13.01 -3.84 20.59
C GLU A 208 12.01 -3.46 19.50
N ARG A 209 11.41 -2.28 19.68
CA ARG A 209 10.25 -1.86 18.90
C ARG A 209 10.61 -0.91 17.76
N ARG A 210 11.89 -0.75 17.44
CA ARG A 210 12.27 0.20 16.41
C ARG A 210 11.90 -0.25 14.99
N LYS A 211 11.49 -1.51 14.81
CA LYS A 211 11.21 -2.04 13.49
C LYS A 211 9.72 -2.18 13.21
N TRP A 212 8.97 -2.85 14.09
CA TRP A 212 7.54 -3.03 13.83
C TRP A 212 6.75 -1.75 13.99
N ILE A 213 7.33 -0.71 14.60
CA ILE A 213 6.63 0.56 14.72
C ILE A 213 6.46 1.22 13.36
N GLN A 214 7.31 0.87 12.40
CA GLN A 214 7.20 1.44 11.06
C GLN A 214 5.97 0.94 10.31
N CYS A 215 5.31 -0.11 10.83
CA CYS A 215 4.11 -0.62 10.17
C CYS A 215 2.87 0.19 10.50
N PHE A 216 2.94 1.09 11.49
CA PHE A 216 1.78 1.81 11.97
C PHE A 216 1.67 3.22 11.39
N ASN A 217 2.14 3.42 10.16
CA ASN A 217 2.06 4.75 9.54
C ASN A 217 0.62 5.10 9.15
N ASP A 218 -0.14 4.13 8.67
CA ASP A 218 -1.52 4.37 8.28
C ASP A 218 -2.45 4.60 9.47
N VAL A 219 -1.96 4.38 10.69
CA VAL A 219 -2.79 4.58 11.88
C VAL A 219 -3.12 6.05 12.06
N THR A 220 -4.38 6.34 12.36
CA THR A 220 -4.82 7.72 12.51
C THR A 220 -4.12 8.42 13.67
N ALA A 221 -4.00 7.73 14.81
CA ALA A 221 -3.39 8.34 15.99
C ALA A 221 -2.82 7.26 16.88
N ILE A 222 -1.78 7.63 17.62
CA ILE A 222 -1.10 6.73 18.55
C ILE A 222 -1.47 7.16 19.97
N ILE A 223 -2.08 6.25 20.72
CA ILE A 223 -2.51 6.53 22.09
C ILE A 223 -1.36 6.12 23.02
N PHE A 224 -0.80 7.11 23.72
CA PHE A 224 0.32 6.89 24.62
C PHE A 224 -0.17 6.96 26.06
N VAL A 225 0.21 5.96 26.86
CA VAL A 225 -0.13 5.90 28.28
C VAL A 225 1.14 6.16 29.08
N VAL A 226 1.06 7.12 30.00
CA VAL A 226 2.21 7.54 30.80
C VAL A 226 1.88 7.32 32.26
N ASP A 227 2.77 6.63 32.97
CA ASP A 227 2.61 6.40 34.40
C ASP A 227 3.12 7.60 35.17
N SER A 228 2.25 8.24 35.94
CA SER A 228 2.59 9.45 36.69
C SER A 228 3.07 9.09 38.10
N SER A 229 4.10 8.24 38.14
CA SER A 229 4.72 7.85 39.41
C SER A 229 5.98 8.68 39.64
N ASP A 230 5.76 9.95 39.95
CA ASP A 230 6.86 10.88 40.18
C ASP A 230 7.68 10.50 41.42
N ASN A 232 11.46 5.90 39.01
CA ASN A 232 10.80 6.87 38.14
C ASN A 232 10.75 6.39 36.69
N ARG A 233 9.55 6.04 36.23
CA ARG A 233 9.35 5.66 34.84
C ARG A 233 8.95 6.82 33.97
N LEU A 234 8.87 8.03 34.53
CA LEU A 234 8.49 9.20 33.74
C LEU A 234 9.54 9.53 32.69
N GLN A 235 10.82 9.45 33.05
CA GLN A 235 11.88 9.76 32.10
C GLN A 235 11.84 8.81 30.91
N GLU A 236 11.55 7.53 31.16
CA GLU A 236 11.37 6.59 30.06
C GLU A 236 10.19 6.99 29.19
N ALA A 237 9.12 7.51 29.79
CA ALA A 237 7.97 7.96 29.02
C ALA A 237 8.34 9.13 28.11
N LEU A 238 9.08 10.10 28.63
CA LEU A 238 9.53 11.21 27.79
C LEU A 238 10.48 10.74 26.69
N ASN A 239 11.36 9.79 27.00
CA ASN A 239 12.26 9.27 25.97
C ASN A 239 11.48 8.56 24.86
N ASP A 240 10.49 7.76 25.23
CA ASP A 240 9.67 7.08 24.22
C ASP A 240 8.86 8.08 23.40
N PHE A 241 8.32 9.10 24.06
CA PHE A 241 7.57 10.12 23.34
C PHE A 241 8.47 10.88 22.36
N LYS A 242 9.69 11.20 22.77
CA LYS A 242 10.63 11.85 21.87
C LYS A 242 10.98 10.96 20.70
N SER A 243 11.19 9.66 20.95
CA SER A 243 11.51 8.74 19.87
C SER A 243 10.35 8.64 18.88
N ILE A 244 9.12 8.59 19.37
CA ILE A 244 7.96 8.50 18.49
C ILE A 244 7.80 9.79 17.69
N TRP A 245 7.91 10.94 18.35
CA TRP A 245 7.71 12.22 17.69
C TRP A 245 8.77 12.49 16.64
N ASN A 246 10.02 12.17 16.94
CA ASN A 246 11.12 12.45 16.01
C ASN A 246 11.28 11.39 14.93
N ASN A 247 10.49 10.32 14.97
CA ASN A 247 10.62 9.26 13.98
C ASN A 247 10.22 9.76 12.60
N ARG A 248 10.98 9.36 11.59
CA ARG A 248 10.70 9.81 10.23
C ARG A 248 9.35 9.30 9.74
N TRP A 249 9.04 8.03 10.01
CA TRP A 249 7.77 7.46 9.59
C TRP A 249 6.60 7.93 10.46
N LEU A 250 6.86 8.29 11.71
CA LEU A 250 5.81 8.75 12.62
C LEU A 250 5.74 10.27 12.71
N ARG A 251 6.41 10.97 11.78
CA ARG A 251 6.40 12.43 11.78
C ARG A 251 5.14 13.02 11.17
N THR A 252 4.24 12.18 10.63
CA THR A 252 2.98 12.64 10.08
C THR A 252 1.79 12.08 10.84
N ILE A 253 2.01 11.58 12.06
CA ILE A 253 0.98 10.96 12.87
C ILE A 253 0.85 11.73 14.18
N SER A 254 -0.35 12.21 14.47
CA SER A 254 -0.61 12.82 15.76
C SER A 254 -0.72 11.75 16.83
N VAL A 255 -0.21 12.05 18.02
CA VAL A 255 -0.17 11.10 19.12
C VAL A 255 -1.05 11.63 20.25
N ILE A 256 -1.83 10.74 20.85
CA ILE A 256 -2.70 11.08 21.96
C ILE A 256 -2.02 10.58 23.24
N LEU A 257 -1.82 11.48 24.19
CA LEU A 257 -1.17 11.15 25.45
C LEU A 257 -2.20 11.10 26.58
N PHE A 258 -2.27 9.97 27.27
CA PHE A 258 -3.18 9.76 28.39
C PHE A 258 -2.35 9.52 29.63
N LEU A 259 -2.40 10.46 30.58
CA LEU A 259 -1.67 10.34 31.83
C LEU A 259 -2.55 9.54 32.80
N ASN A 260 -2.41 8.22 32.75
CA ASN A 260 -3.27 7.34 33.54
C ASN A 260 -2.85 7.36 35.00
N LYS A 261 -3.74 6.84 35.85
CA LYS A 261 -3.53 6.77 37.30
C LYS A 261 -3.23 8.15 37.88
N GLN A 262 -4.07 9.13 37.55
CA GLN A 262 -3.90 10.48 38.06
C GLN A 262 -4.17 10.55 39.56
N ASP A 263 -5.03 9.66 40.07
CA ASP A 263 -5.29 9.64 41.51
C ASP A 263 -4.04 9.26 42.30
N LEU A 264 -3.26 8.31 41.77
CA LEU A 264 -2.02 7.93 42.43
C LEU A 264 -1.04 9.10 42.48
N LEU A 265 -0.91 9.83 41.36
CA LEU A 265 -0.05 11.01 41.35
C LEU A 265 -0.54 12.06 42.34
N ALA A 266 -1.85 12.29 42.38
CA ALA A 266 -2.40 13.29 43.29
C ALA A 266 -2.12 12.92 44.74
N GLU A 267 -2.36 11.67 45.11
CA GLU A 267 -2.14 11.27 46.50
C GLU A 267 -0.65 11.26 46.85
N LYS A 268 0.21 10.88 45.90
CA LYS A 268 1.64 10.89 46.14
C LYS A 268 2.16 12.30 46.36
N VAL A 269 1.69 13.26 45.54
CA VAL A 269 2.15 14.64 45.71
C VAL A 269 1.51 15.28 46.92
N LEU A 270 0.31 14.82 47.34
CA LEU A 270 -0.30 15.32 48.56
C LEU A 270 0.44 14.80 49.79
N ALA A 271 0.99 13.59 49.71
CA ALA A 271 1.74 13.05 50.84
C ALA A 271 2.96 13.90 51.15
N GLY A 272 3.67 14.36 50.12
CA GLY A 272 4.82 15.22 50.28
C GLY A 272 6.15 14.49 50.41
N LYS A 273 6.13 13.17 50.57
CA LYS A 273 7.38 12.43 50.68
C LYS A 273 8.08 12.28 49.33
N SER A 274 7.36 12.46 48.23
CA SER A 274 7.99 12.37 46.92
C SER A 274 8.88 13.57 46.67
N LYS A 275 10.12 13.32 46.27
CA LYS A 275 11.09 14.39 46.01
C LYS A 275 11.09 14.75 44.52
N ILE A 276 9.94 15.24 44.07
CA ILE A 276 9.74 15.51 42.64
C ILE A 276 10.76 16.53 42.13
N GLU A 277 11.20 17.43 43.01
CA GLU A 277 12.22 18.39 42.61
C GLU A 277 13.55 17.71 42.29
N ASP A 278 13.86 16.63 43.00
CA ASP A 278 15.13 15.94 42.78
C ASP A 278 15.17 15.26 41.42
N TYR A 279 14.07 14.60 41.02
CA TYR A 279 14.05 13.94 39.72
C TYR A 279 14.14 14.94 38.60
N PHE A 280 13.42 16.05 38.69
CA PHE A 280 13.42 17.10 37.68
C PHE A 280 13.72 18.43 38.34
N PRO A 281 14.93 18.98 38.16
CA PRO A 281 15.25 20.28 38.76
C PRO A 281 14.42 21.43 38.21
N GLU A 282 13.83 21.27 37.02
CA GLU A 282 13.04 22.35 36.43
C GLU A 282 11.79 22.64 37.24
N PHE A 283 11.27 21.64 37.96
CA PHE A 283 10.06 21.83 38.75
C PHE A 283 10.28 22.79 39.92
N ALA A 284 11.53 22.98 40.34
CA ALA A 284 11.80 23.88 41.46
C ALA A 284 11.43 25.32 41.12
N ARG A 285 11.73 25.77 39.91
CA ARG A 285 11.47 27.14 39.49
C ARG A 285 10.16 27.31 38.74
N TYR A 286 9.63 26.24 38.14
CA TYR A 286 8.40 26.35 37.39
C TYR A 286 7.21 26.61 38.31
N THR A 287 6.30 27.45 37.84
CA THR A 287 5.08 27.80 38.58
C THR A 287 3.87 27.60 37.68
N THR A 288 2.71 27.48 38.32
CA THR A 288 1.47 27.25 37.59
C THR A 288 1.14 28.49 36.75
N PRO A 289 0.90 28.33 35.45
CA PRO A 289 0.55 29.50 34.63
C PRO A 289 -0.79 30.09 35.04
N GLU A 290 -0.93 31.40 34.81
CA GLU A 290 -2.17 32.08 35.12
C GLU A 290 -3.33 31.61 34.25
N ASP A 291 -3.04 30.99 33.11
CA ASP A 291 -4.07 30.49 32.22
C ASP A 291 -4.52 29.07 32.57
N ALA A 292 -4.00 28.49 33.65
CA ALA A 292 -4.40 27.15 34.04
C ALA A 292 -5.86 27.11 34.46
N THR A 293 -6.48 25.95 34.25
CA THR A 293 -7.87 25.76 34.62
C THR A 293 -8.01 24.53 35.51
N PRO A 294 -7.63 24.62 36.79
CA PRO A 294 -7.72 23.45 37.66
C PRO A 294 -9.16 23.04 37.91
N GLU A 295 -9.36 21.73 38.08
CA GLU A 295 -10.68 21.21 38.39
C GLU A 295 -11.07 21.58 39.82
N PRO A 296 -12.37 21.70 40.10
CA PRO A 296 -12.79 21.98 41.47
C PRO A 296 -12.36 20.89 42.44
N GLY A 297 -11.99 21.31 43.65
CA GLY A 297 -11.57 20.35 44.66
C GLY A 297 -10.20 19.75 44.43
N GLU A 298 -9.34 20.40 43.66
CA GLU A 298 -8.00 19.91 43.37
C GLU A 298 -6.98 20.79 44.08
N ASP A 299 -6.02 20.16 44.74
CA ASP A 299 -4.99 20.88 45.46
C ASP A 299 -4.08 21.62 44.48
N PRO A 300 -3.65 22.85 44.81
CA PRO A 300 -2.82 23.62 43.87
C PRO A 300 -1.53 22.93 43.46
N ARG A 301 -0.87 22.22 44.37
CA ARG A 301 0.37 21.54 43.98
C ARG A 301 0.10 20.38 43.03
N VAL A 302 -1.07 19.73 43.15
CA VAL A 302 -1.44 18.70 42.20
C VAL A 302 -1.53 19.29 40.79
N THR A 303 -2.21 20.43 40.67
CA THR A 303 -2.32 21.09 39.37
C THR A 303 -0.96 21.55 38.86
N ARG A 304 -0.11 22.03 39.77
CA ARG A 304 1.23 22.47 39.37
C ARG A 304 2.04 21.31 38.80
N ALA A 305 2.01 20.15 39.47
CA ALA A 305 2.72 18.98 38.97
C ALA A 305 2.15 18.50 37.65
N LYS A 306 0.82 18.49 37.54
CA LYS A 306 0.18 18.06 36.29
C LYS A 306 0.59 18.95 35.13
N TYR A 307 0.58 20.27 35.35
CA TYR A 307 0.95 21.19 34.27
C TYR A 307 2.45 21.15 34.00
N PHE A 308 3.26 20.82 35.01
CA PHE A 308 4.69 20.63 34.75
C PHE A 308 4.92 19.43 33.84
N ILE A 309 4.21 18.32 34.10
CA ILE A 309 4.31 17.16 33.22
C ILE A 309 3.83 17.50 31.82
N ARG A 310 2.71 18.24 31.73
CA ARG A 310 2.19 18.64 30.42
C ARG A 310 3.19 19.50 29.68
N LYS A 311 3.84 20.45 30.36
CA LYS A 311 4.85 21.28 29.72
C LYS A 311 6.05 20.45 29.28
N GLU A 312 6.46 19.49 30.11
CA GLU A 312 7.58 18.63 29.76
C GLU A 312 7.29 17.86 28.47
N PHE A 313 6.05 17.38 28.31
CA PHE A 313 5.70 16.68 27.08
C PHE A 313 5.54 17.64 25.90
N VAL A 314 4.95 18.82 26.15
CA VAL A 314 4.71 19.78 25.08
C VAL A 314 6.00 20.35 24.53
N ASP A 315 7.03 20.51 25.37
CA ASP A 315 8.31 20.99 24.87
C ASP A 315 8.90 20.01 23.86
N ILE A 316 8.84 18.71 24.15
CA ILE A 316 9.29 17.71 23.19
C ILE A 316 8.40 17.73 21.95
N SER A 317 7.09 17.89 22.14
CA SER A 317 6.17 17.90 21.01
C SER A 317 6.46 19.05 20.05
N THR A 318 6.74 20.23 20.59
CA THR A 318 6.95 21.43 19.78
C THR A 318 8.42 21.70 19.49
N ALA A 319 9.33 20.82 19.92
CA ALA A 319 10.74 21.02 19.62
C ALA A 319 11.00 20.99 18.11
N SER A 320 10.36 20.06 17.40
CA SER A 320 10.53 19.99 15.95
C SER A 320 9.95 21.23 15.28
N GLY A 321 8.75 21.66 15.68
CA GLY A 321 8.13 22.83 15.11
C GLY A 321 7.55 22.66 13.74
N ASP A 322 7.51 21.43 13.22
CA ASP A 322 6.97 21.21 11.87
C ASP A 322 5.49 21.56 11.80
N GLY A 323 4.72 21.15 12.80
CA GLY A 323 3.29 21.39 12.82
C GLY A 323 2.46 20.40 12.05
N ARG A 324 3.08 19.40 11.43
CA ARG A 324 2.32 18.39 10.70
C ARG A 324 1.42 17.58 11.63
N HIS A 325 1.92 17.25 12.82
CA HIS A 325 1.17 16.48 13.80
C HIS A 325 1.21 17.18 15.14
N ILE A 326 0.14 17.01 15.92
CA ILE A 326 -0.05 17.73 17.17
C ILE A 326 -0.31 16.73 18.29
N CYS A 327 0.32 16.96 19.44
CA CYS A 327 0.10 16.15 20.62
C CYS A 327 -1.16 16.58 21.36
N TYR A 328 -1.79 15.63 22.05
CA TYR A 328 -3.03 15.88 22.79
C TYR A 328 -2.89 15.38 24.23
N PRO A 329 -2.29 16.19 25.11
CA PRO A 329 -2.24 15.81 26.52
C PRO A 329 -3.64 15.71 27.11
N HIS A 330 -3.83 14.74 28.01
CA HIS A 330 -5.12 14.55 28.67
C HIS A 330 -4.89 13.90 30.03
N PHE A 331 -5.92 13.98 30.87
CA PHE A 331 -5.92 13.40 32.20
C PHE A 331 -6.90 12.24 32.24
N THR A 332 -6.48 11.12 32.79
CA THR A 332 -7.35 9.95 32.91
C THR A 332 -6.92 9.12 34.11
N CYS A 333 -7.83 8.26 34.57
CA CYS A 333 -7.60 7.40 35.71
C CYS A 333 -8.00 5.97 35.34
N SER A 334 -7.94 5.08 36.34
CA SER A 334 -8.32 3.69 36.11
C SER A 334 -9.81 3.56 35.77
N VAL A 335 -10.66 4.34 36.44
CA VAL A 335 -12.09 4.31 36.21
C VAL A 335 -12.46 5.66 35.58
N ASP A 336 -12.68 5.67 34.27
CA ASP A 336 -13.04 6.89 33.55
C ASP A 336 -13.83 6.50 32.32
N THR A 337 -15.13 6.77 32.32
CA THR A 337 -15.98 6.43 31.18
C THR A 337 -15.90 7.46 30.06
N GLU A 338 -15.24 8.58 30.27
CA GLU A 338 -15.13 9.63 29.27
C GLU A 338 -13.89 9.49 28.40
N ASN A 339 -13.11 8.41 28.55
CA ASN A 339 -11.93 8.21 27.72
C ASN A 339 -12.32 8.05 26.25
N ALA A 340 -13.41 7.32 25.99
CA ALA A 340 -13.88 7.16 24.62
C ALA A 340 -14.24 8.49 24.00
N ARG A 341 -14.91 9.36 24.76
CA ARG A 341 -15.26 10.68 24.25
C ARG A 341 -14.03 11.51 23.95
N ARG A 342 -13.02 11.44 24.83
CA ARG A 342 -11.78 12.18 24.60
C ARG A 342 -11.07 11.70 23.35
N ILE A 343 -10.99 10.37 23.16
CA ILE A 343 -10.35 9.83 21.96
C ILE A 343 -11.16 10.22 20.72
N PHE A 344 -12.49 10.24 20.84
CA PHE A 344 -13.34 10.67 19.73
C PHE A 344 -13.03 12.12 19.34
N ASN A 345 -12.92 12.99 20.34
CA ASN A 345 -12.62 14.39 20.05
C ASN A 345 -11.24 14.55 19.43
N ASP A 346 -10.24 13.84 19.95
CA ASP A 346 -8.90 13.93 19.37
C ASP A 346 -8.88 13.43 17.93
N CYS A 347 -9.55 12.31 17.67
CA CYS A 347 -9.62 11.81 16.30
C CYS A 347 -10.36 12.77 15.38
N LYS A 348 -11.41 13.42 15.89
CA LYS A 348 -12.13 14.41 15.11
C LYS A 348 -11.22 15.57 14.74
N ASP A 349 -10.43 16.06 15.71
CA ASP A 349 -9.52 17.16 15.43
C ASP A 349 -8.44 16.73 14.43
N ILE A 350 -7.92 15.51 14.58
CA ILE A 350 -6.89 15.03 13.66
C ILE A 350 -7.43 14.91 12.24
N ILE A 351 -8.64 14.38 12.09
CA ILE A 351 -9.24 14.28 10.76
C ILE A 351 -9.56 15.66 10.19
N LEU A 352 -9.93 16.62 11.05
CA LEU A 352 -10.13 17.98 10.58
C LEU A 352 -8.83 18.55 10.02
N GLN A 353 -7.73 18.35 10.73
CA GLN A 353 -6.44 18.82 10.23
C GLN A 353 -6.05 18.12 8.94
N MET A 354 -6.33 16.81 8.84
CA MET A 354 -6.05 16.08 7.62
C MET A 354 -6.87 16.62 6.46
N ASN A 355 -8.14 16.96 6.72
CA ASN A 355 -8.99 17.54 5.68
C ASN A 355 -8.44 18.90 5.22
N LEU A 356 -7.99 19.72 6.16
CA LEU A 356 -7.33 20.97 5.77
C LEU A 356 -6.11 20.70 4.90
N ARG A 357 -5.34 19.66 5.25
CA ARG A 357 -4.14 19.33 4.46
C ARG A 357 -4.51 18.88 3.06
N GLU A 358 -5.59 18.10 2.92
CA GLU A 358 -5.87 17.41 1.67
C GLU A 358 -7.02 18.00 0.86
N TYR A 359 -7.83 18.88 1.44
CA TYR A 359 -8.94 19.50 0.72
C TYR A 359 -8.66 20.95 0.33
N ASN A 360 -7.38 21.31 0.17
CA ASN A 360 -6.99 22.68 -0.19
C ASN A 360 -7.57 23.70 0.81
N LEU A 361 -7.47 23.39 2.10
CA LEU A 361 -8.04 24.22 3.13
C LEU A 361 -7.05 24.62 4.22
N VAL A 362 -5.86 24.05 4.22
CA VAL A 362 -4.84 24.39 5.23
C VAL A 362 -4.33 25.81 4.98
N GLU B 8 35.50 -17.70 36.23
CA GLU B 8 35.37 -18.16 34.85
C GLU B 8 35.08 -16.99 33.92
N LEU B 9 34.38 -15.99 34.45
CA LEU B 9 33.83 -14.91 33.65
C LEU B 9 34.92 -14.13 32.92
N ASP B 10 35.97 -13.74 33.64
CA ASP B 10 37.02 -12.92 33.06
C ASP B 10 37.69 -13.62 31.90
N GLN B 11 38.06 -14.90 32.08
CA GLN B 11 38.66 -15.61 30.96
C GLN B 11 37.62 -15.98 29.91
N LEU B 12 36.32 -15.95 30.26
CA LEU B 12 35.30 -16.11 29.22
C LEU B 12 35.35 -14.95 28.22
N ARG B 13 35.31 -13.71 28.72
CA ARG B 13 35.49 -12.59 27.79
C ARG B 13 36.89 -12.57 27.17
N GLN B 14 37.91 -13.01 27.92
CA GLN B 14 39.25 -13.05 27.33
C GLN B 14 39.30 -13.98 26.13
N GLU B 15 38.73 -15.18 26.27
CA GLU B 15 38.71 -16.13 25.16
C GLU B 15 37.83 -15.65 24.03
N ALA B 16 36.69 -15.01 24.35
CA ALA B 16 35.84 -14.48 23.30
C ALA B 16 36.56 -13.43 22.48
N GLU B 17 37.25 -12.51 23.15
CA GLU B 17 38.00 -11.47 22.45
C GLU B 17 39.16 -12.07 21.65
N GLN B 18 39.84 -13.07 22.21
CA GLN B 18 40.95 -13.70 21.49
C GLN B 18 40.46 -14.39 20.23
N LEU B 19 39.32 -15.10 20.31
CA LEU B 19 38.78 -15.75 19.13
C LEU B 19 38.29 -14.73 18.10
N LYS B 20 37.69 -13.62 18.57
CA LYS B 20 37.29 -12.57 17.63
C LYS B 20 38.49 -12.00 16.90
N ASN B 21 39.57 -11.73 17.64
CA ASN B 21 40.78 -11.20 17.00
C ASN B 21 41.39 -12.22 16.04
N GLN B 22 41.38 -13.50 16.41
CA GLN B 22 41.92 -14.52 15.53
C GLN B 22 41.12 -14.62 14.23
N ILE B 23 39.79 -14.58 14.34
CA ILE B 23 38.96 -14.66 13.13
C ILE B 23 39.14 -13.41 12.27
N ARG B 24 39.26 -12.24 12.90
CA ARG B 24 39.49 -11.01 12.15
C ARG B 24 40.83 -11.06 11.41
N ASP B 25 41.87 -11.55 12.08
CA ASP B 25 43.18 -11.68 11.45
C ASP B 25 43.15 -12.68 10.31
N ALA B 26 42.42 -13.80 10.50
CA ALA B 26 42.30 -14.78 9.43
C ALA B 26 41.58 -14.21 8.22
N ARG B 27 40.51 -13.43 8.46
CA ARG B 27 39.80 -12.80 7.36
C ARG B 27 40.68 -11.77 6.65
N LYS B 28 41.46 -11.00 7.42
CA LYS B 28 42.35 -10.02 6.82
C LYS B 28 43.42 -10.69 5.96
N ALA B 29 44.00 -11.78 6.46
CA ALA B 29 44.98 -12.52 5.67
C ALA B 29 44.34 -13.19 4.46
N CYS B 30 43.05 -13.54 4.56
CA CYS B 30 42.34 -14.14 3.44
C CYS B 30 42.08 -13.14 2.31
N ALA B 31 42.26 -11.85 2.56
CA ALA B 31 42.02 -10.83 1.56
C ALA B 31 43.33 -10.55 0.82
N ASP B 32 43.31 -10.71 -0.50
CA ASP B 32 44.46 -10.42 -1.35
C ASP B 32 44.20 -9.23 -2.27
N ALA B 33 43.09 -9.24 -3.00
CA ALA B 33 42.72 -8.13 -3.87
C ALA B 33 41.22 -7.90 -3.74
N THR B 34 40.84 -6.62 -3.65
CA THR B 34 39.44 -6.28 -3.52
C THR B 34 38.70 -6.54 -4.83
N LEU B 35 37.37 -6.70 -4.72
CA LEU B 35 36.55 -6.91 -5.90
C LEU B 35 36.62 -5.71 -6.84
N SER B 36 36.83 -4.50 -6.30
CA SER B 36 36.93 -3.33 -7.16
C SER B 36 38.17 -3.39 -8.04
N GLN B 37 39.31 -3.79 -7.47
CA GLN B 37 40.56 -3.77 -8.22
C GLN B 37 40.56 -4.83 -9.32
N ILE B 38 40.08 -6.04 -9.03
CA ILE B 38 40.12 -7.12 -10.01
C ILE B 38 39.10 -6.90 -11.13
N THR B 39 38.02 -6.17 -10.87
CA THR B 39 36.98 -5.92 -11.86
C THR B 39 37.10 -4.56 -12.52
N ASN B 40 38.24 -3.88 -12.36
CA ASN B 40 38.43 -2.58 -13.00
C ASN B 40 38.44 -2.70 -14.52
N ASN B 41 38.88 -3.85 -15.05
CA ASN B 41 39.00 -4.05 -16.48
C ASN B 41 37.71 -4.56 -17.13
N ILE B 42 36.69 -4.90 -16.33
CA ILE B 42 35.46 -5.42 -16.89
C ILE B 42 34.69 -4.29 -17.57
N ASP B 43 33.84 -4.66 -18.53
CA ASP B 43 33.05 -3.67 -19.24
C ASP B 43 31.89 -3.19 -18.36
N PRO B 44 31.75 -1.89 -18.12
CA PRO B 44 30.63 -1.42 -17.31
C PRO B 44 29.29 -1.62 -18.01
N VAL B 45 28.26 -1.82 -17.19
CA VAL B 45 26.91 -2.00 -17.73
C VAL B 45 26.42 -0.73 -18.39
N GLY B 46 26.78 0.43 -17.83
CA GLY B 46 26.36 1.70 -18.37
C GLY B 46 24.95 2.07 -17.92
N ARG B 47 24.49 3.20 -18.45
CA ARG B 47 23.16 3.69 -18.12
C ARG B 47 22.10 2.78 -18.73
N ILE B 48 21.15 2.35 -17.89
CA ILE B 48 20.06 1.48 -18.32
C ILE B 48 18.74 2.09 -17.87
N GLN B 49 17.76 2.12 -18.77
CA GLN B 49 16.44 2.67 -18.47
C GLN B 49 15.39 1.58 -18.67
N MET B 50 14.57 1.38 -17.65
CA MET B 50 13.47 0.42 -17.69
C MET B 50 12.18 1.14 -17.35
N ARG B 51 11.15 0.91 -18.16
CA ARG B 51 9.86 1.57 -17.98
C ARG B 51 8.91 0.68 -17.18
N THR B 52 7.88 1.32 -16.62
CA THR B 52 6.86 0.61 -15.86
C THR B 52 5.88 -0.02 -16.82
N ARG B 53 6.01 -1.33 -17.04
CA ARG B 53 5.12 -2.03 -17.95
C ARG B 53 3.72 -2.18 -17.37
N ARG B 54 3.62 -2.58 -16.10
CA ARG B 54 2.34 -2.80 -15.45
C ARG B 54 2.31 -2.10 -14.10
N THR B 55 1.21 -1.42 -13.81
CA THR B 55 0.94 -0.87 -12.49
C THR B 55 -0.24 -1.63 -11.90
N LEU B 56 -0.06 -2.13 -10.67
CA LEU B 56 -1.04 -3.02 -10.06
C LEU B 56 -1.84 -2.24 -9.01
N ARG B 57 -2.88 -1.57 -9.50
CA ARG B 57 -3.81 -0.87 -8.61
C ARG B 57 -4.82 -1.85 -8.02
N GLY B 58 -5.26 -1.55 -6.81
CA GLY B 58 -6.26 -2.38 -6.16
C GLY B 58 -6.05 -2.56 -4.67
N HIS B 59 -4.80 -2.44 -4.21
CA HIS B 59 -4.53 -2.58 -2.79
C HIS B 59 -5.00 -1.36 -2.02
N LEU B 60 -5.33 -1.57 -0.75
CA LEU B 60 -5.89 -0.52 0.09
C LEU B 60 -4.83 0.23 0.88
N ALA B 61 -4.10 -0.50 1.73
CA ALA B 61 -3.09 0.10 2.59
C ALA B 61 -1.71 -0.05 1.98
N LYS B 62 -0.69 0.36 2.73
CA LYS B 62 0.68 0.26 2.25
C LYS B 62 1.12 -1.20 2.13
N ILE B 63 1.98 -1.46 1.16
CA ILE B 63 2.40 -2.81 0.81
C ILE B 63 3.80 -3.05 1.33
N TYR B 64 3.98 -4.15 2.05
CA TYR B 64 5.24 -4.43 2.74
C TYR B 64 6.08 -5.52 2.09
N ALA B 65 5.45 -6.56 1.52
CA ALA B 65 6.20 -7.68 0.99
C ALA B 65 5.53 -8.21 -0.28
N MET B 66 6.33 -8.86 -1.11
CA MET B 66 5.83 -9.56 -2.30
C MET B 66 6.80 -10.69 -2.62
N HIS B 67 6.33 -11.63 -3.43
CA HIS B 67 7.16 -12.76 -3.84
C HIS B 67 6.79 -13.18 -5.25
N TRP B 68 7.74 -13.81 -5.94
CA TRP B 68 7.55 -14.28 -7.30
C TRP B 68 7.46 -15.79 -7.34
N GLY B 69 6.50 -16.31 -8.12
CA GLY B 69 6.38 -17.74 -8.30
C GLY B 69 7.35 -18.28 -9.33
N THR B 70 7.43 -19.61 -9.38
CA THR B 70 8.32 -20.27 -10.34
C THR B 70 7.81 -20.11 -11.76
N ASP B 71 6.51 -19.88 -11.95
CA ASP B 71 5.98 -19.61 -13.27
C ASP B 71 6.43 -18.25 -13.81
N SER B 72 7.02 -17.41 -12.98
CA SER B 72 7.65 -16.15 -13.35
C SER B 72 6.65 -15.08 -13.80
N ARG B 73 5.35 -15.33 -13.68
CA ARG B 73 4.38 -14.29 -13.99
C ARG B 73 3.25 -14.17 -12.98
N LEU B 74 3.21 -15.00 -11.95
CA LEU B 74 2.23 -14.89 -10.88
C LEU B 74 2.94 -14.44 -9.62
N LEU B 75 2.48 -13.34 -9.04
CA LEU B 75 3.12 -12.76 -7.86
C LEU B 75 2.06 -12.54 -6.78
N VAL B 76 2.50 -12.67 -5.53
CA VAL B 76 1.63 -12.46 -4.38
C VAL B 76 2.08 -11.18 -3.68
N SER B 77 1.12 -10.30 -3.40
CA SER B 77 1.39 -9.02 -2.76
C SER B 77 0.72 -8.99 -1.40
N ALA B 78 1.46 -8.60 -0.37
CA ALA B 78 0.95 -8.52 0.98
C ALA B 78 0.89 -7.06 1.41
N SER B 79 -0.30 -6.62 1.82
CA SER B 79 -0.51 -5.27 2.30
C SER B 79 -1.17 -5.34 3.68
N GLN B 80 -0.90 -4.32 4.49
CA GLN B 80 -1.38 -4.29 5.86
C GLN B 80 -2.86 -3.94 5.96
N ASP B 81 -3.59 -3.95 4.84
CA ASP B 81 -5.04 -3.81 4.86
C ASP B 81 -5.74 -5.11 5.23
N GLY B 82 -5.01 -6.22 5.31
CA GLY B 82 -5.61 -7.50 5.62
C GLY B 82 -5.94 -8.36 4.42
N LYS B 83 -5.24 -8.19 3.30
CA LYS B 83 -5.52 -8.94 2.09
C LYS B 83 -4.23 -9.47 1.47
N LEU B 84 -4.30 -10.70 0.97
CA LEU B 84 -3.26 -11.29 0.14
C LEU B 84 -3.81 -11.43 -1.27
N ILE B 85 -3.12 -10.84 -2.24
CA ILE B 85 -3.61 -10.77 -3.61
C ILE B 85 -2.57 -11.38 -4.54
N ILE B 86 -3.02 -12.26 -5.43
CA ILE B 86 -2.18 -12.84 -6.46
C ILE B 86 -2.46 -12.12 -7.77
N TRP B 87 -1.45 -11.49 -8.33
CA TRP B 87 -1.60 -10.68 -9.54
C TRP B 87 -1.00 -11.39 -10.74
N ASP B 88 -1.76 -11.45 -11.83
CA ASP B 88 -1.25 -11.95 -13.10
C ASP B 88 -0.47 -10.83 -13.77
N SER B 89 0.86 -10.92 -13.72
CA SER B 89 1.70 -9.83 -14.20
C SER B 89 1.50 -9.57 -15.69
N TYR B 90 1.32 -10.64 -16.47
CA TYR B 90 1.18 -10.49 -17.92
C TYR B 90 -0.12 -9.79 -18.30
N THR B 91 -1.21 -10.06 -17.57
CA THR B 91 -2.52 -9.56 -17.96
C THR B 91 -3.19 -8.67 -16.93
N THR B 92 -2.55 -8.41 -15.78
CA THR B 92 -2.94 -7.45 -14.77
C THR B 92 -4.17 -7.89 -13.97
N ASN B 93 -4.84 -8.97 -14.36
CA ASN B 93 -5.99 -9.44 -13.62
C ASN B 93 -5.56 -10.06 -12.29
N LYS B 94 -6.50 -10.08 -11.34
CA LYS B 94 -6.26 -10.60 -10.01
C LYS B 94 -6.78 -12.04 -9.94
N VAL B 95 -5.89 -12.97 -9.62
CA VAL B 95 -6.28 -14.38 -9.55
C VAL B 95 -7.07 -14.66 -8.27
N HIS B 96 -6.60 -14.15 -7.14
CA HIS B 96 -7.26 -14.38 -5.86
C HIS B 96 -7.16 -13.12 -5.00
N ALA B 97 -8.07 -13.03 -4.03
CA ALA B 97 -8.06 -11.95 -3.03
C ALA B 97 -8.33 -12.61 -1.68
N ILE B 98 -7.25 -12.89 -0.95
CA ILE B 98 -7.32 -13.68 0.27
C ILE B 98 -7.57 -12.73 1.44
N PRO B 99 -8.69 -12.87 2.16
CA PRO B 99 -8.89 -12.07 3.37
C PRO B 99 -8.10 -12.66 4.53
N LEU B 100 -7.34 -11.83 5.22
CA LEU B 100 -6.47 -12.27 6.30
C LEU B 100 -7.14 -12.06 7.66
N ARG B 101 -6.81 -12.95 8.60
CA ARG B 101 -7.36 -12.85 9.94
C ARG B 101 -6.88 -11.57 10.63
N SER B 102 -5.61 -11.23 10.46
CA SER B 102 -5.03 -10.02 11.03
C SER B 102 -4.67 -9.05 9.92
N SER B 103 -5.01 -7.78 10.13
CA SER B 103 -4.73 -6.76 9.12
C SER B 103 -3.23 -6.60 8.90
N TRP B 104 -2.44 -6.58 9.96
CA TRP B 104 -1.02 -6.32 9.87
C TRP B 104 -0.27 -7.56 9.40
N VAL B 105 0.45 -7.43 8.29
CA VAL B 105 1.30 -8.50 7.76
C VAL B 105 2.62 -7.87 7.33
N MET B 106 3.71 -8.57 7.59
CA MET B 106 5.04 -8.09 7.25
C MET B 106 5.76 -8.96 6.22
N THR B 107 5.18 -10.08 5.80
CA THR B 107 5.83 -10.94 4.83
C THR B 107 4.78 -11.79 4.12
N CYS B 108 5.19 -12.34 2.99
CA CYS B 108 4.37 -13.28 2.23
C CYS B 108 5.29 -14.13 1.38
N ALA B 109 4.92 -15.41 1.20
CA ALA B 109 5.73 -16.36 0.46
C ALA B 109 4.87 -17.11 -0.54
N TYR B 110 5.45 -17.42 -1.69
CA TYR B 110 4.81 -18.23 -2.72
C TYR B 110 5.57 -19.54 -2.83
N ALA B 111 4.86 -20.66 -2.71
CA ALA B 111 5.51 -21.96 -2.76
C ALA B 111 6.06 -22.21 -4.16
N PRO B 112 7.18 -22.93 -4.28
CA PRO B 112 7.71 -23.23 -5.62
C PRO B 112 6.72 -23.98 -6.49
N SER B 113 5.95 -24.89 -5.91
CA SER B 113 4.94 -25.62 -6.68
C SER B 113 3.69 -24.77 -6.93
N GLY B 114 3.52 -23.68 -6.20
CA GLY B 114 2.37 -22.81 -6.37
C GLY B 114 1.10 -23.26 -5.68
N ASN B 115 1.14 -24.40 -4.98
CA ASN B 115 -0.06 -24.90 -4.31
C ASN B 115 -0.38 -24.12 -3.04
N TYR B 116 0.62 -23.54 -2.39
CA TYR B 116 0.42 -22.87 -1.11
C TYR B 116 1.00 -21.47 -1.16
N VAL B 117 0.39 -20.58 -0.36
CA VAL B 117 0.88 -19.22 -0.16
C VAL B 117 0.85 -18.93 1.33
N ALA B 118 1.92 -18.31 1.83
CA ALA B 118 2.08 -18.05 3.25
C ALA B 118 2.21 -16.55 3.50
N CYS B 119 2.04 -16.18 4.78
CA CYS B 119 2.18 -14.79 5.19
C CYS B 119 2.48 -14.76 6.69
N GLY B 120 2.96 -13.61 7.14
CA GLY B 120 3.25 -13.43 8.55
C GLY B 120 3.23 -11.95 8.90
N GLY B 121 3.21 -11.69 10.21
CA GLY B 121 3.18 -10.32 10.68
C GLY B 121 3.25 -10.20 12.20
N LEU B 122 2.52 -9.24 12.75
CA LEU B 122 2.56 -8.99 14.19
C LEU B 122 1.81 -10.04 15.00
N ASP B 123 1.05 -10.92 14.35
CA ASP B 123 0.35 -11.98 15.05
C ASP B 123 1.29 -13.05 15.61
N ASN B 124 2.56 -13.04 15.23
CA ASN B 124 3.52 -14.09 15.56
C ASN B 124 3.09 -15.45 15.03
N ILE B 125 2.21 -15.46 14.02
CA ILE B 125 1.65 -16.68 13.46
C ILE B 125 1.82 -16.65 11.95
N CYS B 126 2.37 -17.72 11.39
CA CYS B 126 2.51 -17.86 9.95
C CYS B 126 1.26 -18.53 9.40
N SER B 127 0.48 -17.80 8.60
CA SER B 127 -0.76 -18.31 8.05
C SER B 127 -0.47 -18.97 6.70
N ILE B 128 -0.86 -20.23 6.57
CA ILE B 128 -0.64 -21.01 5.35
C ILE B 128 -1.97 -21.10 4.62
N TYR B 129 -1.98 -20.67 3.36
CA TYR B 129 -3.16 -20.70 2.51
C TYR B 129 -2.89 -21.53 1.27
N ASN B 130 -3.85 -22.38 0.90
CA ASN B 130 -3.74 -23.22 -0.28
C ASN B 130 -4.50 -22.62 -1.45
N LEU B 131 -4.05 -22.92 -2.66
CA LEU B 131 -4.64 -22.37 -3.87
C LEU B 131 -5.25 -23.41 -4.80
N LYS B 132 -4.80 -24.67 -4.72
CA LYS B 132 -5.30 -25.74 -5.57
C LYS B 132 -6.53 -26.43 -4.99
N THR B 133 -7.00 -25.99 -3.82
CA THR B 133 -8.12 -26.64 -3.18
C THR B 133 -9.37 -26.59 -4.04
N ARG B 134 -10.07 -27.72 -4.13
CA ARG B 134 -11.31 -27.79 -4.89
C ARG B 134 -12.51 -27.25 -4.12
N GLU B 135 -12.39 -27.12 -2.80
CA GLU B 135 -13.50 -26.66 -1.98
C GLU B 135 -13.90 -25.22 -2.30
N GLY B 136 -12.98 -24.42 -2.84
CA GLY B 136 -13.28 -23.04 -3.17
C GLY B 136 -12.07 -22.28 -3.67
N ASN B 137 -11.97 -21.00 -3.33
CA ASN B 137 -10.84 -20.20 -3.76
C ASN B 137 -9.63 -20.41 -2.86
N VAL B 138 -9.75 -20.01 -1.59
CA VAL B 138 -8.64 -20.10 -0.64
C VAL B 138 -9.21 -20.51 0.71
N ARG B 139 -8.51 -21.42 1.40
CA ARG B 139 -8.89 -21.84 2.73
C ARG B 139 -7.66 -21.78 3.64
N VAL B 140 -7.91 -21.62 4.93
CA VAL B 140 -6.85 -21.55 5.92
C VAL B 140 -6.38 -22.97 6.22
N SER B 141 -5.16 -23.30 5.80
CA SER B 141 -4.62 -24.63 6.07
C SER B 141 -4.46 -24.87 7.57
N ARG B 142 -3.59 -24.09 8.21
CA ARG B 142 -3.35 -24.16 9.64
C ARG B 142 -2.50 -22.96 10.04
N GLU B 143 -2.44 -22.71 11.35
CA GLU B 143 -1.67 -21.61 11.90
C GLU B 143 -0.39 -22.14 12.53
N LEU B 144 0.73 -21.51 12.18
CA LEU B 144 2.05 -21.91 12.72
C LEU B 144 2.39 -21.10 13.96
N ALA B 145 1.54 -21.22 14.97
CA ALA B 145 1.75 -20.53 16.23
C ALA B 145 2.92 -21.15 16.99
N GLY B 146 3.59 -20.31 17.78
CA GLY B 146 4.73 -20.76 18.57
C GLY B 146 5.82 -19.72 18.66
N HIS B 147 5.83 -18.76 17.74
CA HIS B 147 6.81 -17.70 17.74
C HIS B 147 6.46 -16.66 18.79
N THR B 148 7.48 -16.16 19.50
CA THR B 148 7.31 -15.10 20.47
C THR B 148 7.63 -13.72 19.90
N GLY B 149 7.95 -13.64 18.61
CA GLY B 149 8.27 -12.37 17.99
C GLY B 149 7.54 -12.22 16.67
N TYR B 150 7.42 -10.96 16.24
CA TYR B 150 6.73 -10.67 14.99
C TYR B 150 7.49 -11.23 13.80
N LEU B 151 6.76 -11.91 12.92
CA LEU B 151 7.38 -12.50 11.74
C LEU B 151 7.77 -11.42 10.75
N SER B 152 8.97 -11.55 10.17
CA SER B 152 9.51 -10.55 9.26
C SER B 152 9.67 -11.04 7.84
N CYS B 153 10.06 -12.30 7.64
CA CYS B 153 10.24 -12.83 6.29
C CYS B 153 10.04 -14.34 6.32
N CYS B 154 9.34 -14.86 5.31
CA CYS B 154 9.06 -16.27 5.19
C CYS B 154 9.34 -16.71 3.75
N ARG B 155 10.03 -17.84 3.61
CA ARG B 155 10.30 -18.43 2.32
C ARG B 155 9.97 -19.91 2.36
N PHE B 156 9.68 -20.48 1.19
CA PHE B 156 9.29 -21.88 1.07
C PHE B 156 10.44 -22.70 0.51
N LEU B 157 10.79 -23.79 1.18
CA LEU B 157 11.73 -24.76 0.65
C LEU B 157 11.03 -25.82 -0.17
N ASP B 158 9.98 -26.42 0.37
CA ASP B 158 9.16 -27.40 -0.33
C ASP B 158 7.71 -27.16 0.03
N ASP B 159 6.84 -28.08 -0.40
CA ASP B 159 5.43 -27.97 -0.07
C ASP B 159 5.16 -28.24 1.41
N ASN B 160 6.10 -28.87 2.11
CA ASN B 160 5.92 -29.21 3.52
C ASN B 160 6.89 -28.50 4.45
N GLN B 161 7.97 -27.91 3.93
CA GLN B 161 8.99 -27.28 4.75
C GLN B 161 8.99 -25.77 4.49
N ILE B 162 8.91 -24.99 5.57
CA ILE B 162 8.92 -23.54 5.50
C ILE B 162 9.77 -23.00 6.64
N VAL B 163 10.54 -21.95 6.37
CA VAL B 163 11.37 -21.30 7.37
C VAL B 163 10.81 -19.90 7.60
N THR B 164 10.66 -19.52 8.87
CA THR B 164 10.09 -18.24 9.25
C THR B 164 11.07 -17.47 10.11
N SER B 165 11.22 -16.18 9.81
CA SER B 165 12.04 -15.28 10.61
C SER B 165 11.13 -14.40 11.46
N SER B 166 11.35 -14.42 12.76
CA SER B 166 10.51 -13.68 13.70
C SER B 166 11.33 -12.70 14.49
N GLY B 167 10.66 -11.69 15.04
CA GLY B 167 11.32 -10.63 15.79
C GLY B 167 11.63 -11.00 17.22
N ASP B 168 12.18 -12.19 17.44
CA ASP B 168 12.58 -12.62 18.77
C ASP B 168 13.95 -13.29 18.73
N THR B 169 14.80 -12.90 17.79
CA THR B 169 16.14 -13.44 17.58
C THR B 169 16.13 -14.93 17.28
N THR B 170 15.01 -15.47 16.80
CA THR B 170 14.87 -16.89 16.50
C THR B 170 14.46 -17.09 15.06
N CYS B 171 15.13 -18.01 14.38
CA CYS B 171 14.75 -18.46 13.05
C CYS B 171 14.33 -19.92 13.16
N ALA B 172 13.12 -20.22 12.70
CA ALA B 172 12.51 -21.53 12.89
C ALA B 172 12.13 -22.15 11.55
N LEU B 173 12.36 -23.45 11.42
CA LEU B 173 11.93 -24.23 10.27
C LEU B 173 10.68 -25.01 10.68
N TRP B 174 9.58 -24.79 9.96
CA TRP B 174 8.31 -25.39 10.29
C TRP B 174 7.95 -26.48 9.28
N ASP B 175 7.28 -27.51 9.77
CA ASP B 175 6.75 -28.58 8.92
C ASP B 175 5.24 -28.40 8.80
N ILE B 176 4.76 -28.27 7.56
CA ILE B 176 3.35 -28.00 7.33
C ILE B 176 2.50 -29.19 7.79
N GLU B 177 2.96 -30.41 7.51
CA GLU B 177 2.17 -31.60 7.85
C GLU B 177 1.97 -31.71 9.36
N THR B 178 3.02 -31.47 10.14
CA THR B 178 2.92 -31.57 11.59
C THR B 178 2.53 -30.27 12.26
N GLY B 179 2.86 -29.13 11.66
CA GLY B 179 2.54 -27.84 12.26
C GLY B 179 3.37 -27.51 13.47
N GLN B 180 4.56 -28.08 13.60
CA GLN B 180 5.42 -27.86 14.75
C GLN B 180 6.82 -27.45 14.29
N GLN B 181 7.53 -26.79 15.19
CA GLN B 181 8.88 -26.31 14.90
C GLN B 181 9.83 -27.50 14.78
N THR B 182 10.25 -27.80 13.55
CA THR B 182 11.21 -28.88 13.34
C THR B 182 12.57 -28.53 13.95
N THR B 183 13.09 -27.34 13.63
CA THR B 183 14.36 -26.88 14.19
C THR B 183 14.24 -25.39 14.51
N THR B 184 14.97 -24.97 15.53
CA THR B 184 15.01 -23.58 15.95
C THR B 184 16.44 -23.10 15.99
N PHE B 185 16.67 -21.86 15.55
CA PHE B 185 17.99 -21.24 15.52
C PHE B 185 17.96 -19.99 16.37
N THR B 186 18.88 -19.90 17.33
CA THR B 186 18.90 -18.79 18.28
C THR B 186 20.27 -18.11 18.32
N GLY B 187 21.03 -18.19 17.23
CA GLY B 187 22.35 -17.59 17.19
C GLY B 187 22.35 -16.08 17.07
N HIS B 188 21.28 -15.50 16.54
CA HIS B 188 21.22 -14.07 16.35
C HIS B 188 20.99 -13.34 17.67
N THR B 189 21.42 -12.09 17.71
CA THR B 189 21.25 -11.25 18.89
C THR B 189 20.21 -10.16 18.72
N GLY B 190 19.90 -9.79 17.47
CA GLY B 190 18.90 -8.79 17.19
C GLY B 190 17.70 -9.36 16.43
N ASP B 191 16.73 -8.50 16.20
CA ASP B 191 15.52 -8.89 15.49
C ASP B 191 15.85 -9.25 14.04
N VAL B 192 15.51 -10.48 13.65
CA VAL B 192 15.79 -10.94 12.30
C VAL B 192 14.76 -10.34 11.36
N MET B 193 15.25 -9.65 10.32
CA MET B 193 14.39 -8.91 9.41
C MET B 193 14.09 -9.65 8.11
N SER B 194 15.02 -10.49 7.64
CA SER B 194 14.83 -11.16 6.37
C SER B 194 15.65 -12.44 6.32
N LEU B 195 15.19 -13.40 5.51
CA LEU B 195 15.91 -14.61 5.21
C LEU B 195 15.76 -14.93 3.73
N SER B 196 16.77 -15.58 3.16
CA SER B 196 16.76 -15.99 1.77
C SER B 196 17.26 -17.41 1.64
N LEU B 197 16.74 -18.13 0.66
CA LEU B 197 17.09 -19.53 0.41
C LEU B 197 17.92 -19.63 -0.86
N ALA B 198 19.01 -20.39 -0.79
CA ALA B 198 19.82 -20.67 -1.96
C ALA B 198 19.05 -21.60 -2.91
N PRO B 199 19.41 -21.59 -4.20
CA PRO B 199 18.68 -22.45 -5.16
C PRO B 199 18.71 -23.92 -4.82
N ASP B 200 19.77 -24.41 -4.17
CA ASP B 200 19.84 -25.82 -3.80
C ASP B 200 19.04 -26.14 -2.54
N THR B 201 18.48 -25.13 -1.87
CA THR B 201 17.67 -25.28 -0.66
C THR B 201 18.43 -26.01 0.45
N ARG B 202 19.75 -25.92 0.46
CA ARG B 202 20.57 -26.53 1.51
C ARG B 202 21.10 -25.51 2.51
N LEU B 203 21.29 -24.26 2.09
CA LEU B 203 21.80 -23.20 2.95
C LEU B 203 20.92 -21.97 2.85
N PHE B 204 20.79 -21.24 3.96
CA PHE B 204 20.04 -20.00 3.96
C PHE B 204 20.66 -19.04 4.96
N VAL B 205 20.63 -17.76 4.63
CA VAL B 205 21.19 -16.70 5.46
C VAL B 205 20.07 -15.80 5.93
N SER B 206 20.13 -15.38 7.19
CA SER B 206 19.13 -14.50 7.78
C SER B 206 19.81 -13.24 8.29
N GLY B 207 19.25 -12.09 7.93
CA GLY B 207 19.76 -10.80 8.40
C GLY B 207 18.94 -10.31 9.58
N ALA B 208 19.65 -9.88 10.61
CA ALA B 208 19.04 -9.43 11.85
C ALA B 208 19.39 -7.97 12.10
N CYS B 209 18.79 -7.41 13.15
CA CYS B 209 19.05 -6.03 13.56
C CYS B 209 20.28 -5.94 14.46
N ASP B 210 21.38 -6.55 14.01
CA ASP B 210 22.64 -6.49 14.74
C ASP B 210 23.83 -6.35 13.81
N ALA B 211 23.61 -5.88 12.57
CA ALA B 211 24.65 -5.71 11.56
C ALA B 211 25.39 -7.01 11.26
N SER B 212 24.75 -8.16 11.49
CA SER B 212 25.36 -9.45 11.26
C SER B 212 24.43 -10.32 10.43
N ALA B 213 24.99 -10.97 9.40
CA ALA B 213 24.28 -11.94 8.59
C ALA B 213 24.85 -13.32 8.87
N LYS B 214 23.99 -14.26 9.24
CA LYS B 214 24.41 -15.58 9.68
C LYS B 214 23.93 -16.64 8.70
N LEU B 215 24.83 -17.53 8.31
CA LEU B 215 24.50 -18.67 7.46
C LEU B 215 24.06 -19.83 8.34
N TRP B 216 22.87 -20.37 8.07
CA TRP B 216 22.31 -21.46 8.84
C TRP B 216 22.08 -22.67 7.95
N ASP B 217 22.21 -23.85 8.54
CA ASP B 217 22.00 -25.11 7.82
C ASP B 217 20.56 -25.57 8.04
N VAL B 218 19.86 -25.87 6.95
CA VAL B 218 18.48 -26.34 7.06
C VAL B 218 18.42 -27.71 7.71
N ARG B 219 19.41 -28.56 7.43
CA ARG B 219 19.42 -29.91 7.97
C ARG B 219 20.16 -29.99 9.30
N GLU B 220 21.44 -29.57 9.30
CA GLU B 220 22.23 -29.66 10.52
C GLU B 220 21.68 -28.75 11.62
N GLY B 221 21.24 -27.55 11.25
CA GLY B 221 20.74 -26.61 12.23
C GLY B 221 21.80 -25.76 12.89
N MET B 222 23.05 -25.88 12.48
CA MET B 222 24.16 -25.13 13.05
C MET B 222 24.46 -23.90 12.21
N CYS B 223 24.88 -22.82 12.87
CA CYS B 223 25.30 -21.62 12.17
C CYS B 223 26.76 -21.76 11.76
N ARG B 224 27.02 -21.64 10.46
CA ARG B 224 28.38 -21.84 9.94
C ARG B 224 29.18 -20.56 9.85
N GLN B 225 28.60 -19.50 9.29
CA GLN B 225 29.33 -18.26 9.06
C GLN B 225 28.50 -17.08 9.54
N THR B 226 29.19 -16.09 10.12
CA THR B 226 28.57 -14.84 10.55
C THR B 226 29.32 -13.69 9.93
N PHE B 227 28.61 -12.84 9.20
CA PHE B 227 29.20 -11.70 8.49
C PHE B 227 28.81 -10.42 9.22
N THR B 228 29.78 -9.80 9.90
CA THR B 228 29.55 -8.61 10.70
C THR B 228 30.18 -7.37 10.07
N GLY B 229 30.11 -7.26 8.74
CA GLY B 229 30.68 -6.14 8.04
C GLY B 229 29.84 -4.89 8.00
N HIS B 230 28.63 -4.92 8.53
CA HIS B 230 27.73 -3.78 8.47
C HIS B 230 27.83 -2.92 9.72
N GLU B 231 27.20 -1.75 9.65
CA GLU B 231 27.18 -0.82 10.77
C GLU B 231 25.78 -0.41 11.20
N SER B 232 24.73 -1.01 10.61
CA SER B 232 23.36 -0.67 10.95
C SER B 232 22.50 -1.91 10.81
N ASP B 233 21.21 -1.76 11.13
CA ASP B 233 20.29 -2.90 11.11
C ASP B 233 20.06 -3.36 9.68
N ILE B 234 20.26 -4.65 9.44
CA ILE B 234 20.03 -5.24 8.13
C ILE B 234 18.54 -5.48 7.96
N ASN B 235 17.98 -5.00 6.85
CA ASN B 235 16.56 -5.12 6.57
C ASN B 235 16.23 -6.21 5.57
N ALA B 236 17.00 -6.33 4.48
CA ALA B 236 16.75 -7.33 3.46
C ALA B 236 18.03 -8.06 3.12
N ILE B 237 17.91 -9.37 2.90
CA ILE B 237 19.04 -10.24 2.56
C ILE B 237 18.60 -11.20 1.47
N CYS B 238 19.49 -11.47 0.52
CA CYS B 238 19.15 -12.34 -0.60
C CYS B 238 20.43 -12.89 -1.23
N PHE B 239 20.36 -14.15 -1.66
CA PHE B 239 21.51 -14.83 -2.24
C PHE B 239 21.83 -14.34 -3.65
N PHE B 240 23.10 -14.43 -4.01
CA PHE B 240 23.48 -14.39 -5.42
C PHE B 240 22.91 -15.61 -6.14
N PRO B 241 22.60 -15.49 -7.43
CA PRO B 241 22.03 -16.64 -8.14
C PRO B 241 22.90 -17.88 -8.12
N ASN B 242 24.23 -17.73 -7.97
CA ASN B 242 25.09 -18.90 -7.88
C ASN B 242 24.86 -19.70 -6.60
N GLY B 243 24.20 -19.11 -5.61
CA GLY B 243 23.93 -19.80 -4.36
C GLY B 243 25.07 -19.78 -3.37
N ASN B 244 26.16 -19.05 -3.65
CA ASN B 244 27.32 -19.02 -2.79
C ASN B 244 27.56 -17.66 -2.16
N ALA B 245 27.21 -16.57 -2.84
CA ALA B 245 27.37 -15.23 -2.31
C ALA B 245 26.01 -14.61 -2.05
N PHE B 246 26.02 -13.49 -1.32
CA PHE B 246 24.79 -12.78 -1.01
C PHE B 246 25.13 -11.34 -0.65
N ALA B 247 24.10 -10.48 -0.69
CA ALA B 247 24.25 -9.08 -0.35
C ALA B 247 23.19 -8.68 0.67
N THR B 248 23.50 -7.64 1.43
CA THR B 248 22.64 -7.18 2.51
C THR B 248 22.37 -5.68 2.36
N GLY B 249 21.14 -5.29 2.65
CA GLY B 249 20.78 -3.88 2.66
C GLY B 249 20.38 -3.43 4.05
N SER B 250 21.04 -2.40 4.57
CA SER B 250 20.83 -1.95 5.93
C SER B 250 20.37 -0.48 5.93
N ASP B 251 20.17 0.05 7.14
CA ASP B 251 19.74 1.43 7.30
C ASP B 251 20.88 2.43 7.14
N ASP B 252 22.11 1.96 7.04
CA ASP B 252 23.28 2.82 6.89
C ASP B 252 23.46 3.35 5.47
N ALA B 253 22.46 3.19 4.60
CA ALA B 253 22.50 3.66 3.22
C ALA B 253 23.60 3.00 2.40
N THR B 254 24.15 1.88 2.86
CA THR B 254 25.19 1.15 2.14
C THR B 254 24.77 -0.29 1.99
N CYS B 255 25.04 -0.86 0.81
CA CYS B 255 24.81 -2.27 0.54
C CYS B 255 26.14 -2.99 0.43
N ARG B 256 26.27 -4.12 1.12
CA ARG B 256 27.51 -4.87 1.17
C ARG B 256 27.27 -6.29 0.68
N LEU B 257 28.21 -6.81 -0.11
CA LEU B 257 28.13 -8.16 -0.66
C LEU B 257 29.07 -9.08 0.10
N PHE B 258 28.57 -10.25 0.48
CA PHE B 258 29.34 -11.23 1.23
C PHE B 258 29.35 -12.56 0.48
N ASP B 259 30.45 -13.29 0.59
CA ASP B 259 30.59 -14.61 -0.01
C ASP B 259 30.92 -15.62 1.08
N LEU B 260 30.36 -16.83 0.95
CA LEU B 260 30.55 -17.85 1.96
C LEU B 260 31.94 -18.45 1.96
N ARG B 261 32.75 -18.16 0.93
CA ARG B 261 34.12 -18.66 0.89
C ARG B 261 35.08 -17.71 1.61
N ALA B 262 35.07 -16.44 1.22
CA ALA B 262 35.97 -15.46 1.83
C ALA B 262 35.67 -15.25 3.30
N ASP B 263 34.37 -15.26 3.66
CA ASP B 263 33.87 -14.98 5.01
C ASP B 263 34.07 -13.54 5.42
N GLN B 264 34.13 -12.61 4.46
CA GLN B 264 34.12 -11.19 4.75
C GLN B 264 33.55 -10.45 3.56
N GLU B 265 33.39 -9.13 3.72
CA GLU B 265 32.82 -8.31 2.67
C GLU B 265 33.74 -8.27 1.45
N LEU B 266 33.14 -8.36 0.26
CA LEU B 266 33.86 -8.24 -1.00
C LEU B 266 33.78 -6.85 -1.60
N MET B 267 32.60 -6.24 -1.61
CA MET B 267 32.41 -4.92 -2.20
C MET B 267 31.23 -4.25 -1.51
N THR B 268 31.34 -2.93 -1.33
CA THR B 268 30.28 -2.14 -0.71
C THR B 268 29.71 -1.16 -1.74
N TYR B 269 28.40 -0.97 -1.67
CA TYR B 269 27.68 -0.06 -2.58
C TYR B 269 27.16 1.11 -1.78
N SER B 270 27.67 2.31 -2.06
CA SER B 270 27.26 3.50 -1.33
C SER B 270 27.49 4.71 -2.22
N HIS B 271 26.84 5.82 -1.84
CA HIS B 271 26.99 7.08 -2.54
C HIS B 271 26.82 8.21 -1.55
N ASP B 272 27.48 9.34 -1.83
CA ASP B 272 27.39 10.49 -0.96
C ASP B 272 26.02 11.16 -0.98
N ASN B 273 25.23 10.92 -2.03
CA ASN B 273 23.92 11.52 -2.17
C ASN B 273 22.80 10.69 -1.54
N ILE B 274 23.12 9.54 -0.95
CA ILE B 274 22.14 8.66 -0.33
C ILE B 274 22.32 8.72 1.17
N ILE B 275 21.26 9.12 1.89
CA ILE B 275 21.29 9.21 3.34
C ILE B 275 20.10 8.44 3.90
N CYS B 276 19.58 7.50 3.12
CA CYS B 276 18.41 6.72 3.51
C CYS B 276 18.71 5.23 3.39
N GLY B 277 18.11 4.45 4.27
CA GLY B 277 18.42 3.03 4.37
C GLY B 277 17.80 2.20 3.26
N ILE B 278 18.20 0.93 3.24
CA ILE B 278 17.72 -0.04 2.26
C ILE B 278 16.84 -1.05 2.98
N THR B 279 15.65 -1.29 2.41
CA THR B 279 14.69 -2.21 3.00
C THR B 279 14.37 -3.42 2.13
N SER B 280 14.68 -3.37 0.83
CA SER B 280 14.46 -4.50 -0.06
C SER B 280 15.63 -4.62 -1.01
N VAL B 281 16.16 -5.83 -1.17
CA VAL B 281 17.30 -6.08 -2.04
C VAL B 281 17.05 -7.37 -2.81
N SER B 282 17.49 -7.39 -4.08
CA SER B 282 17.37 -8.58 -4.91
C SER B 282 18.44 -8.52 -6.01
N PHE B 283 18.72 -9.68 -6.59
CA PHE B 283 19.66 -9.83 -7.68
C PHE B 283 18.94 -10.18 -8.98
N SER B 284 19.49 -9.72 -10.09
CA SER B 284 19.11 -10.23 -11.40
C SER B 284 19.68 -11.64 -11.58
N LYS B 285 19.17 -12.34 -12.60
CA LYS B 285 19.59 -13.72 -12.81
C LYS B 285 21.09 -13.81 -13.13
N SER B 286 21.60 -12.89 -13.95
CA SER B 286 23.04 -12.83 -14.18
C SER B 286 23.79 -12.33 -12.95
N GLY B 287 23.12 -11.61 -12.05
CA GLY B 287 23.74 -11.09 -10.85
C GLY B 287 24.38 -9.73 -10.99
N ARG B 288 24.51 -9.21 -12.21
CA ARG B 288 25.13 -7.90 -12.39
C ARG B 288 24.29 -6.81 -11.77
N LEU B 289 22.98 -6.84 -11.99
CA LEU B 289 22.08 -5.77 -11.55
C LEU B 289 21.59 -6.10 -10.15
N LEU B 290 22.19 -5.46 -9.14
CA LEU B 290 21.73 -5.59 -7.77
C LEU B 290 20.69 -4.51 -7.53
N LEU B 291 19.47 -4.93 -7.21
CA LEU B 291 18.35 -4.03 -7.04
C LEU B 291 18.10 -3.82 -5.55
N ALA B 292 18.23 -2.58 -5.09
CA ALA B 292 18.05 -2.25 -3.69
C ALA B 292 16.95 -1.21 -3.54
N GLY B 293 16.03 -1.45 -2.62
CA GLY B 293 14.95 -0.54 -2.35
C GLY B 293 15.30 0.40 -1.22
N TYR B 294 15.42 1.68 -1.54
CA TYR B 294 15.83 2.70 -0.60
C TYR B 294 14.61 3.42 -0.02
N ASP B 295 14.88 4.28 0.96
CA ASP B 295 13.82 4.99 1.68
C ASP B 295 13.47 6.33 1.04
N ASP B 296 14.18 6.75 -0.01
CA ASP B 296 13.93 8.03 -0.67
C ASP B 296 12.97 7.91 -1.83
N PHE B 297 12.03 6.95 -1.77
CA PHE B 297 10.93 6.80 -2.71
C PHE B 297 11.38 6.35 -4.10
N ASN B 298 12.51 5.65 -4.20
CA ASN B 298 12.95 5.13 -5.49
C ASN B 298 13.86 3.93 -5.27
N CYS B 299 14.03 3.16 -6.35
CA CYS B 299 14.92 2.01 -6.36
C CYS B 299 16.14 2.31 -7.21
N ASN B 300 17.32 2.00 -6.70
CA ASN B 300 18.57 2.25 -7.39
C ASN B 300 19.15 0.92 -7.89
N VAL B 301 19.63 0.95 -9.13
CA VAL B 301 20.23 -0.23 -9.75
C VAL B 301 21.74 -0.18 -9.50
N TRP B 302 22.25 -1.20 -8.83
CA TRP B 302 23.66 -1.24 -8.46
C TRP B 302 24.36 -2.37 -9.21
N ASP B 303 25.52 -2.06 -9.78
CA ASP B 303 26.34 -3.07 -10.44
C ASP B 303 27.09 -3.86 -9.38
N ALA B 304 26.88 -5.19 -9.37
CA ALA B 304 27.48 -6.02 -8.33
C ALA B 304 29.00 -6.02 -8.44
N LEU B 305 29.53 -6.08 -9.65
CA LEU B 305 30.96 -6.17 -9.86
C LEU B 305 31.64 -4.81 -10.03
N LYS B 306 30.87 -3.72 -10.06
CA LYS B 306 31.45 -2.40 -10.30
C LYS B 306 30.97 -1.33 -9.33
N ALA B 307 29.90 -1.56 -8.57
CA ALA B 307 29.35 -0.58 -7.63
C ALA B 307 29.00 0.74 -8.32
N ASP B 308 28.48 0.65 -9.54
CA ASP B 308 28.12 1.84 -10.30
C ASP B 308 26.61 2.02 -10.34
N ARG B 309 26.19 3.27 -10.44
CA ARG B 309 24.77 3.61 -10.50
C ARG B 309 24.29 3.37 -11.93
N ALA B 310 23.89 2.14 -12.21
CA ALA B 310 23.44 1.79 -13.55
C ALA B 310 22.13 2.50 -13.90
N GLY B 311 21.21 2.59 -12.95
CA GLY B 311 19.93 3.22 -13.21
C GLY B 311 19.17 3.45 -11.92
N VAL B 312 18.05 4.14 -12.05
CA VAL B 312 17.19 4.50 -10.93
C VAL B 312 15.75 4.25 -11.31
N LEU B 313 14.96 3.73 -10.38
CA LEU B 313 13.54 3.44 -10.57
C LEU B 313 12.75 4.38 -9.68
N ALA B 314 12.40 5.56 -10.20
CA ALA B 314 11.75 6.61 -9.43
C ALA B 314 10.25 6.71 -9.76
N GLY B 315 9.61 5.57 -9.99
CA GLY B 315 8.20 5.54 -10.29
C GLY B 315 7.27 5.46 -9.10
N HIS B 316 7.80 5.49 -7.89
CA HIS B 316 7.00 5.35 -6.68
C HIS B 316 7.04 6.64 -5.87
N ASP B 317 5.91 6.99 -5.26
CA ASP B 317 5.78 8.19 -4.45
C ASP B 317 5.92 7.91 -2.96
N ASN B 318 6.23 6.66 -2.59
CA ASN B 318 6.38 6.29 -1.19
C ASN B 318 7.53 5.30 -1.07
N ARG B 319 7.77 4.84 0.16
CA ARG B 319 8.86 3.91 0.41
C ARG B 319 8.66 2.60 -0.34
N VAL B 320 9.69 2.15 -1.04
CA VAL B 320 9.63 0.88 -1.79
C VAL B 320 10.03 -0.22 -0.80
N SER B 321 9.05 -0.70 -0.04
CA SER B 321 9.32 -1.64 1.03
C SER B 321 9.78 -3.00 0.50
N CYS B 322 9.27 -3.42 -0.65
CA CYS B 322 9.52 -4.77 -1.16
C CYS B 322 9.94 -4.72 -2.62
N LEU B 323 10.72 -5.71 -3.03
CA LEU B 323 11.22 -5.83 -4.39
C LEU B 323 11.48 -7.30 -4.68
N GLY B 324 11.11 -7.74 -5.88
CA GLY B 324 11.31 -9.11 -6.28
C GLY B 324 11.60 -9.22 -7.77
N VAL B 325 12.34 -10.26 -8.11
CA VAL B 325 12.76 -10.52 -9.49
C VAL B 325 12.28 -11.90 -9.90
N THR B 326 11.79 -12.02 -11.12
CA THR B 326 11.29 -13.30 -11.62
C THR B 326 12.42 -14.31 -11.72
N ASP B 327 12.05 -15.60 -11.64
CA ASP B 327 13.04 -16.66 -11.66
C ASP B 327 13.77 -16.77 -12.99
N ASP B 328 13.21 -16.22 -14.06
CA ASP B 328 13.91 -16.13 -15.34
C ASP B 328 14.43 -14.72 -15.61
N GLY B 329 14.20 -13.77 -14.70
CA GLY B 329 14.68 -12.43 -14.87
C GLY B 329 13.98 -11.61 -15.92
N MET B 330 12.77 -11.99 -16.32
CA MET B 330 12.06 -11.26 -17.37
C MET B 330 11.74 -9.84 -16.94
N ALA B 331 11.26 -9.66 -15.71
CA ALA B 331 10.86 -8.33 -15.25
C ALA B 331 10.95 -8.29 -13.73
N VAL B 332 10.92 -7.07 -13.20
CA VAL B 332 11.03 -6.83 -11.76
C VAL B 332 9.78 -6.08 -11.32
N ALA B 333 9.07 -6.65 -10.35
CA ALA B 333 7.89 -6.01 -9.76
C ALA B 333 8.28 -5.41 -8.43
N THR B 334 8.21 -4.08 -8.33
CA THR B 334 8.58 -3.35 -7.13
C THR B 334 7.31 -2.84 -6.47
N GLY B 335 7.07 -3.27 -5.23
CA GLY B 335 5.94 -2.83 -4.45
C GLY B 335 6.37 -1.79 -3.43
N SER B 336 5.57 -0.74 -3.28
CA SER B 336 5.87 0.37 -2.40
C SER B 336 4.67 0.62 -1.49
N TRP B 337 4.79 1.64 -0.65
CA TRP B 337 3.76 1.98 0.33
C TRP B 337 2.62 2.78 -0.27
N ASP B 338 2.59 2.99 -1.58
CA ASP B 338 1.50 3.69 -2.24
C ASP B 338 0.40 2.73 -2.71
N SER B 339 0.41 1.48 -2.24
CA SER B 339 -0.58 0.46 -2.55
C SER B 339 -0.56 0.04 -4.02
N PHE B 340 0.53 0.31 -4.73
CA PHE B 340 0.67 -0.08 -6.13
C PHE B 340 1.99 -0.82 -6.33
N LEU B 341 1.97 -1.81 -7.22
CA LEU B 341 3.18 -2.50 -7.65
C LEU B 341 3.51 -2.07 -9.07
N LYS B 342 4.76 -1.69 -9.30
CA LYS B 342 5.24 -1.30 -10.62
C LYS B 342 6.19 -2.38 -11.13
N ILE B 343 5.89 -2.90 -12.31
CA ILE B 343 6.69 -3.95 -12.93
C ILE B 343 7.57 -3.31 -13.99
N TRP B 344 8.89 -3.50 -13.86
CA TRP B 344 9.87 -2.87 -14.73
C TRP B 344 10.57 -3.93 -15.57
N ASN B 345 10.75 -3.62 -16.86
CA ASN B 345 11.39 -4.54 -17.78
C ASN B 345 12.32 -3.78 -18.73
N VAL D 39 -17.59 -31.04 -2.38
CA VAL D 39 -18.05 -30.67 -3.71
C VAL D 39 -19.06 -31.70 -4.22
N GLN D 40 -20.30 -31.26 -4.39
CA GLN D 40 -21.37 -32.16 -4.84
C GLN D 40 -22.39 -31.34 -5.61
N LEU D 41 -22.81 -31.86 -6.76
CA LEU D 41 -23.84 -31.23 -7.59
C LEU D 41 -24.96 -32.21 -7.83
N VAL D 42 -26.18 -31.83 -7.45
CA VAL D 42 -27.36 -32.65 -7.65
C VAL D 42 -28.44 -31.78 -8.31
N GLU D 43 -29.13 -32.35 -9.29
CA GLU D 43 -30.16 -31.65 -10.03
C GLU D 43 -31.53 -32.19 -9.67
N SER D 44 -32.55 -31.33 -9.75
CA SER D 44 -33.92 -31.70 -9.44
C SER D 44 -34.84 -31.27 -10.57
N GLY D 45 -35.92 -32.02 -10.75
CA GLY D 45 -36.88 -31.71 -11.80
C GLY D 45 -36.58 -32.42 -13.10
N GLY D 46 -37.63 -32.70 -13.86
CA GLY D 46 -37.49 -33.40 -15.12
C GLY D 46 -38.58 -34.42 -15.36
N GLY D 47 -38.24 -35.51 -16.07
CA GLY D 47 -39.20 -36.54 -16.37
C GLY D 47 -39.72 -36.45 -17.79
N LEU D 48 -41.04 -36.40 -17.95
CA LEU D 48 -41.67 -36.25 -19.25
C LEU D 48 -42.49 -34.97 -19.27
N VAL D 49 -42.29 -34.16 -20.31
CA VAL D 49 -42.98 -32.88 -20.45
C VAL D 49 -43.53 -32.79 -21.87
N GLN D 50 -44.72 -32.21 -21.98
CA GLN D 50 -45.32 -31.98 -23.29
C GLN D 50 -44.48 -30.98 -24.08
N PRO D 51 -44.56 -31.04 -25.42
CA PRO D 51 -43.75 -30.10 -26.22
C PRO D 51 -44.03 -28.64 -25.91
N GLY D 52 -45.28 -28.29 -25.61
CA GLY D 52 -45.61 -26.95 -25.22
C GLY D 52 -45.55 -26.68 -23.73
N GLY D 53 -45.15 -27.66 -22.92
CA GLY D 53 -45.08 -27.48 -21.49
C GLY D 53 -43.81 -26.78 -21.04
N SER D 54 -43.80 -26.40 -19.77
CA SER D 54 -42.67 -25.72 -19.16
C SER D 54 -42.23 -26.47 -17.92
N ARG D 55 -40.92 -26.58 -17.74
CA ARG D 55 -40.34 -27.28 -16.59
C ARG D 55 -39.19 -26.45 -16.03
N LYS D 56 -39.07 -26.43 -14.70
CA LYS D 56 -38.04 -25.67 -14.01
C LYS D 56 -36.93 -26.63 -13.60
N LEU D 57 -35.76 -26.48 -14.24
CA LEU D 57 -34.59 -27.29 -13.91
C LEU D 57 -33.73 -26.55 -12.90
N SER D 58 -33.45 -27.19 -11.77
CA SER D 58 -32.70 -26.60 -10.68
C SER D 58 -31.47 -27.43 -10.39
N CYS D 59 -30.34 -26.74 -10.19
CA CYS D 59 -29.07 -27.36 -9.80
C CYS D 59 -28.62 -26.74 -8.49
N SER D 60 -28.66 -27.53 -7.41
CA SER D 60 -28.32 -27.05 -6.09
C SER D 60 -26.87 -27.37 -5.77
N ALA D 61 -26.16 -26.37 -5.25
CA ALA D 61 -24.75 -26.51 -4.91
C ALA D 61 -24.58 -26.70 -3.42
N SER D 62 -23.71 -27.64 -3.04
CA SER D 62 -23.44 -27.93 -1.64
C SER D 62 -21.94 -28.01 -1.42
N GLY D 63 -21.49 -27.53 -0.26
CA GLY D 63 -20.09 -27.60 0.10
C GLY D 63 -19.25 -26.47 -0.45
N PHE D 64 -19.02 -26.47 -1.76
CA PHE D 64 -18.15 -25.49 -2.38
C PHE D 64 -18.85 -24.12 -2.47
N ALA D 65 -18.04 -23.09 -2.70
CA ALA D 65 -18.55 -21.73 -2.81
C ALA D 65 -19.22 -21.54 -4.16
N PHE D 66 -20.54 -21.42 -4.16
CA PHE D 66 -21.29 -21.26 -5.41
C PHE D 66 -21.00 -19.93 -6.07
N SER D 67 -20.75 -18.89 -5.27
CA SER D 67 -20.60 -17.53 -5.82
C SER D 67 -19.41 -17.44 -6.76
N SER D 68 -18.28 -18.04 -6.40
CA SER D 68 -17.05 -17.88 -7.16
C SER D 68 -16.91 -18.87 -8.31
N PHE D 69 -17.84 -19.81 -8.46
CA PHE D 69 -17.75 -20.84 -9.49
C PHE D 69 -18.86 -20.63 -10.51
N GLY D 70 -18.49 -20.49 -11.78
CA GLY D 70 -19.47 -20.44 -12.84
C GLY D 70 -20.02 -21.81 -13.17
N MET D 71 -21.23 -21.82 -13.75
CA MET D 71 -21.93 -23.06 -14.04
C MET D 71 -22.34 -23.11 -15.51
N HIS D 72 -21.97 -24.19 -16.18
CA HIS D 72 -22.39 -24.47 -17.54
C HIS D 72 -23.53 -25.49 -17.53
N TRP D 73 -24.26 -25.56 -18.63
CA TRP D 73 -25.25 -26.59 -18.87
C TRP D 73 -24.86 -27.34 -20.14
N VAL D 74 -24.69 -28.66 -20.03
CA VAL D 74 -24.31 -29.51 -21.14
C VAL D 74 -25.34 -30.62 -21.28
N ARG D 75 -25.86 -30.80 -22.49
CA ARG D 75 -26.87 -31.80 -22.76
C ARG D 75 -26.25 -33.04 -23.39
N GLN D 76 -26.80 -34.20 -23.04
CA GLN D 76 -26.36 -35.49 -23.59
C GLN D 76 -27.59 -36.20 -24.14
N ALA D 77 -27.85 -36.02 -25.43
CA ALA D 77 -28.94 -36.73 -26.07
C ALA D 77 -28.55 -38.20 -26.26
N PRO D 78 -29.53 -39.11 -26.28
CA PRO D 78 -29.20 -40.54 -26.38
C PRO D 78 -28.44 -40.86 -27.66
N GLU D 79 -27.54 -41.84 -27.55
CA GLU D 79 -26.76 -42.39 -28.68
C GLU D 79 -26.14 -41.30 -29.55
N LYS D 80 -25.63 -40.24 -28.90
CA LYS D 80 -24.88 -39.20 -29.58
C LYS D 80 -24.09 -38.43 -28.53
N GLY D 81 -23.35 -37.41 -28.98
CA GLY D 81 -22.40 -36.72 -28.15
C GLY D 81 -23.01 -35.60 -27.33
N LEU D 82 -22.13 -34.85 -26.68
CA LEU D 82 -22.48 -33.75 -25.79
C LEU D 82 -22.75 -32.48 -26.59
N GLU D 83 -23.32 -31.48 -25.90
CA GLU D 83 -23.59 -30.18 -26.51
C GLU D 83 -23.82 -29.16 -25.40
N TRP D 84 -23.20 -27.99 -25.53
CA TRP D 84 -23.35 -26.94 -24.54
C TRP D 84 -24.72 -26.27 -24.67
N VAL D 85 -25.24 -25.79 -23.55
CA VAL D 85 -26.55 -25.16 -23.52
C VAL D 85 -26.45 -23.69 -23.13
N ALA D 86 -25.96 -23.42 -21.92
CA ALA D 86 -25.95 -22.04 -21.43
C ALA D 86 -24.87 -21.91 -20.36
N TYR D 87 -24.55 -20.66 -20.04
CA TYR D 87 -23.54 -20.34 -19.04
C TYR D 87 -23.81 -18.97 -18.43
N ILE D 88 -23.47 -18.85 -17.15
CA ILE D 88 -23.47 -17.58 -16.43
C ILE D 88 -22.11 -17.42 -15.75
N SER D 89 -21.52 -16.25 -15.89
CA SER D 89 -20.24 -15.97 -15.24
C SER D 89 -20.43 -15.84 -13.73
N SER D 90 -19.33 -15.60 -13.03
CA SER D 90 -19.38 -15.46 -11.58
C SER D 90 -20.17 -14.23 -11.18
N GLY D 91 -20.97 -14.37 -10.13
CA GLY D 91 -21.78 -13.27 -9.63
C GLY D 91 -22.87 -12.81 -10.58
N SER D 92 -23.48 -13.74 -11.30
CA SER D 92 -24.58 -13.44 -12.23
C SER D 92 -24.15 -12.38 -13.25
N GLY D 93 -22.96 -12.57 -13.81
CA GLY D 93 -22.41 -11.60 -14.75
C GLY D 93 -22.72 -11.92 -16.20
N THR D 94 -21.69 -12.23 -16.98
CA THR D 94 -21.87 -12.51 -18.40
C THR D 94 -22.65 -13.80 -18.58
N ILE D 95 -23.67 -13.75 -19.45
CA ILE D 95 -24.53 -14.89 -19.73
C ILE D 95 -24.46 -15.16 -21.23
N TYR D 96 -24.16 -16.42 -21.59
CA TYR D 96 -24.07 -16.85 -22.98
C TYR D 96 -25.00 -18.03 -23.20
N TYR D 97 -25.53 -18.15 -24.41
CA TYR D 97 -26.43 -19.23 -24.79
C TYR D 97 -25.98 -19.85 -26.10
N ALA D 98 -26.28 -21.12 -26.27
CA ALA D 98 -25.99 -21.81 -27.52
C ALA D 98 -26.95 -21.33 -28.61
N ASP D 99 -26.50 -21.44 -29.86
CA ASP D 99 -27.27 -20.93 -30.99
C ASP D 99 -28.64 -21.60 -31.07
N THR D 100 -28.71 -22.89 -30.75
CA THR D 100 -29.97 -23.61 -30.80
C THR D 100 -30.96 -23.12 -29.75
N VAL D 101 -30.48 -22.71 -28.57
CA VAL D 101 -31.34 -22.41 -27.43
C VAL D 101 -31.37 -20.94 -27.07
N LYS D 102 -30.97 -20.04 -27.98
CA LYS D 102 -31.07 -18.62 -27.71
C LYS D 102 -32.53 -18.21 -27.58
N GLY D 103 -32.82 -17.41 -26.56
CA GLY D 103 -34.18 -16.91 -26.34
C GLY D 103 -35.18 -17.90 -25.79
N ARG D 104 -35.23 -19.10 -26.35
CA ARG D 104 -36.19 -20.09 -25.90
C ARG D 104 -35.92 -20.52 -24.47
N PHE D 105 -34.66 -20.73 -24.12
CA PHE D 105 -34.25 -21.13 -22.77
C PHE D 105 -33.46 -20.01 -22.13
N THR D 106 -33.80 -19.69 -20.88
CA THR D 106 -33.11 -18.66 -20.10
C THR D 106 -32.56 -19.30 -18.84
N ILE D 107 -31.32 -18.96 -18.50
CA ILE D 107 -30.65 -19.50 -17.32
C ILE D 107 -30.50 -18.39 -16.28
N SER D 108 -30.66 -18.76 -15.01
CA SER D 108 -30.60 -17.81 -13.91
C SER D 108 -29.69 -18.35 -12.81
N ARG D 109 -29.11 -17.43 -12.05
CA ARG D 109 -28.22 -17.75 -10.95
C ARG D 109 -28.66 -16.98 -9.71
N ASP D 110 -28.51 -17.61 -8.54
CA ASP D 110 -28.93 -16.99 -7.29
C ASP D 110 -28.01 -17.53 -6.19
N ASP D 111 -27.00 -16.74 -5.84
CA ASP D 111 -25.93 -17.22 -4.96
C ASP D 111 -26.38 -17.59 -3.56
N PRO D 112 -27.18 -16.78 -2.83
CA PRO D 112 -27.36 -17.07 -1.39
C PRO D 112 -27.90 -18.47 -1.09
N LYS D 113 -28.79 -19.01 -1.91
CA LYS D 113 -29.26 -20.37 -1.70
C LYS D 113 -28.44 -21.41 -2.45
N ASN D 114 -27.39 -20.99 -3.17
CA ASN D 114 -26.48 -21.89 -3.85
C ASN D 114 -27.21 -22.83 -4.80
N THR D 115 -28.16 -22.28 -5.55
CA THR D 115 -28.96 -23.06 -6.49
C THR D 115 -28.91 -22.40 -7.86
N LEU D 116 -28.73 -23.23 -8.90
CA LEU D 116 -28.70 -22.78 -10.28
C LEU D 116 -29.99 -23.19 -10.96
N PHE D 117 -30.63 -22.24 -11.64
CA PHE D 117 -31.94 -22.45 -12.25
C PHE D 117 -31.83 -22.39 -13.77
N LEU D 118 -32.50 -23.33 -14.43
CA LEU D 118 -32.60 -23.36 -15.88
C LEU D 118 -34.07 -23.43 -16.25
N GLN D 119 -34.51 -22.52 -17.12
CA GLN D 119 -35.93 -22.37 -17.45
C GLN D 119 -36.22 -22.99 -18.82
N MET D 120 -37.14 -23.94 -18.85
CA MET D 120 -37.62 -24.55 -20.09
C MET D 120 -38.96 -23.94 -20.45
N THR D 121 -39.08 -23.40 -21.65
CA THR D 121 -40.33 -22.80 -22.11
C THR D 121 -41.07 -23.72 -23.08
N SER D 122 -40.39 -24.18 -24.13
CA SER D 122 -40.99 -25.09 -25.11
C SER D 122 -39.95 -26.13 -25.50
N LEU D 123 -40.24 -27.39 -25.21
CA LEU D 123 -39.31 -28.48 -25.52
C LEU D 123 -39.59 -29.01 -26.91
N ARG D 124 -38.60 -28.88 -27.80
CA ARG D 124 -38.73 -29.38 -29.17
C ARG D 124 -38.37 -30.87 -29.21
N SER D 125 -38.30 -31.43 -30.41
CA SER D 125 -37.95 -32.84 -30.55
C SER D 125 -36.52 -33.10 -30.09
N GLU D 126 -35.60 -32.19 -30.40
CA GLU D 126 -34.20 -32.34 -30.06
C GLU D 126 -33.86 -31.85 -28.66
N ASP D 127 -34.84 -31.31 -27.93
CA ASP D 127 -34.59 -30.78 -26.60
C ASP D 127 -34.45 -31.86 -25.53
N THR D 128 -34.85 -33.10 -25.83
CA THR D 128 -34.66 -34.19 -24.87
C THR D 128 -33.21 -34.63 -24.86
N ALA D 129 -32.61 -34.67 -23.68
CA ALA D 129 -31.20 -35.00 -23.51
C ALA D 129 -30.90 -35.16 -22.03
N MET D 130 -29.71 -35.67 -21.75
CA MET D 130 -29.23 -35.72 -20.37
C MET D 130 -28.53 -34.42 -20.03
N TYR D 131 -29.14 -33.63 -19.14
CA TYR D 131 -28.62 -32.31 -18.79
C TYR D 131 -27.68 -32.42 -17.60
N TYR D 132 -26.51 -31.81 -17.72
CA TYR D 132 -25.46 -31.89 -16.71
C TYR D 132 -25.15 -30.51 -16.14
N CYS D 133 -24.99 -30.44 -14.82
CA CYS D 133 -24.54 -29.23 -14.13
C CYS D 133 -23.03 -29.29 -14.01
N VAL D 134 -22.34 -28.31 -14.58
CA VAL D 134 -20.89 -28.32 -14.72
C VAL D 134 -20.31 -27.12 -13.99
N ARG D 135 -19.32 -27.37 -13.14
CA ARG D 135 -18.58 -26.32 -12.46
C ARG D 135 -17.51 -25.74 -13.39
N SER D 136 -17.16 -24.48 -13.12
CA SER D 136 -16.14 -23.79 -13.92
C SER D 136 -15.62 -22.54 -13.24
N ILE D 137 -14.29 -22.39 -13.20
CA ILE D 137 -13.64 -21.17 -12.76
C ILE D 137 -12.42 -20.96 -13.64
N TYR D 138 -12.13 -19.71 -13.98
CA TYR D 138 -11.15 -19.38 -15.02
C TYR D 138 -10.04 -18.50 -14.45
N TYR D 139 -8.82 -19.04 -14.45
CA TYR D 139 -7.58 -18.34 -14.13
C TYR D 139 -6.44 -19.28 -14.48
N TYR D 140 -5.21 -18.83 -14.30
CA TYR D 140 -4.09 -19.70 -14.58
C TYR D 140 -3.97 -20.79 -13.52
N GLY D 141 -3.80 -22.02 -13.97
CA GLY D 141 -3.81 -23.17 -13.09
C GLY D 141 -5.19 -23.65 -12.71
N SER D 142 -6.24 -23.00 -13.23
CA SER D 142 -7.60 -23.44 -12.99
C SER D 142 -7.93 -24.66 -13.86
N SER D 143 -8.91 -25.43 -13.41
CA SER D 143 -9.39 -26.60 -14.14
C SER D 143 -10.91 -26.52 -14.24
N PRO D 144 -11.42 -25.66 -15.11
CA PRO D 144 -12.88 -25.61 -15.31
C PRO D 144 -13.38 -26.89 -15.97
N PHE D 145 -14.66 -27.18 -15.76
CA PHE D 145 -15.33 -28.39 -16.22
C PHE D 145 -14.79 -29.65 -15.53
N ASP D 146 -14.12 -29.49 -14.39
CA ASP D 146 -13.57 -30.66 -13.69
C ASP D 146 -14.69 -31.50 -13.08
N PHE D 147 -15.69 -30.86 -12.50
CA PHE D 147 -16.78 -31.54 -11.81
C PHE D 147 -18.06 -31.42 -12.63
N TRP D 148 -18.73 -32.55 -12.83
CA TRP D 148 -19.98 -32.59 -13.57
C TRP D 148 -21.06 -33.23 -12.71
N GLY D 149 -22.27 -32.66 -12.78
CA GLY D 149 -23.37 -33.15 -11.98
C GLY D 149 -23.93 -34.48 -12.49
N GLN D 150 -24.71 -35.12 -11.62
CA GLN D 150 -25.32 -36.40 -11.99
C GLN D 150 -26.34 -36.22 -13.11
N GLY D 151 -27.17 -35.19 -13.03
CA GLY D 151 -28.13 -34.90 -14.07
C GLY D 151 -29.49 -35.54 -13.83
N THR D 152 -30.48 -35.04 -14.57
CA THR D 152 -31.85 -35.52 -14.49
C THR D 152 -32.39 -35.73 -15.90
N THR D 153 -33.34 -36.65 -16.02
CA THR D 153 -33.89 -37.05 -17.31
C THR D 153 -34.99 -36.09 -17.75
N LEU D 154 -34.88 -35.59 -18.98
CA LEU D 154 -35.91 -34.75 -19.58
C LEU D 154 -36.28 -35.36 -20.93
N THR D 155 -37.58 -35.67 -21.09
CA THR D 155 -38.08 -36.28 -22.32
C THR D 155 -39.28 -35.49 -22.82
N VAL D 156 -39.52 -35.58 -24.13
CA VAL D 156 -40.62 -34.89 -24.79
C VAL D 156 -41.57 -35.93 -25.36
N SER D 157 -42.85 -35.80 -25.05
CA SER D 157 -43.86 -36.73 -25.54
C SER D 157 -44.09 -36.57 -27.04
N SER D 174 -17.57 -19.20 -38.60
CA SER D 174 -18.56 -20.19 -38.19
C SER D 174 -18.18 -20.84 -36.86
N ASP D 175 -19.13 -21.53 -36.25
CA ASP D 175 -18.87 -22.19 -34.98
C ASP D 175 -17.92 -23.36 -35.16
N ILE D 176 -17.10 -23.61 -34.14
CA ILE D 176 -16.15 -24.71 -34.19
C ILE D 176 -16.89 -26.04 -34.13
N VAL D 177 -16.52 -26.96 -35.00
CA VAL D 177 -17.11 -28.29 -35.05
C VAL D 177 -16.00 -29.32 -34.91
N MET D 178 -16.29 -30.42 -34.23
CA MET D 178 -15.32 -31.47 -33.98
C MET D 178 -15.68 -32.72 -34.78
N THR D 179 -14.67 -33.30 -35.44
CA THR D 179 -14.79 -34.60 -36.07
C THR D 179 -13.70 -35.51 -35.51
N GLN D 180 -14.04 -36.76 -35.24
CA GLN D 180 -13.12 -37.72 -34.66
C GLN D 180 -12.74 -38.78 -35.67
N ALA D 181 -11.59 -39.42 -35.44
CA ALA D 181 -11.09 -40.43 -36.36
C ALA D 181 -12.03 -41.61 -36.46
N THR D 182 -12.50 -42.11 -35.31
CA THR D 182 -13.41 -43.24 -35.28
C THR D 182 -14.21 -43.20 -33.98
N SER D 183 -15.50 -43.53 -34.08
CA SER D 183 -16.37 -43.50 -32.91
C SER D 183 -16.12 -44.67 -31.96
N SER D 184 -15.61 -45.79 -32.45
CA SER D 184 -15.35 -46.96 -31.63
C SER D 184 -13.95 -47.48 -31.88
N VAL D 185 -13.18 -47.65 -30.82
CA VAL D 185 -11.81 -48.16 -30.93
C VAL D 185 -11.67 -49.37 -30.00
N PRO D 186 -11.91 -50.59 -30.50
CA PRO D 186 -11.72 -51.78 -29.65
C PRO D 186 -10.26 -51.97 -29.26
N VAL D 187 -9.95 -51.81 -27.98
CA VAL D 187 -8.58 -51.92 -27.49
C VAL D 187 -8.60 -52.73 -26.19
N THR D 188 -7.65 -53.66 -26.08
CA THR D 188 -7.52 -54.48 -24.89
C THR D 188 -6.89 -53.70 -23.75
N PRO D 189 -7.19 -54.06 -22.51
CA PRO D 189 -6.57 -53.39 -21.36
C PRO D 189 -5.06 -53.55 -21.37
N GLY D 190 -4.38 -52.56 -20.81
CA GLY D 190 -2.92 -52.57 -20.72
C GLY D 190 -2.16 -51.85 -21.82
N GLU D 191 -2.45 -52.19 -23.07
CA GLU D 191 -1.75 -51.55 -24.19
C GLU D 191 -2.18 -50.10 -24.34
N SER D 192 -1.33 -49.32 -25.01
CA SER D 192 -1.55 -47.89 -25.14
C SER D 192 -2.78 -47.60 -26.01
N VAL D 193 -3.41 -46.46 -25.74
CA VAL D 193 -4.59 -46.00 -26.46
C VAL D 193 -4.34 -44.60 -26.99
N SER D 194 -4.66 -44.39 -28.26
CA SER D 194 -4.48 -43.10 -28.90
C SER D 194 -5.82 -42.62 -29.44
N ILE D 195 -6.23 -41.41 -29.04
CA ILE D 195 -7.47 -40.80 -29.49
C ILE D 195 -7.13 -39.47 -30.15
N SER D 196 -7.67 -39.23 -31.34
CA SER D 196 -7.38 -38.03 -32.11
C SER D 196 -8.67 -37.30 -32.45
N CYS D 197 -8.55 -35.97 -32.59
CA CYS D 197 -9.68 -35.14 -32.93
C CYS D 197 -9.19 -33.97 -33.78
N ARG D 198 -10.12 -33.34 -34.50
CA ARG D 198 -9.82 -32.25 -35.40
C ARG D 198 -10.73 -31.06 -35.11
N SER D 199 -10.25 -29.88 -35.48
CA SER D 199 -10.99 -28.64 -35.30
C SER D 199 -11.03 -27.88 -36.62
N SER D 200 -12.03 -27.00 -36.73
CA SER D 200 -12.20 -26.23 -37.96
C SER D 200 -11.00 -25.31 -38.20
N LYS D 201 -10.51 -24.65 -37.16
CA LYS D 201 -9.36 -23.78 -37.26
C LYS D 201 -8.48 -23.98 -36.02
N SER D 202 -7.26 -23.45 -36.09
CA SER D 202 -6.31 -23.59 -35.00
C SER D 202 -6.85 -22.96 -33.73
N LEU D 203 -6.76 -23.69 -32.62
CA LEU D 203 -7.19 -23.21 -31.33
C LEU D 203 -6.09 -22.53 -30.54
N LEU D 204 -4.89 -22.42 -31.11
CA LEU D 204 -3.75 -21.80 -30.43
C LEU D 204 -3.96 -20.29 -30.40
N HIS D 205 -4.42 -19.79 -29.26
CA HIS D 205 -4.56 -18.35 -29.07
C HIS D 205 -3.19 -17.68 -29.05
N SER D 206 -3.17 -16.40 -29.44
CA SER D 206 -1.92 -15.66 -29.52
C SER D 206 -1.20 -15.56 -28.18
N ASN D 207 -1.92 -15.73 -27.07
CA ASN D 207 -1.28 -15.68 -25.76
C ASN D 207 -0.28 -16.81 -25.55
N GLY D 208 -0.49 -17.95 -26.21
CA GLY D 208 0.44 -19.06 -26.13
C GLY D 208 -0.11 -20.36 -25.58
N ASN D 209 -1.43 -20.56 -25.55
CA ASN D 209 -2.03 -21.79 -25.07
C ASN D 209 -3.17 -22.20 -25.99
N THR D 210 -3.48 -23.50 -25.96
CA THR D 210 -4.57 -24.07 -26.75
C THR D 210 -5.73 -24.41 -25.84
N TYR D 211 -6.94 -24.02 -26.24
CA TYR D 211 -8.13 -24.28 -25.45
C TYR D 211 -8.78 -25.58 -25.92
N LEU D 212 -8.16 -26.69 -25.53
CA LEU D 212 -8.66 -28.02 -25.83
C LEU D 212 -8.87 -28.76 -24.51
N TYR D 213 -10.09 -29.26 -24.30
CA TYR D 213 -10.46 -29.96 -23.07
C TYR D 213 -10.87 -31.38 -23.42
N TRP D 214 -10.38 -32.34 -22.64
CA TRP D 214 -10.68 -33.75 -22.85
C TRP D 214 -11.54 -34.26 -21.69
N PHE D 215 -12.54 -35.08 -22.02
CA PHE D 215 -13.47 -35.61 -21.03
C PHE D 215 -13.61 -37.12 -21.19
N LEU D 216 -13.86 -37.79 -20.08
CA LEU D 216 -14.09 -39.23 -20.06
C LEU D 216 -15.41 -39.49 -19.34
N GLN D 217 -16.32 -40.20 -19.99
CA GLN D 217 -17.63 -40.52 -19.44
C GLN D 217 -17.76 -42.03 -19.29
N ARG D 218 -17.70 -42.50 -18.05
CA ARG D 218 -17.92 -43.91 -17.78
C ARG D 218 -19.39 -44.26 -17.94
N PRO D 219 -19.70 -45.52 -18.24
CA PRO D 219 -21.11 -45.92 -18.38
C PRO D 219 -21.88 -45.67 -17.10
N GLY D 220 -22.96 -44.88 -17.21
CA GLY D 220 -23.76 -44.56 -16.05
C GLY D 220 -23.14 -43.57 -15.09
N GLN D 221 -22.14 -42.80 -15.53
CA GLN D 221 -21.47 -41.83 -14.68
C GLN D 221 -21.32 -40.52 -15.44
N SER D 222 -21.20 -39.43 -14.68
CA SER D 222 -21.03 -38.12 -15.27
C SER D 222 -19.64 -38.01 -15.91
N PRO D 223 -19.49 -37.19 -16.95
CA PRO D 223 -18.18 -37.03 -17.58
C PRO D 223 -17.17 -36.46 -16.61
N GLN D 224 -15.93 -36.93 -16.74
CA GLN D 224 -14.83 -36.51 -15.88
C GLN D 224 -13.74 -35.87 -16.74
N LEU D 225 -13.25 -34.70 -16.31
CA LEU D 225 -12.21 -34.01 -17.05
C LEU D 225 -10.88 -34.73 -16.90
N LEU D 226 -10.25 -35.05 -18.03
CA LEU D 226 -8.94 -35.71 -18.01
C LEU D 226 -7.80 -34.71 -18.13
N ILE D 227 -7.77 -33.95 -19.22
CA ILE D 227 -6.72 -32.98 -19.47
C ILE D 227 -7.35 -31.68 -19.94
N TYR D 228 -6.93 -30.56 -19.35
CA TYR D 228 -7.39 -29.24 -19.76
C TYR D 228 -6.21 -28.49 -20.39
N ARG D 229 -6.51 -27.72 -21.45
CA ARG D 229 -5.53 -26.97 -22.22
C ARG D 229 -4.53 -27.88 -22.93
N MET D 230 -4.86 -29.17 -23.07
CA MET D 230 -4.14 -30.13 -23.91
C MET D 230 -2.79 -30.50 -23.30
N SER D 231 -2.39 -29.83 -22.22
CA SER D 231 -1.07 -30.05 -21.63
C SER D 231 -1.08 -30.26 -20.13
N ASN D 232 -2.12 -29.85 -19.41
CA ASN D 232 -2.17 -29.95 -17.96
C ASN D 232 -3.20 -30.98 -17.54
N LEU D 233 -2.78 -31.94 -16.73
CA LEU D 233 -3.69 -32.96 -16.22
C LEU D 233 -4.62 -32.37 -15.17
N ALA D 234 -5.79 -32.98 -15.03
CA ALA D 234 -6.76 -32.53 -14.04
C ALA D 234 -6.33 -32.94 -12.64
N SER D 235 -7.15 -32.58 -11.66
CA SER D 235 -6.89 -32.91 -10.27
C SER D 235 -7.47 -34.28 -9.93
N GLY D 236 -6.61 -35.18 -9.47
CA GLY D 236 -7.01 -36.53 -9.12
C GLY D 236 -6.92 -37.54 -10.24
N VAL D 237 -6.70 -37.10 -11.47
CA VAL D 237 -6.56 -38.01 -12.61
C VAL D 237 -5.17 -38.65 -12.55
N PRO D 238 -5.04 -39.92 -12.87
CA PRO D 238 -3.70 -40.53 -12.92
C PRO D 238 -2.86 -39.91 -14.03
N ASP D 239 -1.55 -39.91 -13.83
CA ASP D 239 -0.61 -39.30 -14.77
C ASP D 239 -0.43 -40.13 -16.04
N ARG D 240 -1.15 -41.24 -16.19
CA ARG D 240 -1.02 -42.05 -17.40
C ARG D 240 -1.51 -41.33 -18.64
N PHE D 241 -2.46 -40.41 -18.49
CA PHE D 241 -2.99 -39.67 -19.63
C PHE D 241 -2.02 -38.59 -20.08
N SER D 242 -1.93 -38.41 -21.40
CA SER D 242 -1.08 -37.39 -21.98
C SER D 242 -1.74 -36.87 -23.25
N GLY D 243 -1.41 -35.61 -23.59
CA GLY D 243 -2.00 -34.98 -24.75
C GLY D 243 -0.96 -34.18 -25.52
N SER D 244 -1.24 -33.99 -26.80
CA SER D 244 -0.36 -33.23 -27.68
C SER D 244 -1.17 -32.72 -28.86
N GLY D 245 -0.62 -31.73 -29.56
CA GLY D 245 -1.28 -31.16 -30.71
C GLY D 245 -0.52 -30.02 -31.35
N SER D 246 -0.62 -29.91 -32.68
CA SER D 246 0.04 -28.85 -33.42
C SER D 246 -0.81 -27.59 -33.56
N GLY D 247 -2.02 -27.59 -33.03
CA GLY D 247 -2.89 -26.44 -33.12
C GLY D 247 -4.18 -26.73 -33.86
N THR D 248 -4.08 -27.48 -34.96
CA THR D 248 -5.25 -27.87 -35.74
C THR D 248 -5.61 -29.34 -35.57
N ALA D 249 -4.63 -30.20 -35.29
CA ALA D 249 -4.85 -31.61 -35.04
C ALA D 249 -4.38 -31.94 -33.64
N PHE D 250 -5.20 -32.69 -32.90
CA PHE D 250 -4.93 -33.03 -31.52
C PHE D 250 -4.95 -34.54 -31.34
N THR D 251 -4.13 -35.02 -30.40
CA THR D 251 -4.04 -36.44 -30.10
C THR D 251 -3.89 -36.63 -28.60
N LEU D 252 -4.66 -37.57 -28.06
CA LEU D 252 -4.60 -37.92 -26.64
C LEU D 252 -4.04 -39.32 -26.50
N THR D 253 -2.99 -39.46 -25.68
CA THR D 253 -2.28 -40.72 -25.51
C THR D 253 -2.42 -41.19 -24.06
N ILE D 254 -2.75 -42.46 -23.90
CA ILE D 254 -2.86 -43.09 -22.57
C ILE D 254 -1.83 -44.22 -22.52
N SER D 255 -0.94 -44.17 -21.53
CA SER D 255 0.13 -45.16 -21.43
C SER D 255 -0.43 -46.54 -21.14
N ARG D 256 -1.36 -46.64 -20.18
CA ARG D 256 -1.95 -47.92 -19.80
C ARG D 256 -3.44 -47.74 -19.59
N LEU D 257 -4.22 -48.71 -20.06
CA LEU D 257 -5.67 -48.69 -19.95
C LEU D 257 -6.13 -49.82 -19.05
N GLU D 258 -6.99 -49.49 -18.09
CA GLU D 258 -7.55 -50.46 -17.17
C GLU D 258 -9.05 -50.58 -17.37
N ALA D 259 -9.66 -51.52 -16.64
CA ALA D 259 -11.10 -51.72 -16.74
C ALA D 259 -11.88 -50.52 -16.20
N GLU D 260 -11.30 -49.79 -15.26
CA GLU D 260 -11.97 -48.63 -14.67
C GLU D 260 -11.90 -47.39 -15.56
N ASP D 261 -11.07 -47.39 -16.59
CA ASP D 261 -10.90 -46.24 -17.47
C ASP D 261 -11.70 -46.37 -18.76
N VAL D 262 -12.54 -47.39 -18.87
CA VAL D 262 -13.35 -47.56 -20.08
C VAL D 262 -14.45 -46.52 -20.10
N GLY D 263 -14.78 -46.02 -21.28
CA GLY D 263 -15.82 -45.02 -21.41
C GLY D 263 -15.77 -44.35 -22.76
N VAL D 264 -16.45 -43.20 -22.86
CA VAL D 264 -16.52 -42.42 -24.09
C VAL D 264 -15.67 -41.17 -23.92
N TYR D 265 -14.83 -40.89 -24.90
CA TYR D 265 -13.91 -39.76 -24.86
C TYR D 265 -14.51 -38.60 -25.65
N TYR D 266 -14.52 -37.41 -25.04
CA TYR D 266 -15.09 -36.22 -25.64
C TYR D 266 -14.04 -35.12 -25.72
N CYS D 267 -14.06 -34.37 -26.82
CA CYS D 267 -13.17 -33.24 -27.03
C CYS D 267 -13.97 -31.94 -27.00
N MET D 268 -13.37 -30.90 -26.43
CA MET D 268 -14.04 -29.62 -26.25
C MET D 268 -13.07 -28.48 -26.57
N GLN D 269 -13.63 -27.38 -27.05
CA GLN D 269 -12.89 -26.14 -27.24
C GLN D 269 -13.51 -25.04 -26.39
N HIS D 270 -12.65 -24.13 -25.92
CA HIS D 270 -13.11 -22.94 -25.19
C HIS D 270 -12.58 -21.66 -25.81
N LEU D 271 -12.02 -21.73 -27.02
CA LEU D 271 -11.48 -20.53 -27.67
C LEU D 271 -12.59 -19.53 -27.98
N GLU D 272 -13.73 -20.00 -28.47
CA GLU D 272 -14.83 -19.13 -28.83
C GLU D 272 -16.14 -19.89 -28.67
N TYR D 273 -17.13 -19.21 -28.08
CA TYR D 273 -18.44 -19.80 -27.90
C TYR D 273 -19.15 -19.92 -29.25
N PRO D 274 -20.03 -20.91 -29.41
CA PRO D 274 -20.44 -21.93 -28.41
C PRO D 274 -19.41 -23.04 -28.23
N LEU D 275 -19.47 -23.72 -27.10
CA LEU D 275 -18.55 -24.81 -26.78
C LEU D 275 -19.13 -26.10 -27.34
N THR D 276 -18.74 -26.45 -28.57
CA THR D 276 -19.24 -27.65 -29.23
C THR D 276 -18.37 -28.84 -28.88
N PHE D 277 -18.99 -29.95 -28.52
CA PHE D 277 -18.29 -31.16 -28.14
C PHE D 277 -18.11 -32.08 -29.35
N GLY D 278 -17.26 -33.09 -29.18
CA GLY D 278 -17.01 -34.05 -30.24
C GLY D 278 -18.09 -35.11 -30.33
N ALA D 279 -17.99 -35.95 -31.36
CA ALA D 279 -18.93 -37.03 -31.54
C ALA D 279 -18.85 -38.04 -30.39
N GLY D 280 -17.64 -38.37 -29.96
CA GLY D 280 -17.45 -39.29 -28.86
C GLY D 280 -16.83 -40.61 -29.29
N THR D 281 -15.62 -40.89 -28.81
CA THR D 281 -14.92 -42.13 -29.10
C THR D 281 -15.09 -43.09 -27.93
N LYS D 282 -15.65 -44.27 -28.22
CA LYS D 282 -15.90 -45.28 -27.21
C LYS D 282 -14.85 -46.39 -27.29
N LEU D 283 -14.39 -46.83 -26.13
CA LEU D 283 -13.40 -47.90 -26.05
C LEU D 283 -14.09 -49.22 -25.69
N GLU D 284 -13.76 -50.27 -26.43
CA GLU D 284 -14.33 -51.59 -26.22
C GLU D 284 -13.24 -52.57 -25.84
N LEU D 285 -13.54 -53.42 -24.85
CA LEU D 285 -12.58 -54.41 -24.38
C LEU D 285 -13.14 -55.82 -24.54
N THR E 6 23.42 -17.94 36.82
CA THR E 6 23.53 -19.20 36.10
C THR E 6 23.22 -19.01 34.62
N ALA E 7 22.33 -18.06 34.32
CA ALA E 7 21.97 -17.79 32.93
C ALA E 7 23.09 -17.08 32.19
N SER E 8 23.71 -16.08 32.84
CA SER E 8 24.73 -15.29 32.17
C SER E 8 25.95 -16.14 31.81
N ILE E 9 26.40 -16.99 32.75
CA ILE E 9 27.55 -17.83 32.48
C ILE E 9 27.26 -18.83 31.36
N ALA E 10 26.05 -19.41 31.38
CA ALA E 10 25.68 -20.35 30.33
C ALA E 10 25.63 -19.67 28.96
N GLN E 11 25.05 -18.46 28.91
CA GLN E 11 24.99 -17.73 27.64
C GLN E 11 26.38 -17.37 27.14
N ALA E 12 27.26 -16.93 28.04
CA ALA E 12 28.63 -16.59 27.65
C ALA E 12 29.36 -17.82 27.13
N ARG E 13 29.21 -18.97 27.81
CA ARG E 13 29.87 -20.18 27.36
C ARG E 13 29.34 -20.63 26.01
N LYS E 14 28.01 -20.54 25.81
CA LYS E 14 27.44 -20.91 24.53
C LYS E 14 27.94 -19.99 23.41
N LEU E 15 28.02 -18.69 23.68
CA LEU E 15 28.53 -17.76 22.68
C LEU E 15 29.99 -18.06 22.35
N VAL E 16 30.80 -18.35 23.37
CA VAL E 16 32.21 -18.67 23.13
C VAL E 16 32.34 -19.94 22.32
N GLU E 17 31.55 -20.96 22.64
CA GLU E 17 31.60 -22.21 21.89
C GLU E 17 31.17 -22.02 20.44
N GLN E 18 30.12 -21.23 20.21
CA GLN E 18 29.67 -20.97 18.85
C GLN E 18 30.73 -20.18 18.08
N LEU E 19 31.36 -19.21 18.72
CA LEU E 19 32.40 -18.43 18.06
C LEU E 19 33.61 -19.29 17.70
N LYS E 20 34.01 -20.18 18.62
CA LYS E 20 35.11 -21.09 18.34
C LYS E 20 34.77 -22.05 17.21
N MET E 21 33.52 -22.53 17.19
CA MET E 21 33.08 -23.43 16.12
C MET E 21 33.13 -22.73 14.77
N GLU E 22 32.76 -21.45 14.73
CA GLU E 22 32.85 -20.70 13.48
C GLU E 22 34.29 -20.40 13.10
N ALA E 23 35.21 -20.47 14.06
CA ALA E 23 36.60 -20.13 13.80
C ALA E 23 37.34 -21.22 13.01
N ASN E 24 36.91 -22.47 13.11
CA ASN E 24 37.63 -23.58 12.48
C ASN E 24 37.24 -23.79 11.03
N ILE E 25 36.32 -23.00 10.49
CA ILE E 25 35.90 -23.18 9.10
C ILE E 25 37.03 -22.75 8.16
N ASP E 26 37.06 -23.35 6.97
CA ASP E 26 38.05 -23.00 5.97
C ASP E 26 37.59 -21.78 5.18
N ARG E 27 38.57 -21.04 4.67
CA ARG E 27 38.31 -19.83 3.90
C ARG E 27 39.12 -19.85 2.62
N ILE E 28 38.56 -19.22 1.58
CA ILE E 28 39.17 -19.16 0.25
C ILE E 28 39.44 -17.69 -0.08
N LYS E 29 40.60 -17.46 -0.69
CA LYS E 29 41.07 -16.10 -0.96
C LYS E 29 40.03 -15.30 -1.73
N VAL E 30 40.02 -13.98 -1.49
CA VAL E 30 39.03 -13.11 -2.11
C VAL E 30 39.21 -13.05 -3.62
N SER E 31 40.44 -13.23 -4.10
CA SER E 31 40.67 -13.21 -5.54
C SER E 31 39.95 -14.36 -6.23
N LYS E 32 39.99 -15.54 -5.63
CA LYS E 32 39.28 -16.69 -6.21
C LYS E 32 37.78 -16.47 -6.20
N ALA E 33 37.25 -15.89 -5.11
CA ALA E 33 35.81 -15.61 -5.04
C ALA E 33 35.42 -14.60 -6.12
N ALA E 34 36.23 -13.56 -6.31
CA ALA E 34 35.95 -12.58 -7.35
C ALA E 34 36.00 -13.22 -8.73
N ALA E 35 36.96 -14.10 -8.96
CA ALA E 35 37.03 -14.81 -10.24
C ALA E 35 35.79 -15.65 -10.46
N ASP E 36 35.32 -16.34 -9.42
CA ASP E 36 34.11 -17.15 -9.57
C ASP E 36 32.88 -16.29 -9.85
N LEU E 37 32.76 -15.15 -9.16
CA LEU E 37 31.65 -14.23 -9.45
C LEU E 37 31.70 -13.71 -10.88
N MET E 38 32.89 -13.35 -11.36
CA MET E 38 33.01 -12.90 -12.75
C MET E 38 32.68 -14.01 -13.73
N ALA E 39 33.08 -15.25 -13.41
CA ALA E 39 32.76 -16.38 -14.27
C ALA E 39 31.26 -16.61 -14.34
N TYR E 40 30.57 -16.52 -13.19
CA TYR E 40 29.12 -16.68 -13.20
C TYR E 40 28.45 -15.51 -13.91
N CYS E 41 29.04 -14.33 -13.81
CA CYS E 41 28.59 -13.18 -14.59
C CYS E 41 28.63 -13.46 -16.08
N GLU E 42 29.80 -13.90 -16.57
CA GLU E 42 29.97 -14.12 -18.00
C GLU E 42 29.14 -15.30 -18.50
N ALA E 43 28.92 -16.31 -17.65
CA ALA E 43 28.15 -17.47 -18.07
C ALA E 43 26.69 -17.10 -18.34
N HIS E 44 26.10 -16.27 -17.50
CA HIS E 44 24.69 -15.91 -17.60
C HIS E 44 24.48 -14.48 -18.09
N ALA E 45 25.50 -13.88 -18.73
CA ALA E 45 25.38 -12.49 -19.17
C ALA E 45 24.31 -12.34 -20.24
N LYS E 46 24.26 -13.26 -21.21
CA LYS E 46 23.34 -13.16 -22.33
C LYS E 46 21.97 -13.76 -22.05
N GLU E 47 21.77 -14.39 -20.91
CA GLU E 47 20.48 -14.96 -20.53
C GLU E 47 19.72 -14.09 -19.55
N ASP E 48 20.14 -12.84 -19.35
CA ASP E 48 19.48 -11.94 -18.42
C ASP E 48 18.69 -10.90 -19.18
N PRO E 49 17.35 -10.96 -19.15
CA PRO E 49 16.55 -9.92 -19.84
C PRO E 49 16.78 -8.52 -19.31
N LEU E 50 17.05 -8.36 -18.01
CA LEU E 50 17.30 -7.04 -17.46
C LEU E 50 18.62 -6.47 -17.97
N LEU E 51 19.67 -7.31 -18.00
CA LEU E 51 20.97 -6.85 -18.50
C LEU E 51 20.89 -6.51 -19.98
N THR E 52 20.27 -7.38 -20.77
CA THR E 52 20.11 -7.17 -22.21
C THR E 52 18.63 -7.13 -22.54
N PRO E 53 18.09 -5.99 -22.96
CA PRO E 53 16.63 -5.89 -23.18
C PRO E 53 16.14 -6.88 -24.24
N VAL E 54 14.95 -7.42 -24.00
CA VAL E 54 14.33 -8.39 -24.90
C VAL E 54 13.40 -7.64 -25.86
N PRO E 55 13.46 -7.91 -27.16
CA PRO E 55 12.54 -7.25 -28.09
C PRO E 55 11.09 -7.56 -27.76
N ALA E 56 10.22 -6.58 -28.00
CA ALA E 56 8.81 -6.71 -27.65
C ALA E 56 8.10 -7.76 -28.50
N SER E 57 8.69 -8.15 -29.64
CA SER E 57 8.04 -9.15 -30.50
C SER E 57 7.92 -10.48 -29.77
N GLU E 58 8.97 -10.91 -29.07
CA GLU E 58 8.96 -12.14 -28.31
C GLU E 58 8.84 -11.90 -26.81
N ASN E 59 8.63 -10.66 -26.40
CA ASN E 59 8.54 -10.36 -24.97
C ASN E 59 7.21 -10.85 -24.42
N PRO E 60 7.21 -11.72 -23.41
CA PRO E 60 5.94 -12.21 -22.86
C PRO E 60 5.11 -11.14 -22.15
N PHE E 61 5.72 -10.02 -21.78
CA PHE E 61 4.93 -8.92 -21.20
C PHE E 61 4.30 -8.05 -22.28
N ARG E 62 5.10 -7.52 -23.18
CA ARG E 62 4.60 -6.70 -24.28
C ARG E 62 5.18 -7.14 -25.62
N GLN F 3 32.68 -4.91 12.36
CA GLN F 3 31.67 -5.00 13.41
C GLN F 3 31.72 -3.78 14.33
N VAL F 4 30.56 -3.36 14.82
CA VAL F 4 30.52 -2.25 15.77
C VAL F 4 31.22 -2.65 17.06
N GLN F 5 32.11 -1.79 17.53
CA GLN F 5 32.90 -2.04 18.74
C GLN F 5 32.86 -0.80 19.60
N LEU F 6 32.14 -0.86 20.72
CA LEU F 6 32.04 0.24 21.67
C LEU F 6 32.73 -0.22 22.95
N GLN F 7 34.03 0.02 23.04
CA GLN F 7 34.84 -0.42 24.18
C GLN F 7 34.89 0.72 25.19
N GLU F 8 34.04 0.63 26.21
CA GLU F 8 34.04 1.64 27.26
C GLU F 8 35.31 1.53 28.10
N SER F 9 35.86 2.69 28.48
CA SER F 9 37.06 2.76 29.28
C SER F 9 36.89 3.78 30.38
N GLY F 10 37.62 3.59 31.48
CA GLY F 10 37.55 4.48 32.62
C GLY F 10 36.49 4.06 33.61
N GLY F 11 36.64 4.57 34.84
CA GLY F 11 35.70 4.26 35.90
C GLY F 11 36.38 3.86 37.19
N GLY F 12 35.93 2.77 37.80
CA GLY F 12 36.49 2.30 39.04
C GLY F 12 35.90 2.99 40.26
N LEU F 13 36.47 2.66 41.41
CA LEU F 13 36.01 3.23 42.67
C LEU F 13 36.42 4.69 42.77
N VAL F 14 35.47 5.55 43.10
CA VAL F 14 35.73 6.98 43.28
C VAL F 14 34.94 7.46 44.50
N GLN F 15 35.56 8.35 45.28
CA GLN F 15 34.90 8.88 46.46
C GLN F 15 33.72 9.77 46.06
N PRO F 16 32.68 9.83 46.89
CA PRO F 16 31.53 10.69 46.56
C PRO F 16 31.96 12.15 46.47
N GLY F 17 31.34 12.86 45.53
CA GLY F 17 31.65 14.26 45.30
C GLY F 17 32.89 14.50 44.45
N GLY F 18 33.54 13.45 43.95
CA GLY F 18 34.73 13.58 43.15
C GLY F 18 34.41 13.75 41.68
N SER F 19 35.45 13.55 40.85
CA SER F 19 35.34 13.68 39.41
C SER F 19 35.75 12.37 38.74
N LEU F 20 34.97 11.97 37.74
CA LEU F 20 35.24 10.74 36.99
C LEU F 20 34.96 10.99 35.51
N ARG F 21 35.70 10.29 34.66
CA ARG F 21 35.57 10.42 33.22
C ARG F 21 35.50 9.05 32.58
N LEU F 22 34.64 8.92 31.56
CA LEU F 22 34.48 7.68 30.81
C LEU F 22 34.73 7.95 29.34
N SER F 23 35.44 7.03 28.69
CA SER F 23 35.77 7.14 27.28
C SER F 23 35.39 5.85 26.57
N CYS F 24 34.91 5.99 25.34
CA CYS F 24 34.50 4.85 24.52
C CYS F 24 35.26 4.89 23.20
N ALA F 25 35.86 3.76 22.83
CA ALA F 25 36.64 3.65 21.60
C ALA F 25 35.72 3.15 20.50
N ALA F 26 35.06 4.08 19.80
CA ALA F 26 34.17 3.72 18.71
C ALA F 26 34.97 3.22 17.51
N SER F 27 34.55 2.10 16.95
CA SER F 27 35.25 1.53 15.80
C SER F 27 34.25 0.72 14.98
N GLY F 28 34.60 0.50 13.71
CA GLY F 28 33.77 -0.25 12.81
C GLY F 28 32.67 0.54 12.14
N PHE F 29 32.58 1.85 12.39
CA PHE F 29 31.54 2.67 11.79
C PHE F 29 31.98 4.11 11.78
N THR F 30 31.27 4.93 11.00
CA THR F 30 31.50 6.36 10.96
C THR F 30 30.86 7.00 12.20
N PHE F 31 31.70 7.52 13.09
CA PHE F 31 31.19 8.04 14.37
C PHE F 31 30.32 9.27 14.18
N SER F 32 30.69 10.15 13.24
CA SER F 32 30.02 11.43 13.10
C SER F 32 28.61 11.32 12.54
N ASN F 33 28.25 10.17 11.95
CA ASN F 33 26.94 10.02 11.32
C ASN F 33 25.90 9.39 12.23
N TYR F 34 26.24 9.11 13.49
CA TYR F 34 25.32 8.48 14.42
C TYR F 34 25.21 9.29 15.71
N LYS F 35 23.99 9.44 16.20
CA LYS F 35 23.76 10.05 17.50
C LYS F 35 24.13 9.06 18.60
N MET F 36 24.82 9.57 19.62
CA MET F 36 25.35 8.73 20.69
C MET F 36 24.76 9.14 22.03
N ASN F 37 24.72 8.19 22.95
CA ASN F 37 24.13 8.43 24.26
C ASN F 37 24.69 7.44 25.27
N TRP F 38 24.41 7.70 26.55
CA TRP F 38 24.85 6.86 27.64
C TRP F 38 23.64 6.29 28.37
N VAL F 39 23.72 5.02 28.73
CA VAL F 39 22.67 4.32 29.46
C VAL F 39 23.31 3.61 30.64
N ARG F 40 22.69 3.74 31.82
CA ARG F 40 23.21 3.14 33.05
C ARG F 40 22.27 2.05 33.54
N GLN F 41 22.84 1.06 34.23
CA GLN F 41 22.09 0.00 34.87
C GLN F 41 22.50 -0.08 36.33
N ALA F 42 21.54 0.17 37.22
CA ALA F 42 21.79 0.12 38.65
C ALA F 42 21.42 -1.24 39.21
N PRO F 43 22.08 -1.67 40.28
CA PRO F 43 21.72 -2.95 40.91
C PRO F 43 20.30 -2.92 41.45
N GLY F 44 19.48 -3.87 41.00
CA GLY F 44 18.09 -3.94 41.38
C GLY F 44 17.18 -2.98 40.65
N LYS F 45 17.70 -2.24 39.67
CA LYS F 45 16.94 -1.26 38.91
C LYS F 45 17.11 -1.56 37.42
N GLY F 46 16.26 -0.95 36.60
CA GLY F 46 16.31 -1.11 35.17
C GLY F 46 17.20 -0.07 34.49
N LEU F 47 17.46 -0.31 33.21
CA LEU F 47 18.29 0.60 32.44
C LEU F 47 17.56 1.93 32.20
N GLU F 48 18.30 3.03 32.32
CA GLU F 48 17.74 4.37 32.13
C GLU F 48 18.69 5.20 31.27
N TRP F 49 18.10 6.10 30.48
CA TRP F 49 18.89 7.00 29.65
C TRP F 49 19.50 8.10 30.50
N VAL F 50 20.76 8.42 30.22
CA VAL F 50 21.49 9.42 31.00
C VAL F 50 21.56 10.73 30.21
N SER F 51 22.23 10.71 29.07
CA SER F 51 22.40 11.90 28.25
C SER F 51 22.73 11.48 26.83
N ASP F 52 22.46 12.39 25.89
CA ASP F 52 22.70 12.14 24.48
C ASP F 52 23.33 13.37 23.85
N ILE F 53 24.06 13.16 22.76
CA ILE F 53 24.72 14.23 22.01
C ILE F 53 24.41 14.04 20.53
N SER F 54 24.18 15.14 19.83
CA SER F 54 23.84 15.08 18.42
C SER F 54 25.06 14.69 17.59
N GLN F 55 24.87 14.61 16.27
CA GLN F 55 25.94 14.22 15.37
C GLN F 55 27.07 15.25 15.41
N SER F 56 26.73 16.53 15.34
CA SER F 56 27.72 17.60 15.39
C SER F 56 27.90 18.18 16.78
N GLY F 57 27.16 17.69 17.77
CA GLY F 57 27.24 18.19 19.13
C GLY F 57 26.44 19.44 19.39
N ALA F 58 25.71 19.96 18.40
CA ALA F 58 24.92 21.16 18.61
C ALA F 58 23.77 20.94 19.59
N SER F 59 23.10 19.80 19.49
CA SER F 59 21.98 19.47 20.35
C SER F 59 22.42 18.47 21.41
N ILE F 60 22.38 18.90 22.67
CA ILE F 60 22.78 18.07 23.80
C ILE F 60 21.69 18.12 24.86
N SER F 61 21.31 16.96 25.37
CA SER F 61 20.28 16.87 26.39
C SER F 61 20.75 15.94 27.50
N TYR F 62 20.26 16.19 28.72
CA TYR F 62 20.59 15.40 29.88
C TYR F 62 19.31 15.06 30.64
N THR F 63 19.36 13.97 31.39
CA THR F 63 18.24 13.62 32.25
C THR F 63 18.22 14.54 33.48
N GLY F 64 17.05 14.60 34.12
CA GLY F 64 16.90 15.49 35.26
C GLY F 64 17.75 15.09 36.45
N SER F 65 18.07 13.80 36.57
CA SER F 65 18.84 13.34 37.73
C SER F 65 20.26 13.91 37.73
N VAL F 66 20.89 14.03 36.56
CA VAL F 66 22.27 14.49 36.48
C VAL F 66 22.37 15.73 35.60
N LYS F 67 21.26 16.45 35.46
CA LYS F 67 21.26 17.68 34.68
C LYS F 67 22.25 18.68 35.29
N GLY F 68 23.09 19.25 34.45
CA GLY F 68 24.10 20.20 34.92
C GLY F 68 25.37 19.60 35.47
N ARG F 69 25.25 18.59 36.34
CA ARG F 69 26.43 17.97 36.93
C ARG F 69 27.28 17.27 35.88
N PHE F 70 26.65 16.53 34.98
CA PHE F 70 27.35 15.72 33.98
C PHE F 70 27.35 16.44 32.64
N THR F 71 28.43 16.28 31.90
CA THR F 71 28.56 16.82 30.55
C THR F 71 29.05 15.73 29.62
N ILE F 72 28.56 15.75 28.38
CA ILE F 72 28.92 14.77 27.37
C ILE F 72 29.51 15.49 26.17
N SER F 73 30.66 15.01 25.70
CA SER F 73 31.34 15.58 24.54
C SER F 73 31.77 14.47 23.61
N ARG F 74 31.80 14.78 22.32
CA ARG F 74 32.21 13.84 21.29
C ARG F 74 33.34 14.43 20.47
N ASP F 75 34.23 13.57 19.99
CA ASP F 75 35.36 13.96 19.16
C ASP F 75 35.32 13.10 17.90
N ASN F 76 34.72 13.64 16.84
CA ASN F 76 34.59 12.88 15.60
C ASN F 76 35.93 12.65 14.91
N ALA F 77 36.96 13.43 15.25
CA ALA F 77 38.26 13.26 14.61
C ALA F 77 38.87 11.90 14.94
N LYS F 78 38.78 11.49 16.20
CA LYS F 78 39.34 10.21 16.64
C LYS F 78 38.28 9.18 17.01
N ASN F 79 37.00 9.50 16.75
CA ASN F 79 35.88 8.58 17.01
C ASN F 79 35.86 8.13 18.47
N THR F 80 35.71 9.10 19.36
CA THR F 80 35.67 8.85 20.79
C THR F 80 34.58 9.70 21.43
N LEU F 81 33.89 9.11 22.40
CA LEU F 81 32.82 9.79 23.13
C LEU F 81 33.26 9.95 24.58
N TYR F 82 33.06 11.15 25.13
CA TYR F 82 33.52 11.48 26.47
C TYR F 82 32.32 11.83 27.36
N LEU F 83 32.46 11.55 28.65
CA LEU F 83 31.43 11.86 29.64
C LEU F 83 32.11 12.19 30.95
N GLN F 84 32.06 13.46 31.35
CA GLN F 84 32.70 13.92 32.58
C GLN F 84 31.69 13.96 33.70
N MET F 85 32.09 13.50 34.88
CA MET F 85 31.22 13.41 36.05
C MET F 85 31.68 14.41 37.11
N ASN F 86 30.72 15.12 37.69
CA ASN F 86 31.01 16.04 38.80
C ASN F 86 29.90 15.91 39.84
N SER F 87 30.28 16.15 41.11
CA SER F 87 29.36 16.12 42.24
C SER F 87 28.64 14.77 42.33
N LEU F 88 29.44 13.71 42.50
CA LEU F 88 28.87 12.36 42.60
C LEU F 88 28.10 12.19 43.90
N LYS F 89 27.06 11.38 43.84
CA LYS F 89 26.22 11.05 44.99
C LYS F 89 26.11 9.53 45.09
N PRO F 90 25.80 9.01 46.27
CA PRO F 90 25.68 7.54 46.42
C PRO F 90 24.66 6.91 45.48
N GLU F 91 23.62 7.64 45.08
CA GLU F 91 22.62 7.09 44.18
C GLU F 91 23.13 6.87 42.77
N ASP F 92 24.31 7.38 42.43
CA ASP F 92 24.84 7.27 41.08
C ASP F 92 25.61 5.98 40.83
N THR F 93 25.74 5.10 41.81
CA THR F 93 26.50 3.87 41.61
C THR F 93 25.73 2.94 40.67
N ALA F 94 26.39 2.54 39.59
CA ALA F 94 25.78 1.72 38.55
C ALA F 94 26.82 1.29 37.52
N VAL F 95 26.41 0.53 36.52
CA VAL F 95 27.24 0.21 35.37
C VAL F 95 26.71 0.97 34.17
N TYR F 96 27.60 1.66 33.45
CA TYR F 96 27.21 2.55 32.36
C TYR F 96 27.57 1.91 31.03
N TYR F 97 26.58 1.83 30.14
CA TYR F 97 26.78 1.32 28.79
C TYR F 97 26.75 2.49 27.81
N CYS F 98 27.76 2.56 26.96
CA CYS F 98 27.79 3.54 25.87
C CYS F 98 27.02 2.95 24.70
N ALA F 99 25.90 3.58 24.34
CA ALA F 99 24.99 3.06 23.33
C ALA F 99 24.95 4.00 22.12
N ARG F 100 24.57 3.44 20.98
CA ARG F 100 24.51 4.17 19.73
C ARG F 100 23.14 3.96 19.08
N CYS F 101 22.64 5.03 18.44
CA CYS F 101 21.38 4.93 17.72
C CYS F 101 21.51 3.95 16.56
N PRO F 102 20.44 3.20 16.26
CA PRO F 102 20.54 2.19 15.20
C PRO F 102 20.75 2.78 13.82
N ALA F 103 19.95 3.76 13.42
CA ALA F 103 20.00 4.31 12.08
C ALA F 103 20.72 5.66 12.08
N PRO F 104 21.40 5.99 10.98
CA PRO F 104 22.04 7.30 10.89
C PRO F 104 21.03 8.38 10.47
N PHE F 105 21.43 9.64 10.68
CA PHE F 105 20.64 10.80 10.30
C PHE F 105 19.24 10.79 10.91
N THR F 106 19.13 10.35 12.16
CA THR F 106 17.86 10.36 12.86
C THR F 106 18.08 10.80 14.31
N ARG F 107 17.03 11.35 14.91
CA ARG F 107 17.07 11.78 16.30
C ARG F 107 16.38 10.81 17.25
N ASP F 108 16.00 9.63 16.77
CA ASP F 108 15.26 8.69 17.59
C ASP F 108 16.17 8.04 18.63
N CYS F 109 15.56 7.59 19.73
CA CYS F 109 16.27 6.92 20.81
C CYS F 109 15.55 5.63 21.14
N PHE F 110 16.24 4.50 20.90
CA PHE F 110 15.72 3.19 21.27
C PHE F 110 16.70 2.42 22.15
N ASP F 111 17.65 3.11 22.78
CA ASP F 111 18.68 2.47 23.58
C ASP F 111 18.21 2.12 24.99
N VAL F 112 16.99 2.53 25.37
CA VAL F 112 16.48 2.24 26.70
C VAL F 112 16.29 0.75 26.90
N THR F 113 16.04 0.02 25.81
CA THR F 113 15.77 -1.42 25.91
C THR F 113 16.96 -2.15 26.50
N SER F 114 16.66 -3.19 27.30
CA SER F 114 17.68 -3.97 27.98
C SER F 114 17.75 -5.41 27.49
N THR F 115 16.93 -5.79 26.50
CA THR F 115 16.90 -7.18 26.02
C THR F 115 17.99 -7.37 24.96
N THR F 116 19.23 -7.33 25.43
CA THR F 116 20.42 -7.59 24.63
C THR F 116 20.47 -6.69 23.40
N TYR F 117 20.58 -5.38 23.64
CA TYR F 117 20.72 -4.44 22.55
C TYR F 117 22.03 -4.67 21.82
N ALA F 118 21.98 -4.60 20.49
CA ALA F 118 23.13 -4.98 19.66
C ALA F 118 24.23 -3.94 19.66
N TYR F 119 23.89 -2.66 19.68
CA TYR F 119 24.86 -1.58 19.45
C TYR F 119 25.27 -0.87 20.75
N ARG F 120 25.38 -1.61 21.84
CA ARG F 120 25.90 -1.08 23.09
C ARG F 120 27.04 -1.96 23.58
N GLY F 121 28.04 -1.32 24.20
CA GLY F 121 29.21 -2.03 24.63
C GLY F 121 29.01 -2.76 25.94
N GLN F 122 30.06 -3.48 26.36
CA GLN F 122 30.00 -4.20 27.62
C GLN F 122 29.86 -3.26 28.81
N GLY F 123 30.42 -2.05 28.71
CA GLY F 123 30.29 -1.07 29.74
C GLY F 123 31.33 -1.21 30.85
N THR F 124 31.40 -0.19 31.70
CA THR F 124 32.31 -0.17 32.83
C THR F 124 31.50 0.13 34.10
N GLN F 125 31.86 -0.57 35.17
CA GLN F 125 31.18 -0.40 36.45
C GLN F 125 31.84 0.72 37.25
N VAL F 126 31.02 1.66 37.72
CA VAL F 126 31.48 2.76 38.55
C VAL F 126 30.78 2.66 39.90
N THR F 127 31.56 2.73 40.98
CA THR F 127 31.04 2.57 42.33
C THR F 127 31.44 3.79 43.16
N VAL F 128 30.48 4.34 43.90
CA VAL F 128 30.71 5.48 44.78
C VAL F 128 30.36 5.07 46.20
N SER F 129 31.28 5.33 47.13
CA SER F 129 31.08 4.98 48.52
C SER F 129 32.09 5.74 49.37
N SER F 130 31.68 6.13 50.57
CA SER F 130 32.56 6.87 51.47
C SER F 130 33.56 5.92 52.14
N PRO G 171 -14.18 54.00 -26.63
CA PRO G 171 -12.96 54.75 -26.34
C PRO G 171 -11.70 53.96 -26.72
N ALA G 172 -10.83 54.57 -27.52
CA ALA G 172 -9.62 53.90 -27.94
C ALA G 172 -8.70 53.51 -26.79
N PRO G 173 -8.37 54.41 -25.84
CA PRO G 173 -7.55 53.94 -24.70
C PRO G 173 -8.22 52.85 -23.89
N LEU G 174 -9.53 52.95 -23.69
CA LEU G 174 -10.25 51.89 -22.96
C LEU G 174 -10.22 50.58 -23.74
N LEU G 175 -10.37 50.65 -25.06
CA LEU G 175 -10.30 49.45 -25.89
C LEU G 175 -8.92 48.81 -25.80
N ALA G 176 -7.86 49.62 -25.86
CA ALA G 176 -6.52 49.07 -25.74
C ALA G 176 -6.29 48.44 -24.37
N GLY G 177 -6.77 49.10 -23.32
CA GLY G 177 -6.60 48.55 -21.98
C GLY G 177 -7.33 47.24 -21.79
N VAL G 178 -8.58 47.18 -22.26
CA VAL G 178 -9.36 45.95 -22.11
C VAL G 178 -8.77 44.84 -22.96
N THR G 179 -8.26 45.16 -24.15
CA THR G 179 -7.62 44.14 -24.97
C THR G 179 -6.37 43.59 -24.30
N ALA G 180 -5.54 44.47 -23.75
CA ALA G 180 -4.33 44.02 -23.05
C ALA G 180 -4.69 43.17 -21.84
N THR G 181 -5.68 43.60 -21.05
CA THR G 181 -6.09 42.81 -19.90
C THR G 181 -6.61 41.45 -20.32
N CYS G 182 -7.44 41.41 -21.36
CA CYS G 182 -8.00 40.14 -21.83
C CYS G 182 -6.91 39.20 -22.33
N VAL G 183 -5.95 39.72 -23.10
CA VAL G 183 -4.91 38.85 -23.64
C VAL G 183 -4.00 38.35 -22.52
N ALA G 184 -3.69 39.20 -21.54
CA ALA G 184 -2.87 38.75 -20.42
C ALA G 184 -3.61 37.69 -19.59
N LEU G 185 -4.91 37.90 -19.36
CA LEU G 185 -5.70 36.92 -18.62
C LEU G 185 -5.78 35.60 -19.37
N PHE G 186 -5.95 35.65 -20.70
CA PHE G 186 -5.95 34.43 -21.49
C PHE G 186 -4.62 33.71 -21.40
N VAL G 187 -3.52 34.46 -21.50
CA VAL G 187 -2.19 33.84 -21.46
C VAL G 187 -1.96 33.13 -20.13
N VAL G 188 -2.28 33.81 -19.02
CA VAL G 188 -2.04 33.19 -17.72
C VAL G 188 -3.02 32.04 -17.49
N GLY G 189 -4.28 32.20 -17.89
CA GLY G 189 -5.29 31.18 -17.64
C GLY G 189 -5.06 29.91 -18.43
N ILE G 190 -4.55 30.01 -19.65
CA ILE G 190 -4.25 28.80 -20.43
C ILE G 190 -3.25 27.93 -19.70
N ALA G 191 -2.14 28.54 -19.25
CA ALA G 191 -1.13 27.77 -18.52
C ALA G 191 -1.67 27.25 -17.20
N GLY G 192 -2.43 28.07 -16.47
CA GLY G 192 -2.97 27.63 -15.20
C GLY G 192 -3.90 26.45 -15.34
N ASN G 193 -4.81 26.51 -16.32
CA ASN G 193 -5.75 25.42 -16.56
C ASN G 193 -5.03 24.18 -17.06
N LEU G 194 -4.03 24.34 -17.92
CA LEU G 194 -3.28 23.18 -18.39
C LEU G 194 -2.56 22.48 -17.24
N LEU G 195 -1.96 23.26 -16.33
CA LEU G 195 -1.30 22.67 -15.17
C LEU G 195 -2.32 21.97 -14.26
N THR G 196 -3.42 22.65 -13.96
CA THR G 196 -4.43 22.07 -13.07
C THR G 196 -5.03 20.80 -13.68
N MET G 197 -5.11 20.73 -15.00
CA MET G 197 -5.64 19.54 -15.66
C MET G 197 -4.60 18.41 -15.64
N LEU G 198 -3.46 18.63 -16.29
CA LEU G 198 -2.44 17.58 -16.36
C LEU G 198 -1.42 17.70 -15.23
N VAL G 199 -1.91 17.90 -14.00
CA VAL G 199 -1.18 17.53 -12.79
C VAL G 199 -1.91 16.46 -11.99
N VAL G 200 -3.25 16.53 -11.95
CA VAL G 200 -4.02 15.52 -11.23
C VAL G 200 -4.04 14.21 -12.02
N SER G 201 -4.22 14.30 -13.34
CA SER G 201 -4.31 13.10 -14.17
C SER G 201 -3.00 12.32 -14.22
N ARG G 202 -1.88 12.96 -13.87
CA ARG G 202 -0.60 12.28 -13.87
C ARG G 202 -0.16 11.80 -12.49
N PHE G 203 -0.61 12.46 -11.43
CA PHE G 203 -0.26 12.11 -10.05
C PHE G 203 -1.47 11.50 -9.38
N ARG G 204 -1.44 10.18 -9.18
CA ARG G 204 -2.54 9.49 -8.50
C ARG G 204 -2.53 9.74 -6.99
N GLU G 205 -1.39 10.15 -6.43
CA GLU G 205 -1.30 10.36 -4.99
C GLU G 205 -2.17 11.49 -4.50
N LEU G 206 -2.57 12.41 -5.37
CA LEU G 206 -3.36 13.58 -4.99
C LEU G 206 -4.75 13.56 -5.62
N ARG G 207 -5.14 12.43 -6.22
CA ARG G 207 -6.45 12.32 -6.86
C ARG G 207 -7.52 12.17 -5.78
N THR G 208 -7.92 13.32 -5.23
CA THR G 208 -8.95 13.38 -4.20
C THR G 208 -10.20 14.05 -4.77
N THR G 209 -11.19 14.26 -3.89
CA THR G 209 -12.43 14.87 -4.31
C THR G 209 -12.21 16.32 -4.77
N THR G 210 -11.51 17.10 -3.95
CA THR G 210 -11.26 18.49 -4.28
C THR G 210 -10.39 18.62 -5.54
N ASN G 211 -9.43 17.72 -5.69
CA ASN G 211 -8.59 17.75 -6.89
C ASN G 211 -9.41 17.43 -8.14
N LEU G 212 -10.37 16.50 -8.03
CA LEU G 212 -11.28 16.25 -9.16
C LEU G 212 -12.13 17.46 -9.46
N TYR G 213 -12.63 18.14 -8.42
CA TYR G 213 -13.41 19.36 -8.64
C TYR G 213 -12.58 20.42 -9.34
N LEU G 214 -11.33 20.62 -8.91
CA LEU G 214 -10.47 21.60 -9.57
C LEU G 214 -10.10 21.20 -10.98
N SER G 215 -9.96 19.90 -11.25
CA SER G 215 -9.74 19.44 -12.62
C SER G 215 -10.93 19.79 -13.51
N SER G 216 -12.15 19.57 -12.99
CA SER G 216 -13.34 20.00 -13.72
C SER G 216 -13.36 21.51 -13.92
N MET G 217 -12.94 22.25 -12.89
CA MET G 217 -12.89 23.70 -12.99
C MET G 217 -11.95 24.13 -14.11
N ALA G 218 -10.77 23.52 -14.16
CA ALA G 218 -9.79 23.85 -15.19
C ALA G 218 -10.30 23.48 -16.58
N PHE G 219 -10.96 22.33 -16.71
CA PHE G 219 -11.53 21.96 -18.00
C PHE G 219 -12.59 22.95 -18.45
N SER G 220 -13.47 23.36 -17.52
CA SER G 220 -14.50 24.34 -17.87
C SER G 220 -13.89 25.68 -18.26
N ASP G 221 -12.87 26.13 -17.52
CA ASP G 221 -12.21 27.39 -17.85
C ASP G 221 -11.52 27.32 -19.20
N LEU G 222 -10.86 26.19 -19.49
CA LEU G 222 -10.21 26.02 -20.78
C LEU G 222 -11.23 26.04 -21.91
N LEU G 223 -12.38 25.40 -21.71
CA LEU G 223 -13.42 25.44 -22.74
C LEU G 223 -13.97 26.85 -22.91
N ILE G 224 -14.07 27.61 -21.81
CA ILE G 224 -14.51 29.00 -21.90
C ILE G 224 -13.50 29.83 -22.68
N PHE G 225 -12.22 29.66 -22.38
CA PHE G 225 -11.18 30.46 -23.05
C PHE G 225 -11.05 30.11 -24.53
N LEU G 226 -11.54 28.93 -24.93
CA LEU G 226 -11.50 28.56 -26.34
C LEU G 226 -12.42 29.43 -27.19
N CYS G 227 -13.36 30.14 -26.56
CA CYS G 227 -14.27 31.04 -27.26
C CYS G 227 -13.75 32.47 -27.33
N MET G 228 -12.53 32.72 -26.84
CA MET G 228 -11.96 34.07 -26.92
C MET G 228 -11.85 34.61 -28.34
N PRO G 229 -11.40 33.85 -29.34
CA PRO G 229 -11.34 34.42 -30.71
C PRO G 229 -12.68 34.87 -31.23
N LEU G 230 -13.79 34.28 -30.76
CA LEU G 230 -15.11 34.68 -31.22
C LEU G 230 -15.71 35.79 -30.38
N ASP G 231 -15.60 35.68 -29.05
CA ASP G 231 -16.23 36.66 -28.17
C ASP G 231 -15.54 38.01 -28.27
N LEU G 232 -14.21 38.02 -28.34
CA LEU G 232 -13.47 39.27 -28.33
C LEU G 232 -13.76 40.11 -29.58
N VAL G 233 -13.98 39.46 -30.72
CA VAL G 233 -14.24 40.19 -31.96
C VAL G 233 -15.53 41.00 -31.85
N ARG G 234 -16.49 40.54 -31.04
CA ARG G 234 -17.75 41.26 -30.89
C ARG G 234 -17.53 42.67 -30.34
N LEU G 235 -16.45 42.89 -29.61
CA LEU G 235 -16.12 44.21 -29.09
C LEU G 235 -14.88 44.83 -29.73
N TRP G 236 -13.87 44.03 -30.06
CA TRP G 236 -12.64 44.56 -30.62
C TRP G 236 -12.89 45.22 -31.97
N GLN G 237 -13.63 44.55 -32.84
CA GLN G 237 -13.95 45.08 -34.16
C GLN G 237 -15.44 45.23 -34.39
N TYR G 238 -16.23 44.18 -34.12
CA TYR G 238 -17.68 44.18 -34.21
C TYR G 238 -18.15 44.21 -35.66
N ARG G 239 -17.21 44.41 -36.59
CA ARG G 239 -17.53 44.45 -38.01
C ARG G 239 -17.69 43.06 -38.63
N PRO G 240 -16.71 42.16 -38.51
CA PRO G 240 -16.80 40.90 -39.26
C PRO G 240 -17.69 39.87 -38.56
N TRP G 241 -18.32 39.04 -39.38
CA TRP G 241 -19.12 37.92 -38.89
C TRP G 241 -19.23 36.89 -40.01
N ASN G 242 -18.58 35.75 -39.83
CA ASN G 242 -18.55 34.71 -40.86
C ASN G 242 -19.25 33.42 -40.46
N PHE G 243 -19.22 33.04 -39.18
CA PHE G 243 -19.86 31.81 -38.77
C PHE G 243 -21.38 31.93 -38.81
N GLY G 244 -22.03 30.79 -38.97
CA GLY G 244 -23.48 30.76 -39.07
C GLY G 244 -24.17 30.92 -37.73
N ASP G 245 -25.51 31.04 -37.80
CA ASP G 245 -26.31 31.18 -36.59
C ASP G 245 -26.22 29.94 -35.72
N LEU G 246 -26.20 28.76 -36.34
CA LEU G 246 -26.12 27.51 -35.59
C LEU G 246 -24.82 27.44 -34.79
N LEU G 247 -23.70 27.84 -35.40
CA LEU G 247 -22.42 27.84 -34.69
C LEU G 247 -22.44 28.82 -33.53
N CYS G 248 -23.02 30.00 -33.73
CA CYS G 248 -23.13 30.98 -32.64
C CYS G 248 -23.92 30.41 -31.48
N LYS G 249 -25.08 29.81 -31.78
CA LYS G 249 -25.90 29.22 -30.72
C LYS G 249 -25.14 28.09 -30.02
N LEU G 250 -24.43 27.27 -30.79
CA LEU G 250 -23.71 26.14 -30.21
C LEU G 250 -22.64 26.61 -29.23
N PHE G 251 -21.77 27.53 -29.65
CA PHE G 251 -20.70 27.91 -28.75
C PHE G 251 -21.21 28.78 -27.61
N GLN G 252 -22.27 29.56 -27.83
CA GLN G 252 -22.86 30.33 -26.74
C GLN G 252 -23.46 29.41 -25.69
N PHE G 253 -24.14 28.34 -26.13
CA PHE G 253 -24.66 27.35 -25.21
C PHE G 253 -23.53 26.67 -24.45
N VAL G 254 -22.43 26.37 -25.14
CA VAL G 254 -21.27 25.77 -24.48
C VAL G 254 -20.74 26.69 -23.40
N SER G 255 -20.60 27.98 -23.72
CA SER G 255 -20.08 28.94 -22.76
C SER G 255 -20.99 29.09 -21.55
N GLU G 256 -22.30 29.18 -21.79
CA GLU G 256 -23.25 29.32 -20.68
C GLU G 256 -23.26 28.07 -19.81
N SER G 257 -23.20 26.89 -20.43
CA SER G 257 -23.14 25.65 -19.67
C SER G 257 -21.88 25.58 -18.84
N CYS G 258 -20.74 26.00 -19.40
CA CYS G 258 -19.50 26.01 -18.64
C CYS G 258 -19.56 26.98 -17.47
N THR G 259 -20.16 28.16 -17.68
CA THR G 259 -20.30 29.12 -16.59
C THR G 259 -21.18 28.55 -15.47
N TYR G 260 -22.33 27.97 -15.83
CA TYR G 260 -23.19 27.39 -14.81
C TYR G 260 -22.52 26.23 -14.10
N ALA G 261 -21.77 25.42 -14.84
CA ALA G 261 -21.04 24.31 -14.22
C ALA G 261 -19.99 24.83 -13.24
N THR G 262 -19.28 25.89 -13.61
CA THR G 262 -18.28 26.46 -12.71
C THR G 262 -18.92 26.99 -11.43
N VAL G 263 -20.05 27.69 -11.55
CA VAL G 263 -20.74 28.20 -10.36
C VAL G 263 -21.22 27.04 -9.49
N LEU G 264 -21.78 26.00 -10.11
CA LEU G 264 -22.29 24.87 -9.35
C LEU G 264 -21.15 24.09 -8.69
N THR G 265 -19.97 24.07 -9.31
CA THR G 265 -18.82 23.45 -8.67
C THR G 265 -18.27 24.31 -7.53
N ILE G 266 -18.36 25.63 -7.63
CA ILE G 266 -18.11 26.48 -6.45
C ILE G 266 -19.01 26.06 -5.31
N THR G 267 -20.31 25.91 -5.60
CA THR G 267 -21.27 25.51 -4.56
C THR G 267 -20.94 24.12 -4.02
N ALA G 268 -20.58 23.18 -4.90
CA ALA G 268 -20.29 21.82 -4.47
C ALA G 268 -19.04 21.76 -3.60
N LEU G 269 -18.00 22.51 -3.96
CA LEU G 269 -16.81 22.56 -3.11
C LEU G 269 -17.12 23.19 -1.76
N SER G 270 -17.96 24.24 -1.75
CA SER G 270 -18.36 24.83 -0.49
C SER G 270 -19.10 23.81 0.39
N VAL G 271 -20.01 23.05 -0.21
CA VAL G 271 -20.78 22.05 0.54
C VAL G 271 -19.86 20.96 1.06
N GLU G 272 -18.93 20.49 0.23
CA GLU G 272 -18.01 19.44 0.65
C GLU G 272 -17.11 19.92 1.79
N ARG G 273 -16.62 21.16 1.70
CA ARG G 273 -15.79 21.69 2.78
C ARG G 273 -16.60 21.85 4.06
N TYR G 274 -17.85 22.29 3.95
CA TYR G 274 -18.70 22.40 5.14
C TYR G 274 -18.92 21.04 5.78
N PHE G 275 -19.16 20.01 4.96
CA PHE G 275 -19.32 18.67 5.48
C PHE G 275 -18.04 18.17 6.14
N ALA G 276 -16.89 18.48 5.54
CA ALA G 276 -15.62 18.00 6.07
C ALA G 276 -15.18 18.75 7.33
N ILE G 277 -15.71 19.95 7.57
CA ILE G 277 -15.36 20.71 8.76
C ILE G 277 -16.37 20.52 9.88
N CYS G 278 -17.65 20.76 9.60
CA CYS G 278 -18.67 20.65 10.65
C CYS G 278 -18.77 19.22 11.18
N PHE G 279 -18.77 18.24 10.27
CA PHE G 279 -18.87 16.83 10.64
C PHE G 279 -17.79 16.05 9.88
N PRO G 280 -16.53 16.19 10.29
CA PRO G 280 -15.45 15.55 9.53
C PRO G 280 -15.58 14.04 9.42
N LEU G 281 -16.05 13.37 10.47
CA LEU G 281 -16.20 11.92 10.40
C LEU G 281 -17.42 11.51 9.61
N ARG G 282 -18.49 12.30 9.65
CA ARG G 282 -19.65 12.03 8.81
C ARG G 282 -19.34 12.23 7.34
N ALA G 283 -18.33 13.05 7.03
CA ALA G 283 -17.90 13.20 5.65
C ALA G 283 -17.00 12.05 5.21
N LYS G 284 -16.45 11.29 6.16
CA LYS G 284 -15.56 10.18 5.81
C LYS G 284 -16.33 9.04 5.16
N VAL G 285 -17.59 8.82 5.58
CA VAL G 285 -18.38 7.74 5.01
C VAL G 285 -18.96 8.08 3.65
N VAL G 286 -18.87 9.35 3.23
CA VAL G 286 -19.46 9.77 1.96
C VAL G 286 -18.39 10.40 1.07
N VAL G 287 -17.14 9.99 1.26
CA VAL G 287 -16.04 10.51 0.47
C VAL G 287 -15.71 9.57 -0.70
N THR G 288 -16.58 8.60 -0.97
CA THR G 288 -16.33 7.64 -2.03
C THR G 288 -16.32 8.33 -3.40
N LYS G 289 -15.46 7.82 -4.28
CA LYS G 289 -15.32 8.41 -5.61
C LYS G 289 -16.60 8.28 -6.43
N GLY G 290 -17.40 7.24 -6.18
CA GLY G 290 -18.64 7.08 -6.92
C GLY G 290 -19.62 8.21 -6.67
N ARG G 291 -19.73 8.65 -5.42
CA ARG G 291 -20.60 9.78 -5.11
C ARG G 291 -20.11 11.05 -5.79
N VAL G 292 -18.79 11.25 -5.83
CA VAL G 292 -18.22 12.43 -6.49
C VAL G 292 -18.53 12.39 -7.98
N LYS G 293 -18.38 11.22 -8.60
CA LYS G 293 -18.69 11.10 -10.02
C LYS G 293 -20.17 11.36 -10.29
N LEU G 294 -21.04 10.82 -9.44
CA LEU G 294 -22.47 11.05 -9.63
C LEU G 294 -22.82 12.53 -9.48
N VAL G 295 -22.26 13.20 -8.47
CA VAL G 295 -22.61 14.60 -8.25
C VAL G 295 -22.05 15.49 -9.35
N ILE G 296 -20.83 15.20 -9.83
CA ILE G 296 -20.30 16.02 -10.91
C ILE G 296 -21.08 15.79 -12.20
N PHE G 297 -21.51 14.54 -12.43
CA PHE G 297 -22.33 14.26 -13.62
C PHE G 297 -23.66 15.00 -13.55
N VAL G 298 -24.32 14.98 -12.39
CA VAL G 298 -25.61 15.66 -12.29
C VAL G 298 -25.43 17.17 -12.36
N ILE G 299 -24.31 17.70 -11.83
CA ILE G 299 -24.03 19.12 -11.95
C ILE G 299 -23.87 19.52 -13.41
N TRP G 300 -23.09 18.74 -14.17
CA TRP G 300 -22.90 19.05 -15.58
C TRP G 300 -24.21 18.93 -16.35
N ALA G 301 -25.02 17.91 -16.02
CA ALA G 301 -26.30 17.73 -16.70
C ALA G 301 -27.25 18.89 -16.42
N VAL G 302 -27.32 19.34 -15.17
CA VAL G 302 -28.24 20.44 -14.85
C VAL G 302 -27.71 21.75 -15.44
N ALA G 303 -26.39 21.90 -15.54
CA ALA G 303 -25.84 23.07 -16.22
C ALA G 303 -26.21 23.07 -17.70
N PHE G 304 -26.12 21.90 -18.35
CA PHE G 304 -26.55 21.80 -19.74
C PHE G 304 -28.03 22.11 -19.89
N CYS G 305 -28.85 21.59 -18.98
CA CYS G 305 -30.29 21.84 -19.04
C CYS G 305 -30.62 23.31 -18.87
N SER G 306 -29.95 23.98 -17.92
CA SER G 306 -30.18 25.40 -17.71
C SER G 306 -29.67 26.23 -18.88
N ALA G 307 -28.61 25.77 -19.54
CA ALA G 307 -28.12 26.46 -20.73
C ALA G 307 -28.92 26.11 -21.98
N GLY G 308 -29.88 25.18 -21.87
CA GLY G 308 -30.69 24.80 -23.01
C GLY G 308 -31.46 25.92 -23.68
N PRO G 309 -32.16 26.78 -22.92
CA PRO G 309 -32.90 27.88 -23.55
C PRO G 309 -32.05 28.87 -24.33
N ILE G 310 -30.72 28.72 -24.33
CA ILE G 310 -29.86 29.61 -25.11
C ILE G 310 -30.13 29.47 -26.60
N PHE G 311 -30.44 28.24 -27.05
CA PHE G 311 -30.67 28.01 -28.47
C PHE G 311 -31.81 28.88 -29.00
N VAL G 312 -32.91 28.96 -28.25
CA VAL G 312 -34.05 29.78 -28.67
C VAL G 312 -33.92 31.23 -28.22
N LEU G 313 -32.83 31.60 -27.53
CA LEU G 313 -32.66 32.95 -27.02
C LEU G 313 -31.81 33.81 -27.94
N VAL G 314 -30.62 33.34 -28.30
CA VAL G 314 -29.66 34.13 -29.08
C VAL G 314 -29.77 33.73 -30.54
N GLY G 315 -29.63 34.71 -31.44
CA GLY G 315 -29.72 34.46 -32.86
C GLY G 315 -29.08 35.57 -33.64
N VAL G 316 -28.94 35.35 -34.95
CA VAL G 316 -28.39 36.35 -35.84
C VAL G 316 -29.54 37.21 -36.39
N GLU G 317 -29.52 38.49 -36.04
CA GLU G 317 -30.56 39.42 -36.47
C GLU G 317 -29.92 40.75 -36.84
N HIS G 318 -30.64 41.51 -37.66
CA HIS G 318 -30.13 42.78 -38.16
C HIS G 318 -31.28 43.77 -38.27
N GLU G 319 -30.93 45.06 -38.30
CA GLU G 319 -31.94 46.10 -38.47
C GLU G 319 -32.56 46.03 -39.86
N ASN G 320 -33.85 46.37 -39.93
CA ASN G 320 -34.59 46.26 -41.17
C ASN G 320 -34.11 47.28 -42.20
N GLY G 321 -34.10 46.86 -43.47
CA GLY G 321 -33.77 47.76 -44.56
C GLY G 321 -32.30 48.02 -44.77
N THR G 322 -31.42 47.22 -44.17
CA THR G 322 -29.98 47.41 -44.29
C THR G 322 -29.34 46.20 -44.96
N ASP G 323 -28.01 46.25 -45.08
CA ASP G 323 -27.27 45.15 -45.70
C ASP G 323 -27.27 43.94 -44.77
N PRO G 324 -27.76 42.79 -45.21
CA PRO G 324 -27.76 41.60 -44.34
C PRO G 324 -26.41 40.93 -44.21
N TRP G 325 -25.35 41.48 -44.80
CA TRP G 325 -24.02 40.89 -44.68
C TRP G 325 -23.21 41.55 -43.56
N ASP G 326 -23.00 42.86 -43.65
CA ASP G 326 -22.17 43.57 -42.67
C ASP G 326 -22.93 43.82 -41.37
N THR G 327 -24.22 44.12 -41.45
CA THR G 327 -24.99 44.49 -40.27
C THR G 327 -25.44 43.30 -39.43
N ASN G 328 -25.22 42.08 -39.91
CA ASN G 328 -25.61 40.90 -39.13
C ASN G 328 -24.76 40.79 -37.88
N GLU G 329 -25.41 40.53 -36.74
CA GLU G 329 -24.72 40.39 -35.47
C GLU G 329 -25.53 39.45 -34.60
N CYS G 330 -24.83 38.64 -33.81
CA CYS G 330 -25.45 37.61 -32.97
C CYS G 330 -25.96 38.26 -31.69
N ARG G 331 -27.25 38.55 -31.65
CA ARG G 331 -27.89 39.26 -30.55
C ARG G 331 -29.11 38.48 -30.10
N PRO G 332 -29.47 38.58 -28.81
CA PRO G 332 -30.68 37.91 -28.34
C PRO G 332 -31.90 38.32 -29.14
N THR G 333 -32.75 37.33 -29.44
CA THR G 333 -33.86 37.54 -30.37
C THR G 333 -34.87 38.53 -29.81
N GLU G 334 -35.50 39.29 -30.72
CA GLU G 334 -36.57 40.20 -30.33
C GLU G 334 -37.79 39.47 -29.82
N PHE G 335 -37.95 38.20 -30.19
CA PHE G 335 -39.08 37.41 -29.70
C PHE G 335 -39.03 37.26 -28.19
N ALA G 336 -37.84 37.03 -27.63
CA ALA G 336 -37.70 36.96 -26.18
C ALA G 336 -38.05 38.28 -25.52
N VAL G 337 -37.64 39.40 -26.14
CA VAL G 337 -37.91 40.71 -25.58
C VAL G 337 -39.41 40.98 -25.56
N ARG G 338 -40.08 40.71 -26.68
CA ARG G 338 -41.52 41.01 -26.77
C ARG G 338 -42.36 40.04 -25.96
N SER G 339 -41.92 38.80 -25.82
CA SER G 339 -42.68 37.79 -25.08
C SER G 339 -42.28 37.83 -23.61
N GLY G 340 -42.72 36.82 -22.85
CA GLY G 340 -42.44 36.72 -21.43
C GLY G 340 -41.12 36.06 -21.08
N LEU G 341 -40.29 35.74 -22.07
CA LEU G 341 -39.01 35.11 -21.81
C LEU G 341 -38.03 36.03 -21.07
N LEU G 342 -38.30 37.33 -21.03
CA LEU G 342 -37.45 38.23 -20.27
C LEU G 342 -37.48 37.90 -18.78
N THR G 343 -38.63 37.40 -18.29
CA THR G 343 -38.71 36.92 -16.92
C THR G 343 -37.77 35.75 -16.69
N VAL G 344 -37.70 34.84 -17.65
CA VAL G 344 -36.76 33.72 -17.58
C VAL G 344 -35.32 34.26 -17.61
N MET G 345 -35.06 35.25 -18.47
CA MET G 345 -33.73 35.83 -18.56
C MET G 345 -33.31 36.46 -17.24
N VAL G 346 -34.27 36.96 -16.46
CA VAL G 346 -33.92 37.68 -15.24
C VAL G 346 -33.83 36.74 -14.04
N TRP G 347 -34.87 35.94 -13.81
CA TRP G 347 -34.98 35.17 -12.57
C TRP G 347 -34.36 33.78 -12.65
N VAL G 348 -34.50 33.08 -13.78
CA VAL G 348 -33.92 31.76 -13.92
C VAL G 348 -32.41 31.82 -13.85
N SER G 349 -31.80 32.92 -14.29
CA SER G 349 -30.36 33.11 -14.14
C SER G 349 -29.99 33.69 -12.78
N SER G 350 -30.91 34.40 -12.13
CA SER G 350 -30.60 35.01 -10.84
C SER G 350 -30.55 33.99 -9.72
N ILE G 351 -31.36 32.93 -9.80
CA ILE G 351 -31.34 31.90 -8.76
C ILE G 351 -29.99 31.21 -8.72
N PHE G 352 -29.40 30.94 -9.90
CA PHE G 352 -28.05 30.40 -10.01
C PHE G 352 -26.98 31.40 -9.61
N PHE G 353 -27.39 32.55 -9.12
CA PHE G 353 -26.51 33.51 -8.47
C PHE G 353 -26.91 33.77 -7.03
N PHE G 354 -28.21 33.93 -6.75
CA PHE G 354 -28.65 34.20 -5.39
C PHE G 354 -28.41 33.01 -4.47
N LEU G 355 -28.77 31.80 -4.93
CA LEU G 355 -28.53 30.62 -4.10
C LEU G 355 -27.05 30.35 -3.88
N PRO G 356 -26.19 30.33 -4.91
CA PRO G 356 -24.76 30.04 -4.64
C PRO G 356 -24.08 31.05 -3.73
N VAL G 357 -24.39 32.33 -3.84
CA VAL G 357 -23.72 33.31 -2.97
C VAL G 357 -24.12 33.10 -1.52
N PHE G 358 -25.41 32.89 -1.27
CA PHE G 358 -25.88 32.64 0.09
C PHE G 358 -25.26 31.36 0.65
N CYS G 359 -25.24 30.30 -0.14
CA CYS G 359 -24.66 29.04 0.30
C CYS G 359 -23.18 29.21 0.64
N LEU G 360 -22.43 29.86 -0.26
CA LEU G 360 -21.00 30.05 -0.02
C LEU G 360 -20.75 30.86 1.24
N THR G 361 -21.47 31.97 1.39
CA THR G 361 -21.27 32.81 2.57
C THR G 361 -21.59 32.06 3.85
N VAL G 362 -22.74 31.38 3.91
CA VAL G 362 -23.14 30.73 5.15
C VAL G 362 -22.20 29.58 5.48
N LEU G 363 -21.83 28.77 4.47
CA LEU G 363 -20.97 27.63 4.74
C LEU G 363 -19.57 28.07 5.15
N TYR G 364 -19.01 29.08 4.48
CA TYR G 364 -17.67 29.52 4.84
C TYR G 364 -17.67 30.25 6.18
N SER G 365 -18.74 30.97 6.50
CA SER G 365 -18.85 31.59 7.82
C SER G 365 -18.89 30.53 8.92
N LEU G 366 -19.67 29.46 8.70
CA LEU G 366 -19.71 28.38 9.69
C LEU G 366 -18.36 27.69 9.80
N ILE G 367 -17.67 27.50 8.67
CA ILE G 367 -16.36 26.86 8.70
C ILE G 367 -15.38 27.72 9.49
N GLY G 368 -15.39 29.03 9.25
CA GLY G 368 -14.50 29.91 10.00
C GLY G 368 -14.83 29.95 11.47
N ARG G 369 -16.13 29.94 11.81
CA ARG G 369 -16.53 29.93 13.21
C ARG G 369 -16.06 28.68 13.90
N LYS G 370 -16.18 27.52 13.24
CA LYS G 370 -15.69 26.28 13.83
C LYS G 370 -14.18 26.27 13.95
N LEU G 371 -13.48 26.81 12.95
CA LEU G 371 -12.02 26.82 12.98
C LEU G 371 -11.50 27.72 14.11
N TRP G 372 -12.10 28.89 14.29
CA TRP G 372 -11.64 29.83 15.30
C TRP G 372 -12.25 29.53 16.67
N ARG G 373 -13.58 29.57 16.75
CA ARG G 373 -14.35 29.35 17.98
C ARG G 373 -13.68 29.86 19.25
N ASN G 389 -1.80 28.29 10.45
CA ASN G 389 -2.72 28.97 11.36
C ASN G 389 -4.14 29.00 10.77
N HIS G 390 -5.13 28.83 11.64
CA HIS G 390 -6.52 28.87 11.18
C HIS G 390 -6.93 30.27 10.74
N LYS G 391 -6.30 31.30 11.29
CA LYS G 391 -6.62 32.66 10.88
C LYS G 391 -6.27 32.89 9.42
N GLN G 392 -5.14 32.34 8.98
CA GLN G 392 -4.72 32.52 7.59
C GLN G 392 -5.72 31.90 6.62
N THR G 393 -6.17 30.68 6.91
CA THR G 393 -7.12 30.04 6.00
C THR G 393 -8.50 30.67 6.10
N VAL G 394 -8.89 31.17 7.28
CA VAL G 394 -10.15 31.90 7.38
C VAL G 394 -10.10 33.16 6.53
N LYS G 395 -9.00 33.90 6.59
CA LYS G 395 -8.84 35.08 5.74
C LYS G 395 -8.83 34.69 4.27
N MET G 396 -8.24 33.54 3.94
CA MET G 396 -8.21 33.09 2.55
C MET G 396 -9.62 32.80 2.03
N LEU G 397 -10.43 32.12 2.84
CA LEU G 397 -11.81 31.87 2.42
C LEU G 397 -12.62 33.17 2.36
N ALA G 398 -12.35 34.11 3.26
CA ALA G 398 -13.00 35.42 3.17
C ALA G 398 -12.65 36.12 1.86
N VAL G 399 -11.38 36.05 1.47
CA VAL G 399 -10.96 36.64 0.20
C VAL G 399 -11.61 35.92 -0.97
N VAL G 400 -11.74 34.60 -0.88
CA VAL G 400 -12.39 33.83 -1.94
C VAL G 400 -13.84 34.28 -2.10
N VAL G 401 -14.57 34.42 -0.99
CA VAL G 401 -15.95 34.87 -1.04
C VAL G 401 -16.03 36.29 -1.61
N PHE G 402 -15.13 37.16 -1.17
CA PHE G 402 -15.14 38.54 -1.67
C PHE G 402 -14.92 38.59 -3.17
N ALA G 403 -13.95 37.82 -3.67
CA ALA G 403 -13.69 37.78 -5.11
C ALA G 403 -14.87 37.19 -5.86
N PHE G 404 -15.49 36.14 -5.30
CA PHE G 404 -16.65 35.52 -5.91
C PHE G 404 -17.78 36.53 -6.08
N ILE G 405 -18.08 37.26 -5.01
CA ILE G 405 -19.13 38.28 -5.07
C ILE G 405 -18.76 39.38 -6.06
N LEU G 406 -17.51 39.86 -5.98
CA LEU G 406 -17.10 40.99 -6.82
C LEU G 406 -17.12 40.62 -8.30
N CYS G 407 -16.87 39.35 -8.62
CA CYS G 407 -16.84 38.93 -10.01
C CYS G 407 -18.16 38.36 -10.51
N TRP G 408 -19.13 38.12 -9.63
CA TRP G 408 -20.40 37.59 -10.09
C TRP G 408 -21.59 38.54 -9.94
N LEU G 409 -21.54 39.49 -9.00
CA LEU G 409 -22.61 40.48 -8.91
C LEU G 409 -22.74 41.32 -10.16
N PRO G 410 -21.65 41.87 -10.74
CA PRO G 410 -21.82 42.58 -12.03
C PRO G 410 -22.35 41.68 -13.13
N PHE G 411 -21.95 40.41 -13.13
CA PHE G 411 -22.33 39.51 -14.22
C PHE G 411 -23.84 39.34 -14.29
N HIS G 412 -24.56 39.56 -13.18
CA HIS G 412 -26.01 39.51 -13.19
C HIS G 412 -26.67 40.88 -13.19
N VAL G 413 -26.06 41.89 -12.54
CA VAL G 413 -26.69 43.20 -12.52
C VAL G 413 -26.63 43.83 -13.91
N GLY G 414 -25.54 43.64 -14.65
CA GLY G 414 -25.49 44.11 -16.02
C GLY G 414 -26.51 43.41 -16.90
N ARG G 415 -26.72 42.12 -16.66
CA ARG G 415 -27.78 41.40 -17.36
C ARG G 415 -29.15 41.99 -17.05
N TYR G 416 -29.39 42.32 -15.79
CA TYR G 416 -30.68 42.92 -15.42
C TYR G 416 -30.87 44.27 -16.08
N LEU G 417 -29.83 45.11 -16.10
CA LEU G 417 -29.94 46.41 -16.78
C LEU G 417 -30.14 46.24 -18.28
N PHE G 418 -29.47 45.27 -18.90
CA PHE G 418 -29.67 45.02 -20.32
C PHE G 418 -31.11 44.57 -20.60
N SER G 419 -31.66 43.73 -19.74
CA SER G 419 -33.07 43.36 -19.88
C SER G 419 -33.97 44.56 -19.72
N LYS G 420 -33.66 45.45 -18.77
CA LYS G 420 -34.44 46.66 -18.58
C LYS G 420 -34.19 47.67 -19.70
N SER G 421 -33.02 47.60 -20.34
CA SER G 421 -32.68 48.58 -21.36
C SER G 421 -33.60 48.50 -22.58
N PHE G 422 -34.23 47.34 -22.79
CA PHE G 422 -35.13 47.19 -23.92
C PHE G 422 -36.35 48.11 -23.80
N GLU G 423 -36.85 48.29 -22.59
CA GLU G 423 -37.98 49.20 -22.38
C GLU G 423 -37.56 50.63 -22.69
N PRO G 424 -38.50 51.46 -23.18
CA PRO G 424 -38.15 52.83 -23.54
C PRO G 424 -37.64 53.62 -22.34
N GLY G 425 -36.67 54.48 -22.59
CA GLY G 425 -36.08 55.29 -21.54
C GLY G 425 -34.90 56.07 -22.05
N SER G 426 -34.23 56.75 -21.12
CA SER G 426 -33.06 57.55 -21.47
C SER G 426 -31.88 56.66 -21.82
N LEU G 427 -30.94 57.23 -22.58
CA LEU G 427 -29.74 56.51 -22.98
C LEU G 427 -28.75 56.33 -21.83
N GLU G 428 -28.97 57.02 -20.71
CA GLU G 428 -28.06 56.89 -19.57
C GLU G 428 -28.04 55.46 -19.04
N ILE G 429 -29.22 54.83 -18.92
CA ILE G 429 -29.28 53.46 -18.43
C ILE G 429 -28.61 52.51 -19.42
N ALA G 430 -28.74 52.79 -20.72
CA ALA G 430 -28.07 51.96 -21.72
C ALA G 430 -26.55 52.08 -21.61
N GLN G 431 -26.04 53.30 -21.44
CA GLN G 431 -24.59 53.47 -21.28
C GLN G 431 -24.09 52.80 -20.01
N ILE G 432 -24.84 52.94 -18.91
CA ILE G 432 -24.45 52.29 -17.67
C ILE G 432 -24.46 50.78 -17.82
N SER G 433 -25.46 50.24 -18.53
CA SER G 433 -25.52 48.81 -18.78
C SER G 433 -24.34 48.35 -19.61
N GLN G 434 -23.96 49.11 -20.62
CA GLN G 434 -22.81 48.75 -21.44
C GLN G 434 -21.52 48.73 -20.62
N TYR G 435 -21.30 49.76 -19.81
CA TYR G 435 -20.11 49.81 -18.98
C TYR G 435 -20.10 48.68 -17.97
N CYS G 436 -21.25 48.40 -17.35
CA CYS G 436 -21.34 47.33 -16.36
C CYS G 436 -21.12 45.97 -17.01
N ASN G 437 -21.60 45.79 -18.25
CA ASN G 437 -21.36 44.53 -18.94
C ASN G 437 -19.89 44.35 -19.28
N LEU G 438 -19.21 45.42 -19.69
CA LEU G 438 -17.77 45.32 -19.91
C LEU G 438 -17.02 44.98 -18.61
N VAL G 439 -17.42 45.62 -17.51
CA VAL G 439 -16.80 45.34 -16.22
C VAL G 439 -17.06 43.90 -15.82
N SER G 440 -18.28 43.41 -16.02
CA SER G 440 -18.61 42.02 -15.71
C SER G 440 -17.79 41.07 -16.55
N PHE G 441 -17.60 41.38 -17.84
CA PHE G 441 -16.79 40.55 -18.71
C PHE G 441 -15.36 40.44 -18.19
N VAL G 442 -14.73 41.59 -17.92
CA VAL G 442 -13.33 41.56 -17.49
C VAL G 442 -13.19 40.89 -16.13
N LEU G 443 -14.14 41.15 -15.23
CA LEU G 443 -14.07 40.56 -13.89
C LEU G 443 -14.30 39.05 -13.94
N PHE G 444 -15.23 38.60 -14.78
CA PHE G 444 -15.48 37.17 -14.92
C PHE G 444 -14.26 36.45 -15.49
N TYR G 445 -13.62 37.05 -16.51
CA TYR G 445 -12.42 36.41 -17.04
C TYR G 445 -11.27 36.45 -16.05
N LEU G 446 -11.16 37.53 -15.26
CA LEU G 446 -10.16 37.58 -14.20
C LEU G 446 -10.39 36.46 -13.18
N SER G 447 -11.65 36.26 -12.78
CA SER G 447 -11.96 35.20 -11.83
C SER G 447 -11.68 33.83 -12.42
N ALA G 448 -12.00 33.64 -13.72
CA ALA G 448 -11.72 32.36 -14.36
C ALA G 448 -10.22 32.08 -14.41
N ALA G 449 -9.41 33.11 -14.68
CA ALA G 449 -7.96 32.93 -14.66
C ALA G 449 -7.44 32.69 -13.26
N ILE G 450 -8.07 33.30 -12.25
CA ILE G 450 -7.60 33.17 -10.87
C ILE G 450 -7.99 31.84 -10.24
N ASN G 451 -9.09 31.24 -10.66
CA ASN G 451 -9.56 29.98 -10.06
C ASN G 451 -8.50 28.89 -10.01
N PRO G 452 -7.73 28.60 -11.07
CA PRO G 452 -6.66 27.61 -10.94
C PRO G 452 -5.47 28.08 -10.12
N ILE G 453 -5.47 29.34 -9.67
CA ILE G 453 -4.36 29.90 -8.88
C ILE G 453 -4.76 30.06 -7.42
N LEU G 454 -5.89 30.75 -7.16
CA LEU G 454 -6.29 31.03 -5.79
C LEU G 454 -6.60 29.76 -5.01
N TYR G 455 -7.03 28.70 -5.70
CA TYR G 455 -7.35 27.44 -5.05
C TYR G 455 -6.17 26.49 -4.96
N ASN G 456 -4.98 26.93 -5.37
CA ASN G 456 -3.83 26.03 -5.42
C ASN G 456 -2.60 26.63 -4.73
N ILE G 457 -2.53 27.96 -4.64
CA ILE G 457 -1.36 28.59 -4.02
C ILE G 457 -1.27 28.24 -2.54
N MET G 458 -2.40 28.23 -1.85
CA MET G 458 -2.40 27.98 -0.41
C MET G 458 -2.39 26.49 -0.07
N SER G 459 -2.48 25.61 -1.07
CA SER G 459 -2.44 24.17 -0.85
C SER G 459 -0.98 23.73 -0.81
N LYS G 460 -0.48 23.43 0.38
CA LYS G 460 0.91 23.02 0.52
C LYS G 460 1.19 21.71 -0.21
N LYS G 461 0.27 20.75 -0.12
CA LYS G 461 0.46 19.47 -0.80
C LYS G 461 0.54 19.67 -2.31
N TYR G 462 -0.34 20.51 -2.87
CA TYR G 462 -0.27 20.82 -4.28
C TYR G 462 1.00 21.59 -4.63
N ARG G 463 1.40 22.53 -3.77
CA ARG G 463 2.58 23.33 -4.04
C ARG G 463 3.85 22.49 -4.00
N VAL G 464 3.85 21.39 -3.27
CA VAL G 464 5.01 20.51 -3.20
C VAL G 464 4.97 19.46 -4.31
N ALA G 465 3.80 18.88 -4.56
CA ALA G 465 3.70 17.81 -5.56
C ALA G 465 3.90 18.30 -6.98
N VAL G 466 3.77 19.61 -7.23
CA VAL G 466 3.96 20.13 -8.58
C VAL G 466 5.41 19.97 -9.01
N PHE G 467 6.34 20.10 -8.07
CA PHE G 467 7.77 19.94 -8.37
C PHE G 467 8.10 18.48 -8.64
#